data_4G6S
# 
_entry.id   4G6S 
# 
_audit_conform.dict_name       mmcif_pdbx.dic 
_audit_conform.dict_version    5.387 
_audit_conform.dict_location   http://mmcif.pdb.org/dictionaries/ascii/mmcif_pdbx.dic 
# 
loop_
_database_2.database_id 
_database_2.database_code 
_database_2.pdbx_database_accession 
_database_2.pdbx_DOI 
PDB   4G6S         pdb_00004g6s 10.2210/pdb4g6s/pdb 
NDB   NA1929       ?            ?                   
RCSB  RCSB073809   ?            ?                   
WWPDB D_1000073809 ?            ?                   
# 
loop_
_pdbx_audit_revision_history.ordinal 
_pdbx_audit_revision_history.data_content_type 
_pdbx_audit_revision_history.major_revision 
_pdbx_audit_revision_history.minor_revision 
_pdbx_audit_revision_history.revision_date 
1 'Structure model' 1 0 2012-08-08 
2 'Structure model' 1 1 2012-11-14 
3 'Structure model' 1 2 2024-02-28 
# 
_pdbx_audit_revision_details.ordinal             1 
_pdbx_audit_revision_details.revision_ordinal    1 
_pdbx_audit_revision_details.data_content_type   'Structure model' 
_pdbx_audit_revision_details.provider            repository 
_pdbx_audit_revision_details.type                'Initial release' 
_pdbx_audit_revision_details.description         ? 
_pdbx_audit_revision_details.details             ? 
# 
loop_
_pdbx_audit_revision_group.ordinal 
_pdbx_audit_revision_group.revision_ordinal 
_pdbx_audit_revision_group.data_content_type 
_pdbx_audit_revision_group.group 
1 2 'Structure model' 'Database references'  
2 3 'Structure model' 'Data collection'      
3 3 'Structure model' 'Database references'  
4 3 'Structure model' 'Derived calculations' 
# 
loop_
_pdbx_audit_revision_category.ordinal 
_pdbx_audit_revision_category.revision_ordinal 
_pdbx_audit_revision_category.data_content_type 
_pdbx_audit_revision_category.category 
1 3 'Structure model' chem_comp_atom 
2 3 'Structure model' chem_comp_bond 
3 3 'Structure model' database_2     
4 3 'Structure model' struct_conn    
5 3 'Structure model' struct_site    
# 
loop_
_pdbx_audit_revision_item.ordinal 
_pdbx_audit_revision_item.revision_ordinal 
_pdbx_audit_revision_item.data_content_type 
_pdbx_audit_revision_item.item 
1  3 'Structure model' '_database_2.pdbx_DOI'                
2  3 'Structure model' '_database_2.pdbx_database_accession' 
3  3 'Structure model' '_struct_conn.pdbx_dist_value'        
4  3 'Structure model' '_struct_conn.pdbx_leaving_atom_flag' 
5  3 'Structure model' '_struct_conn.ptnr1_auth_asym_id'     
6  3 'Structure model' '_struct_conn.ptnr1_auth_comp_id'     
7  3 'Structure model' '_struct_conn.ptnr1_auth_seq_id'      
8  3 'Structure model' '_struct_conn.ptnr1_label_asym_id'    
9  3 'Structure model' '_struct_conn.ptnr1_label_atom_id'    
10 3 'Structure model' '_struct_conn.ptnr1_label_comp_id'    
11 3 'Structure model' '_struct_conn.ptnr1_label_seq_id'     
12 3 'Structure model' '_struct_conn.ptnr2_auth_asym_id'     
13 3 'Structure model' '_struct_conn.ptnr2_auth_comp_id'     
14 3 'Structure model' '_struct_conn.ptnr2_auth_seq_id'      
15 3 'Structure model' '_struct_conn.ptnr2_label_asym_id'    
16 3 'Structure model' '_struct_conn.ptnr2_label_comp_id'    
17 3 'Structure model' '_struct_conn.ptnr2_label_seq_id'     
18 3 'Structure model' '_struct_site.pdbx_auth_asym_id'      
19 3 'Structure model' '_struct_site.pdbx_auth_comp_id'      
20 3 'Structure model' '_struct_site.pdbx_auth_seq_id'       
# 
_pdbx_database_status.entry_id                        4G6S 
_pdbx_database_status.status_code                     REL 
_pdbx_database_status.deposit_site                    RCSB 
_pdbx_database_status.process_site                    RCSB 
_pdbx_database_status.recvd_initial_deposition_date   2012-07-19 
_pdbx_database_status.status_code_sf                  REL 
_pdbx_database_status.status_code_mr                  ? 
_pdbx_database_status.SG_entry                        ? 
_pdbx_database_status.status_code_cs                  ? 
_pdbx_database_status.methods_development_category    ? 
_pdbx_database_status.pdb_format_compatible           Y 
_pdbx_database_status.status_code_nmr_data            ? 
# 
loop_
_pdbx_database_related.db_name 
_pdbx_database_related.db_id 
_pdbx_database_related.details 
_pdbx_database_related.content_type 
PDB 4G6P . unspecified 
PDB 4G6R . unspecified 
# 
loop_
_audit_author.name 
_audit_author.pdbx_ordinal 
'Liberman, J.A.' 1 
'Jenkins, J.L.'  2 
'Krucinska, J.'  3 
'Wedekind, J.E.' 4 
# 
_citation.id                        primary 
_citation.title                     
'A Transition-State Interaction Shifts Nucleobase Ionization toward Neutrality To Facilitate Small Ribozyme Catalysis.' 
_citation.journal_abbrev            J.Am.Chem.Soc. 
_citation.journal_volume            134 
_citation.page_first                16933 
_citation.page_last                 16936 
_citation.year                      2012 
_citation.journal_id_ASTM           JACSAT 
_citation.country                   US 
_citation.journal_id_ISSN           0002-7863 
_citation.journal_id_CSD            0004 
_citation.book_publisher            ? 
_citation.pdbx_database_id_PubMed   22989273 
_citation.pdbx_database_id_DOI      10.1021/ja3070528 
# 
loop_
_citation_author.citation_id 
_citation_author.name 
_citation_author.ordinal 
_citation_author.identifier_ORCID 
primary 'Liberman, J.A.' 1 ? 
primary 'Guo, M.'        2 ? 
primary 'Jenkins, J.L.'  3 ? 
primary 'Krucinska, J.'  4 ? 
primary 'Chen, Y.'       5 ? 
primary 'Carey, P.R.'    6 ? 
primary 'Wedekind, J.E.' 7 ? 
# 
loop_
_entity.id 
_entity.type 
_entity.src_method 
_entity.pdbx_description 
_entity.formula_weight 
_entity.pdbx_number_of_molecules 
_entity.pdbx_ec 
_entity.pdbx_mutation 
_entity.pdbx_fragment 
_entity.details 
1 polymer     syn 'Loop A Substrate strand'           4036.471 1 ? ? ? ? 
2 polymer     syn 'Loop A and Loop B Ribozyme strand' 9762.989 1 ? ? ? ? 
3 polymer     syn 'Loop B of the Ribozyme Strand'     5976.554 1 ? ? ? ? 
4 non-polymer syn 'SULFATE ION'                       96.063   1 ? ? ? ? 
5 non-polymer syn 'COBALT HEXAMMINE(III)'             161.116  2 ? ? ? ? 
6 water       nat water                               18.015   3 ? ? ? ? 
# 
loop_
_entity_poly.entity_id 
_entity_poly.type 
_entity_poly.nstd_linkage 
_entity_poly.nstd_monomer 
_entity_poly.pdbx_seq_one_letter_code 
_entity_poly.pdbx_seq_one_letter_code_can 
_entity_poly.pdbx_strand_id 
_entity_poly.pdbx_target_identifier 
1 polyribonucleotide no yes 'UCCC(3DA)GUCCACCG'                  UCCCAGUCCACCG                  A ? 
2 polyribonucleotide no yes 'CGGUGAGAAGGG(S9L)GGCAGAGAAACACACGA' CGGUGAGAAGGGXGGCAGAGAAACACACGA B ? 
3 polyribonucleotide no yes 'UCGUGGU(P5P)CAUUACCUGCC'            UCGUGGUACAUUACCUGCC            C ? 
# 
loop_
_pdbx_entity_nonpoly.entity_id 
_pdbx_entity_nonpoly.name 
_pdbx_entity_nonpoly.comp_id 
4 'SULFATE ION'           SO4 
5 'COBALT HEXAMMINE(III)' NCO 
6 water                   HOH 
# 
loop_
_entity_poly_seq.entity_id 
_entity_poly_seq.num 
_entity_poly_seq.mon_id 
_entity_poly_seq.hetero 
1 1  U   n 
1 2  C   n 
1 3  C   n 
1 4  C   n 
1 5  3DA n 
1 6  G   n 
1 7  U   n 
1 8  C   n 
1 9  C   n 
1 10 A   n 
1 11 C   n 
1 12 C   n 
1 13 G   n 
2 1  C   n 
2 2  G   n 
2 3  G   n 
2 4  U   n 
2 5  G   n 
2 6  A   n 
2 7  G   n 
2 8  A   n 
2 9  A   n 
2 10 G   n 
2 11 G   n 
2 12 G   n 
2 13 S9L n 
2 14 G   n 
2 15 G   n 
2 16 C   n 
2 17 A   n 
2 18 G   n 
2 19 A   n 
2 20 G   n 
2 21 A   n 
2 22 A   n 
2 23 A   n 
2 24 C   n 
2 25 A   n 
2 26 C   n 
2 27 A   n 
2 28 C   n 
2 29 G   n 
2 30 A   n 
3 1  U   n 
3 2  C   n 
3 3  G   n 
3 4  U   n 
3 5  G   n 
3 6  G   n 
3 7  U   n 
3 8  P5P n 
3 9  C   n 
3 10 A   n 
3 11 U   n 
3 12 U   n 
3 13 A   n 
3 14 C   n 
3 15 C   n 
3 16 U   n 
3 17 G   n 
3 18 C   n 
3 19 C   n 
# 
loop_
_chem_comp.id 
_chem_comp.type 
_chem_comp.mon_nstd_flag 
_chem_comp.name 
_chem_comp.pdbx_synonyms 
_chem_comp.formula 
_chem_comp.formula_weight 
3DA 'RNA linking' n "3'-DEOXYADENOSINE-5'-MONOPHOSPHATE"                      ? 'C10 H14 N5 O6 P' 331.222 
A   'RNA linking' y "ADENOSINE-5'-MONOPHOSPHATE"                              ? 'C10 H14 N5 O7 P' 347.221 
C   'RNA linking' y "CYTIDINE-5'-MONOPHOSPHATE"                               ? 'C9 H14 N3 O8 P'  323.197 
G   'RNA linking' y "GUANOSINE-5'-MONOPHOSPHATE"                              ? 'C10 H14 N5 O8 P' 363.221 
HOH non-polymer   . WATER                                                     ? 'H2 O'            18.015  
NCO non-polymer   . 'COBALT HEXAMMINE(III)'                                   ? 'Co H18 N6 3'     161.116 
P5P 'RNA linking' n 
;PURINE RIBOSIDE-5'-MONOPHOSPHATE
;
? 'C10 H13 N4 O7 P' 332.207 
S9L non-polymer   . '2-[2-(2-HYDROXYETHOXY)ETHOXY]ETHYL DIHYDROGEN PHOSPHATE' ? 'C6 H15 O7 P'     230.153 
SO4 non-polymer   . 'SULFATE ION'                                             ? 'O4 S -2'         96.063  
U   'RNA linking' y "URIDINE-5'-MONOPHOSPHATE"                                ? 'C9 H13 N2 O9 P'  324.181 
# 
loop_
_pdbx_poly_seq_scheme.asym_id 
_pdbx_poly_seq_scheme.entity_id 
_pdbx_poly_seq_scheme.seq_id 
_pdbx_poly_seq_scheme.mon_id 
_pdbx_poly_seq_scheme.ndb_seq_num 
_pdbx_poly_seq_scheme.pdb_seq_num 
_pdbx_poly_seq_scheme.auth_seq_num 
_pdbx_poly_seq_scheme.pdb_mon_id 
_pdbx_poly_seq_scheme.auth_mon_id 
_pdbx_poly_seq_scheme.pdb_strand_id 
_pdbx_poly_seq_scheme.pdb_ins_code 
_pdbx_poly_seq_scheme.hetero 
A 1 1  U   1  1  1  U   U   A . n 
A 1 2  C   2  2  2  C   C   A . n 
A 1 3  C   3  3  3  C   C   A . n 
A 1 4  C   4  4  4  C   C   A . n 
A 1 5  3DA 5  5  5  3DA 3DA A . n 
A 1 6  G   6  6  6  G   G   A . n 
A 1 7  U   7  7  7  U   U   A . n 
A 1 8  C   8  8  8  C   C   A . n 
A 1 9  C   9  9  9  C   C   A . n 
A 1 10 A   10 10 10 A   A   A . n 
A 1 11 C   11 11 11 C   C   A . n 
A 1 12 C   12 12 12 C   C   A . n 
A 1 13 G   13 13 13 G   G   A . n 
B 2 1  C   1  2  2  C   C   B . n 
B 2 2  G   2  3  3  G   G   B . n 
B 2 3  G   3  4  4  G   G   B . n 
B 2 4  U   4  5  5  U   U   B . n 
B 2 5  G   5  6  6  G   G   B . n 
B 2 6  A   6  7  7  A   A   B . n 
B 2 7  G   7  8  8  G   G   B . n 
B 2 8  A   8  9  9  A   A   B . n 
B 2 9  A   9  10 10 A   A   B . n 
B 2 10 G   10 11 11 G   G   B . n 
B 2 11 G   11 12 12 G   G   B . n 
B 2 12 G   12 13 13 G   G   B . n 
B 2 13 S9L 13 14 14 S9L S9L B . n 
B 2 14 G   14 15 15 G   G   B . n 
B 2 15 G   15 16 16 G   G   B . n 
B 2 16 C   16 17 17 C   C   B . n 
B 2 17 A   17 18 18 A   A   B . n 
B 2 18 G   18 19 19 G   G   B . n 
B 2 19 A   19 20 20 A   A   B . n 
B 2 20 G   20 21 21 G   G   B . n 
B 2 21 A   21 22 22 A   A   B . n 
B 2 22 A   22 23 23 A   A   B . n 
B 2 23 A   23 24 24 A   A   B . n 
B 2 24 C   24 25 25 C   C   B . n 
B 2 25 A   25 26 26 A   A   B . n 
B 2 26 C   26 27 27 C   C   B . n 
B 2 27 A   27 28 28 A   A   B . n 
B 2 28 C   28 29 29 C   C   B . n 
B 2 29 G   29 30 30 G   G   B . n 
B 2 30 A   30 31 31 A   A   B . n 
C 3 1  U   1  31 31 U   U   C . n 
C 3 2  C   2  32 32 C   C   C . n 
C 3 3  G   3  33 33 G   G   C . n 
C 3 4  U   4  34 34 U   U   C . n 
C 3 5  G   5  35 35 G   G   C . n 
C 3 6  G   6  36 36 G   G   C . n 
C 3 7  U   7  37 37 U   U   C . n 
C 3 8  P5P 8  38 38 P5P P5P C . n 
C 3 9  C   9  39 39 C   C   C . n 
C 3 10 A   10 40 40 A   A   C . n 
C 3 11 U   11 41 41 U   U   C . n 
C 3 12 U   12 42 42 U   U   C . n 
C 3 13 A   13 43 43 A   A   C . n 
C 3 14 C   14 44 44 C   C   C . n 
C 3 15 C   15 45 45 C   C   C . n 
C 3 16 U   16 46 46 U   U   C . n 
C 3 17 G   17 47 47 G   G   C . n 
C 3 18 C   18 48 48 C   C   C . n 
C 3 19 C   19 49 49 C   C   C . n 
# 
loop_
_pdbx_nonpoly_scheme.asym_id 
_pdbx_nonpoly_scheme.entity_id 
_pdbx_nonpoly_scheme.mon_id 
_pdbx_nonpoly_scheme.ndb_seq_num 
_pdbx_nonpoly_scheme.pdb_seq_num 
_pdbx_nonpoly_scheme.auth_seq_num 
_pdbx_nonpoly_scheme.pdb_mon_id 
_pdbx_nonpoly_scheme.auth_mon_id 
_pdbx_nonpoly_scheme.pdb_strand_id 
_pdbx_nonpoly_scheme.pdb_ins_code 
D 4 SO4 1 201 201 SO4 SO4 A . 
E 5 NCO 1 101 101 NCO NCO B . 
F 5 NCO 1 102 102 NCO NCO B . 
G 6 HOH 1 301 1   HOH HOH A . 
H 6 HOH 1 201 2   HOH HOH B . 
I 6 HOH 1 101 3   HOH HOH C . 
# 
loop_
_software.pdbx_ordinal 
_software.name 
_software.version 
_software.date 
_software.type 
_software.contact_author 
_software.contact_author_email 
_software.classification 
_software.location 
_software.language 
_software.citation_id 
1 SCALEPACK   .         ?                program 'Zbyszek Otwinowski' hkl@hkl-xray.com         'data scaling'    
http://www.hkl-xray.com/                  ?   ? 
2 PHENIX      1.6.2_432 ?                package 'Paul D. Adams'      PDAdams@lbl.gov          refinement        
http://www.phenix-online.org/             C++ ? 
3 PDB_EXTRACT 3.11      'April 22, 2011' package PDB                  deposit@deposit.rcsb.org 'data extraction' 
http://sw-tools.pdb.org/apps/PDB_EXTRACT/ C++ ? 
4 Blu-Ice     .         ?                ?       ?                    ?                        'data collection' ? ?   ? 
5 HKL-2000    .         ?                ?       ?                    ?                        'data reduction'  ? ?   ? 
6 PHENIX      .         ?                ?       ?                    ?                        phasing           ? ?   ? 
# 
_cell.length_a           93.966 
_cell.length_b           93.966 
_cell.length_c           134.171 
_cell.angle_alpha        90.000 
_cell.angle_beta         90.000 
_cell.angle_gamma        120.000 
_cell.entry_id           4G6S 
_cell.pdbx_unique_axis   ? 
_cell.Z_PDB              12 
_cell.length_a_esd       ? 
_cell.length_b_esd       ? 
_cell.length_c_esd       ? 
_cell.angle_alpha_esd    ? 
_cell.angle_beta_esd     ? 
_cell.angle_gamma_esd    ? 
# 
_symmetry.space_group_name_H-M             'P 61 2 2' 
_symmetry.entry_id                         4G6S 
_symmetry.Int_Tables_number                178 
_symmetry.pdbx_full_space_group_name_H-M   ? 
_symmetry.cell_setting                     ? 
_symmetry.space_group_name_Hall            ? 
# 
_exptl.crystals_number   1 
_exptl.entry_id          4G6S 
_exptl.method            'X-RAY DIFFRACTION' 
# 
_exptl_crystal.id                    1 
_exptl_crystal.density_Matthews      4.32 
_exptl_crystal.density_meas          ? 
_exptl_crystal.density_percent_sol   71.55 
_exptl_crystal.description           ? 
_exptl_crystal.F_000                 ? 
_exptl_crystal.preparation           ? 
# 
_exptl_crystal_grow.crystal_id      1 
_exptl_crystal_grow.method          'VAPOR DIFFUSION, HANGING DROP' 
_exptl_crystal_grow.pH              7.0 
_exptl_crystal_grow.temp            295 
_exptl_crystal_grow.pdbx_details    
;22% (w/v) PEG 2000 MME, 0.1M HEPES pH=7.0, 0.25 M Lithium Sulfate, 1mM Cobalt Hexamine, 2mM spermadine, vapor diffusion, Hanging Drop, temperature 295K
;
_exptl_crystal_grow.temp_details    ? 
_exptl_crystal_grow.pdbx_pH_range   ? 
# 
_diffrn.id                     1 
_diffrn.ambient_temp           100 
_diffrn.ambient_temp_details   ? 
_diffrn.crystal_id             1 
# 
_diffrn_detector.diffrn_id              1 
_diffrn_detector.detector               CCD 
_diffrn_detector.type                   'MARMOSAIC 325 mm CCD' 
_diffrn_detector.pdbx_collection_date   2010-02-05 
_diffrn_detector.details                'Rh coated flat mirror' 
# 
_diffrn_radiation.diffrn_id                        1 
_diffrn_radiation.pdbx_diffrn_protocol             'SINGLE WAVELENGTH' 
_diffrn_radiation.monochromator                    'Si(111)' 
_diffrn_radiation.wavelength_id                    1 
_diffrn_radiation.pdbx_monochromatic_or_laue_m_l   ? 
_diffrn_radiation.pdbx_scattering_type             x-ray 
# 
_diffrn_radiation_wavelength.id           1 
_diffrn_radiation_wavelength.wavelength   0.97885 
_diffrn_radiation_wavelength.wt           1.0 
# 
_diffrn_source.diffrn_id                   1 
_diffrn_source.source                      SYNCHROTRON 
_diffrn_source.type                        'SSRL BEAMLINE BL11-1' 
_diffrn_source.pdbx_wavelength_list        0.97885 
_diffrn_source.pdbx_wavelength             ? 
_diffrn_source.pdbx_synchrotron_site       SSRL 
_diffrn_source.pdbx_synchrotron_beamline   BL11-1 
# 
_reflns.entry_id                     4G6S 
_reflns.d_resolution_high            2.840 
_reflns.d_resolution_low             50.000 
_reflns.number_obs                   8742 
_reflns.pdbx_Rmerge_I_obs            0.052 
_reflns.pdbx_netI_over_sigmaI        16.000 
_reflns.pdbx_chi_squared             1.360 
_reflns.pdbx_redundancy              6.900 
_reflns.percent_possible_obs         98.700 
_reflns.observed_criterion_sigma_F   ? 
_reflns.observed_criterion_sigma_I   ? 
_reflns.number_all                   ? 
_reflns.B_iso_Wilson_estimate        ? 
_reflns.R_free_details               ? 
_reflns.limit_h_max                  ? 
_reflns.limit_h_min                  ? 
_reflns.limit_k_max                  ? 
_reflns.limit_k_min                  ? 
_reflns.limit_l_max                  ? 
_reflns.limit_l_min                  ? 
_reflns.observed_criterion_F_max     ? 
_reflns.observed_criterion_F_min     ? 
_reflns.pdbx_scaling_rejects         ? 
_reflns.pdbx_ordinal                 1 
_reflns.pdbx_diffrn_id               1 
_reflns.pdbx_Rsym_value              ? 
# 
loop_
_reflns_shell.d_res_high 
_reflns_shell.d_res_low 
_reflns_shell.number_measured_obs 
_reflns_shell.number_measured_all 
_reflns_shell.number_unique_obs 
_reflns_shell.Rmerge_I_obs 
_reflns_shell.meanI_over_sigI_obs 
_reflns_shell.pdbx_Rsym_value 
_reflns_shell.pdbx_chi_squared 
_reflns_shell.pdbx_redundancy 
_reflns_shell.percent_possible_obs 
_reflns_shell.number_unique_all 
_reflns_shell.percent_possible_all 
_reflns_shell.pdbx_ordinal 
_reflns_shell.pdbx_diffrn_id 
2.840 2.940  ? ? ? 0.705 ? ? 1.167 6.600 ? 820 94.700  1  1 
2.940 3.060  ? ? ? 0.422 ? ? 1.259 7.000 ? 839 99.100  2  1 
3.060 3.200  ? ? ? 0.178 ? ? 1.113 7.100 ? 863 100.000 3  1 
3.200 3.370  ? ? ? 0.094 ? ? 0.983 7.100 ? 861 100.000 4  1 
3.370 3.580  ? ? ? 0.085 ? ? 1.071 7.100 ? 862 100.000 5  1 
3.580 3.850  ? ? ? 0.065 ? ? 1.239 7.000 ? 865 100.000 6  1 
3.850 4.240  ? ? ? 0.049 ? ? 1.334 7.000 ? 884 100.000 7  1 
4.240 4.860  ? ? ? 0.043 ? ? 1.610 6.900 ? 885 99.900  8  1 
4.860 6.120  ? ? ? 0.038 ? ? 1.838 6.800 ? 913 99.800  9  1 
6.120 50.000 ? ? ? 0.034 ? ? 1.997 6.200 ? 950 94.600  10 1 
# 
_refine.entry_id                                 4G6S 
_refine.ls_d_res_high                            2.840 
_refine.ls_d_res_low                             30.0970 
_refine.pdbx_ls_sigma_F                          0.000 
_refine.pdbx_data_cutoff_high_absF               ? 
_refine.pdbx_data_cutoff_low_absF                ? 
_refine.ls_percent_reflns_obs                    94.6900 
_refine.ls_number_reflns_obs                     8345 
_refine.ls_number_reflns_all                     ? 
_refine.pdbx_ls_cross_valid_method               ? 
_refine.pdbx_R_Free_selection_details            ? 
_refine.details                                  ? 
_refine.ls_R_factor_obs                          0.1881 
_refine.ls_R_factor_R_work                       0.1863 
_refine.ls_wR_factor_R_work                      ? 
_refine.ls_R_factor_R_free                       0.2224 
_refine.ls_wR_factor_R_free                      ? 
_refine.ls_percent_reflns_R_free                 5.0700 
_refine.ls_number_reflns_R_free                  423 
_refine.ls_R_factor_R_free_error                 ? 
_refine.B_iso_mean                               89.0083 
_refine.solvent_model_param_bsol                 32.8750 
_refine.solvent_model_param_ksol                 0.2440 
_refine.pdbx_isotropic_thermal_model             ? 
_refine.aniso_B[1][1]                            -23.0949 
_refine.aniso_B[2][2]                            -23.0949 
_refine.aniso_B[3][3]                            46.1898 
_refine.aniso_B[1][2]                            0.0000 
_refine.aniso_B[1][3]                            0.0000 
_refine.aniso_B[2][3]                            -0.0000 
_refine.correlation_coeff_Fo_to_Fc               ? 
_refine.correlation_coeff_Fo_to_Fc_free          ? 
_refine.overall_SU_R_Cruickshank_DPI             ? 
_refine.overall_SU_R_free                        ? 
_refine.pdbx_overall_ESU_R                       ? 
_refine.pdbx_overall_ESU_R_Free                  ? 
_refine.overall_SU_ML                            0.3300 
_refine.overall_SU_B                             ? 
_refine.solvent_model_details                    'FLAT BULK SOLVENT MODEL' 
_refine.pdbx_solvent_vdw_probe_radii             1.1000 
_refine.pdbx_solvent_ion_probe_radii             ? 
_refine.pdbx_solvent_shrinkage_radii             0.8300 
_refine.ls_number_parameters                     ? 
_refine.ls_number_restraints                     ? 
_refine.pdbx_starting_model                      ? 
_refine.pdbx_method_to_determine_struct          'FOURIER SYNTHESIS' 
_refine.pdbx_stereochemistry_target_values       ML 
_refine.pdbx_stereochem_target_val_spec_case     ? 
_refine.overall_FOM_work_R_set                   ? 
_refine.B_iso_max                                138.160 
_refine.B_iso_min                                61.870 
_refine.pdbx_overall_phase_error                 29.8800 
_refine.occupancy_max                            1.000 
_refine.occupancy_min                            0.490 
_refine.pdbx_ls_sigma_I                          ? 
_refine.ls_redundancy_reflns_obs                 ? 
_refine.ls_R_factor_R_free_error_details         ? 
_refine.pdbx_data_cutoff_high_rms_absF           ? 
_refine.overall_FOM_free_R_set                   ? 
_refine.pdbx_diffrn_id                           1 
_refine.pdbx_refine_id                           'X-RAY DIFFRACTION' 
_refine.ls_R_factor_all                          ? 
_refine.pdbx_TLS_residual_ADP_flag               ? 
_refine.pdbx_overall_SU_R_free_Cruickshank_DPI   ? 
_refine.pdbx_overall_SU_R_Blow_DPI               ? 
_refine.pdbx_overall_SU_R_free_Blow_DPI          ? 
# 
_refine_hist.pdbx_refine_id                   'X-RAY DIFFRACTION' 
_refine_hist.cycle_id                         LAST 
_refine_hist.pdbx_number_atoms_protein        0 
_refine_hist.pdbx_number_atoms_nucleic_acid   1308 
_refine_hist.pdbx_number_atoms_ligand         19 
_refine_hist.number_atoms_solvent             3 
_refine_hist.number_atoms_total               1330 
_refine_hist.d_res_high                       2.840 
_refine_hist.d_res_low                        30.0970 
# 
loop_
_refine_ls_restr.type 
_refine_ls_restr.number 
_refine_ls_restr.dev_ideal 
_refine_ls_restr.dev_ideal_target 
_refine_ls_restr.weight 
_refine_ls_restr.pdbx_restraint_function 
_refine_ls_restr.pdbx_refine_id 
f_bond_d           1500 0.007  ? ? ? 'X-RAY DIFFRACTION' 
f_angle_d          2330 0.966  ? ? ? 'X-RAY DIFFRACTION' 
f_chiral_restr     305  0.058  ? ? ? 'X-RAY DIFFRACTION' 
f_plane_restr      62   0.008  ? ? ? 'X-RAY DIFFRACTION' 
f_dihedral_angle_d 761  18.036 ? ? ? 'X-RAY DIFFRACTION' 
# 
loop_
_refine_ls_shell.d_res_high 
_refine_ls_shell.d_res_low 
_refine_ls_shell.pdbx_total_number_of_bins_used 
_refine_ls_shell.percent_reflns_obs 
_refine_ls_shell.number_reflns_R_work 
_refine_ls_shell.R_factor_all 
_refine_ls_shell.R_factor_R_work 
_refine_ls_shell.R_factor_R_free 
_refine_ls_shell.percent_reflns_R_free 
_refine_ls_shell.number_reflns_R_free 
_refine_ls_shell.R_factor_R_free_error 
_refine_ls_shell.number_reflns_all 
_refine_ls_shell.number_reflns_obs 
_refine_ls_shell.redundancy_reflns_obs 
_refine_ls_shell.pdbx_refine_id 
2.84   3.2442 3 86.0000 2344 . 0.3390 0.3711 . 120 . 2464 . . 'X-RAY DIFFRACTION' 
3.2442 4.0858 3 99.0000 2713 . 0.2100 0.2314 . 142 . 2855 . . 'X-RAY DIFFRACTION' 
4.0858 30.097 3 99.0000 2865 . 0.1480 0.1925 . 161 . 3026 . . 'X-RAY DIFFRACTION' 
# 
_struct.entry_id                  4G6S 
_struct.title                     'Minimal Hairpin Ribozyme in the Transition State with A38P Variation' 
_struct.pdbx_model_details        ? 
_struct.pdbx_CASP_flag            ? 
_struct.pdbx_model_type_details   ? 
# 
_struct_keywords.entry_id        4G6S 
_struct_keywords.text            'RNA, Structure-activity relationship, Nucleic Acid Conformation' 
_struct_keywords.pdbx_keywords   RNA 
# 
loop_
_struct_asym.id 
_struct_asym.pdbx_blank_PDB_chainid_flag 
_struct_asym.pdbx_modified 
_struct_asym.entity_id 
_struct_asym.details 
A N N 1 ? 
B N N 2 ? 
C N N 3 ? 
D N N 4 ? 
E N N 5 ? 
F N N 5 ? 
G N N 6 ? 
H N N 6 ? 
I N N 6 ? 
# 
loop_
_struct_ref.id 
_struct_ref.db_name 
_struct_ref.db_code 
_struct_ref.pdbx_db_accession 
_struct_ref.entity_id 
_struct_ref.pdbx_align_begin 
_struct_ref.pdbx_seq_one_letter_code 
_struct_ref.pdbx_db_isoform 
1 PDB 4G6S 4G6S 1 ? UCCCAGUCCACCG                  ? 
2 PDB 4G6S 4G6S 2 ? CGGUGAGAAGGGXGGCAGAGAAACACACGA ? 
3 PDB 4G6S 4G6S 3 ? UCGUGGUACAUUACCUGCC            ? 
# 
loop_
_struct_ref_seq.align_id 
_struct_ref_seq.ref_id 
_struct_ref_seq.pdbx_PDB_id_code 
_struct_ref_seq.pdbx_strand_id 
_struct_ref_seq.seq_align_beg 
_struct_ref_seq.pdbx_seq_align_beg_ins_code 
_struct_ref_seq.seq_align_end 
_struct_ref_seq.pdbx_seq_align_end_ins_code 
_struct_ref_seq.pdbx_db_accession 
_struct_ref_seq.db_align_beg 
_struct_ref_seq.pdbx_db_align_beg_ins_code 
_struct_ref_seq.db_align_end 
_struct_ref_seq.pdbx_db_align_end_ins_code 
_struct_ref_seq.pdbx_auth_seq_align_beg 
_struct_ref_seq.pdbx_auth_seq_align_end 
1 1 4G6S A 1 ? 13 ? 4G6S 1  ? 13 ? 1  13 
2 2 4G6S B 1 ? 30 ? 4G6S 2  ? 31 ? 2  31 
3 3 4G6S C 1 ? 19 ? 4G6S 31 ? 49 ? 31 49 
# 
_pdbx_struct_assembly.id                   1 
_pdbx_struct_assembly.details              author_and_software_defined_assembly 
_pdbx_struct_assembly.method_details       PISA 
_pdbx_struct_assembly.oligomeric_details   trimeric 
_pdbx_struct_assembly.oligomeric_count     3 
# 
loop_
_pdbx_struct_assembly_prop.biol_id 
_pdbx_struct_assembly_prop.type 
_pdbx_struct_assembly_prop.value 
_pdbx_struct_assembly_prop.details 
1 'ABSA (A^2)' 6500 ? 
1 MORE         -26  ? 
1 'SSA (A^2)'  9310 ? 
# 
_pdbx_struct_assembly_gen.assembly_id       1 
_pdbx_struct_assembly_gen.oper_expression   1 
_pdbx_struct_assembly_gen.asym_id_list      A,B,C,D,E,F,G,H,I 
# 
_pdbx_struct_oper_list.id                   1 
_pdbx_struct_oper_list.type                 'identity operation' 
_pdbx_struct_oper_list.name                 1_555 
_pdbx_struct_oper_list.symmetry_operation   x,y,z 
_pdbx_struct_oper_list.matrix[1][1]         1.0000000000 
_pdbx_struct_oper_list.matrix[1][2]         0.0000000000 
_pdbx_struct_oper_list.matrix[1][3]         0.0000000000 
_pdbx_struct_oper_list.vector[1]            0.0000000000 
_pdbx_struct_oper_list.matrix[2][1]         0.0000000000 
_pdbx_struct_oper_list.matrix[2][2]         1.0000000000 
_pdbx_struct_oper_list.matrix[2][3]         0.0000000000 
_pdbx_struct_oper_list.vector[2]            0.0000000000 
_pdbx_struct_oper_list.matrix[3][1]         0.0000000000 
_pdbx_struct_oper_list.matrix[3][2]         0.0000000000 
_pdbx_struct_oper_list.matrix[3][3]         1.0000000000 
_pdbx_struct_oper_list.vector[3]            0.0000000000 
# 
_struct_biol.id        1 
_struct_biol.details   ? 
# 
loop_
_struct_conn.id 
_struct_conn.conn_type_id 
_struct_conn.pdbx_leaving_atom_flag 
_struct_conn.pdbx_PDB_id 
_struct_conn.ptnr1_label_asym_id 
_struct_conn.ptnr1_label_comp_id 
_struct_conn.ptnr1_label_seq_id 
_struct_conn.ptnr1_label_atom_id 
_struct_conn.pdbx_ptnr1_label_alt_id 
_struct_conn.pdbx_ptnr1_PDB_ins_code 
_struct_conn.pdbx_ptnr1_standard_comp_id 
_struct_conn.ptnr1_symmetry 
_struct_conn.ptnr2_label_asym_id 
_struct_conn.ptnr2_label_comp_id 
_struct_conn.ptnr2_label_seq_id 
_struct_conn.ptnr2_label_atom_id 
_struct_conn.pdbx_ptnr2_label_alt_id 
_struct_conn.pdbx_ptnr2_PDB_ins_code 
_struct_conn.ptnr1_auth_asym_id 
_struct_conn.ptnr1_auth_comp_id 
_struct_conn.ptnr1_auth_seq_id 
_struct_conn.ptnr2_auth_asym_id 
_struct_conn.ptnr2_auth_comp_id 
_struct_conn.ptnr2_auth_seq_id 
_struct_conn.ptnr2_symmetry 
_struct_conn.pdbx_ptnr3_label_atom_id 
_struct_conn.pdbx_ptnr3_label_seq_id 
_struct_conn.pdbx_ptnr3_label_comp_id 
_struct_conn.pdbx_ptnr3_label_asym_id 
_struct_conn.pdbx_ptnr3_label_alt_id 
_struct_conn.pdbx_ptnr3_PDB_ins_code 
_struct_conn.details 
_struct_conn.pdbx_dist_value 
_struct_conn.pdbx_value_order 
_struct_conn.pdbx_role 
covale1  covale both ? A C   4  "O3'" ? ? ? 1_555 A 3DA 5  P  ? ? A C   4  A 3DA 5  1_555 ? ? ? ? ? ? ?                    1.600 ? 
? 
covale2  covale one  ? A 3DA 5  "O2'" ? ? ? 1_555 A G   6  P  ? ? A 3DA 5  A G   6  1_555 ? ? ? ? ? ? ?                    1.613 ? 
? 
covale3  covale both ? B G   12 "O3'" ? ? ? 1_555 B S9L 13 P  ? ? B G   13 B S9L 14 1_555 ? ? ? ? ? ? ?                    1.605 ? 
? 
covale4  covale both ? B S9L 13 "O3'" ? ? ? 1_555 B G   14 P  ? ? B S9L 14 B G   15 1_555 ? ? ? ? ? ? ?                    1.603 ? 
? 
covale5  covale both ? C U   7  "O3'" ? ? ? 1_555 C P5P 8  P  ? ? C U   37 C P5P 38 1_555 ? ? ? ? ? ? ?                    1.603 ? 
? 
covale6  covale both ? C P5P 8  "O3'" ? ? ? 1_555 C C   9  P  ? ? C P5P 38 C C   39 1_555 ? ? ? ? ? ? ?                    1.604 ? 
? 
hydrog1  hydrog ?    ? A C   2  N3    ? ? ? 1_555 B G   12 N1 ? ? A C   2  B G   13 1_555 ? ? ? ? ? ? WATSON-CRICK         ?     ? 
? 
hydrog2  hydrog ?    ? A C   2  N4    ? ? ? 1_555 B G   12 O6 ? ? A C   2  B G   13 1_555 ? ? ? ? ? ? WATSON-CRICK         ?     ? 
? 
hydrog3  hydrog ?    ? A C   2  O2    ? ? ? 1_555 B G   12 N2 ? ? A C   2  B G   13 1_555 ? ? ? ? ? ? WATSON-CRICK         ?     ? 
? 
hydrog4  hydrog ?    ? A C   3  N3    ? ? ? 1_555 B G   11 N1 ? ? A C   3  B G   12 1_555 ? ? ? ? ? ? WATSON-CRICK         ?     ? 
? 
hydrog5  hydrog ?    ? A C   3  N4    ? ? ? 1_555 B G   11 O6 ? ? A C   3  B G   12 1_555 ? ? ? ? ? ? WATSON-CRICK         ?     ? 
? 
hydrog6  hydrog ?    ? A C   3  O2    ? ? ? 1_555 B G   11 N2 ? ? A C   3  B G   12 1_555 ? ? ? ? ? ? WATSON-CRICK         ?     ? 
? 
hydrog7  hydrog ?    ? A C   4  N3    ? ? ? 1_555 B G   10 N1 ? ? A C   4  B G   11 1_555 ? ? ? ? ? ? WATSON-CRICK         ?     ? 
? 
hydrog8  hydrog ?    ? A C   4  N4    ? ? ? 1_555 B G   10 O6 ? ? A C   4  B G   11 1_555 ? ? ? ? ? ? WATSON-CRICK         ?     ? 
? 
hydrog9  hydrog ?    ? A C   4  O2    ? ? ? 1_555 B G   10 N2 ? ? A C   4  B G   11 1_555 ? ? ? ? ? ? WATSON-CRICK         ?     ? 
? 
hydrog10 hydrog ?    ? A 3DA 5  N3    ? ? ? 1_555 B A   8  N6 ? ? A 3DA 5  B A   9  1_555 ? ? ? ? ? ? '3DA-A MISPAIR'      ?     ? 
? 
hydrog11 hydrog ?    ? A 3DA 5  N3    ? ? ? 1_555 B A   9  N6 ? ? A 3DA 5  B A   10 1_555 ? ? ? ? ? ? '3DA-A MISPAIR'      ?     ? 
? 
hydrog12 hydrog ?    ? A G   6  N1    ? ? ? 1_555 B C   24 N3 ? ? A G   6  B C   25 1_555 ? ? ? ? ? ? WATSON-CRICK         ?     ? 
? 
hydrog13 hydrog ?    ? A G   6  N2    ? ? ? 1_555 B C   24 O2 ? ? A G   6  B C   25 1_555 ? ? ? ? ? ? WATSON-CRICK         ?     ? 
? 
hydrog14 hydrog ?    ? A G   6  O6    ? ? ? 1_555 B C   24 N4 ? ? A G   6  B C   25 1_555 ? ? ? ? ? ? WATSON-CRICK         ?     ? 
? 
hydrog15 hydrog ?    ? A C   8  N4    ? ? ? 1_555 B A   6  N1 ? ? A C   8  B A   7  1_555 ? ? ? ? ? ? 'C-A MISPAIR'        ?     ? 
? 
hydrog16 hydrog ?    ? A C   9  O2    ? ? ? 1_555 B G   5  N2 ? ? A C   9  B G   6  1_555 ? ? ? ? ? ? 'C-G PAIR'           ?     ? 
? 
hydrog17 hydrog ?    ? A A   10 N1    ? ? ? 1_555 B U   4  N3 ? ? A A   10 B U   5  1_555 ? ? ? ? ? ? WATSON-CRICK         ?     ? 
? 
hydrog18 hydrog ?    ? A A   10 N6    ? ? ? 1_555 B U   4  O4 ? ? A A   10 B U   5  1_555 ? ? ? ? ? ? WATSON-CRICK         ?     ? 
? 
hydrog19 hydrog ?    ? A C   11 N3    ? ? ? 1_555 B G   3  N1 ? ? A C   11 B G   4  1_555 ? ? ? ? ? ? WATSON-CRICK         ?     ? 
? 
hydrog20 hydrog ?    ? A C   11 N4    ? ? ? 1_555 B G   3  O6 ? ? A C   11 B G   4  1_555 ? ? ? ? ? ? WATSON-CRICK         ?     ? 
? 
hydrog21 hydrog ?    ? A C   11 O2    ? ? ? 1_555 B G   3  N2 ? ? A C   11 B G   4  1_555 ? ? ? ? ? ? WATSON-CRICK         ?     ? 
? 
hydrog22 hydrog ?    ? A C   12 N3    ? ? ? 1_555 B G   2  N1 ? ? A C   12 B G   3  1_555 ? ? ? ? ? ? WATSON-CRICK         ?     ? 
? 
hydrog23 hydrog ?    ? A C   12 N4    ? ? ? 1_555 B G   2  O6 ? ? A C   12 B G   3  1_555 ? ? ? ? ? ? WATSON-CRICK         ?     ? 
? 
hydrog24 hydrog ?    ? A C   12 O2    ? ? ? 1_555 B G   2  N2 ? ? A C   12 B G   3  1_555 ? ? ? ? ? ? WATSON-CRICK         ?     ? 
? 
hydrog25 hydrog ?    ? A G   13 N1    ? ? ? 1_555 B C   1  N3 ? ? A G   13 B C   2  1_555 ? ? ? ? ? ? WATSON-CRICK         ?     ? 
? 
hydrog26 hydrog ?    ? A G   13 N2    ? ? ? 1_555 B C   1  O2 ? ? A G   13 B C   2  1_555 ? ? ? ? ? ? WATSON-CRICK         ?     ? 
? 
hydrog27 hydrog ?    ? A G   13 O6    ? ? ? 1_555 B C   1  N4 ? ? A G   13 B C   2  1_555 ? ? ? ? ? ? WATSON-CRICK         ?     ? 
? 
hydrog28 hydrog ?    ? B G   14 N1    ? ? ? 1_555 C C   19 N3 ? ? B G   15 C C   49 1_555 ? ? ? ? ? ? 'G-C PAIR'           ?     ? 
? 
hydrog29 hydrog ?    ? B G   15 N1    ? ? ? 1_555 C C   18 N3 ? ? B G   16 C C   48 1_555 ? ? ? ? ? ? WATSON-CRICK         ?     ? 
? 
hydrog30 hydrog ?    ? B G   15 N2    ? ? ? 1_555 C C   18 O2 ? ? B G   16 C C   48 1_555 ? ? ? ? ? ? WATSON-CRICK         ?     ? 
? 
hydrog31 hydrog ?    ? B G   15 O6    ? ? ? 1_555 C C   18 N4 ? ? B G   16 C C   48 1_555 ? ? ? ? ? ? WATSON-CRICK         ?     ? 
? 
hydrog32 hydrog ?    ? B C   16 N3    ? ? ? 1_555 C G   17 N1 ? ? B C   17 C G   47 1_555 ? ? ? ? ? ? WATSON-CRICK         ?     ? 
? 
hydrog33 hydrog ?    ? B C   16 N4    ? ? ? 1_555 C G   17 O6 ? ? B C   17 C G   47 1_555 ? ? ? ? ? ? WATSON-CRICK         ?     ? 
? 
hydrog34 hydrog ?    ? B C   16 O2    ? ? ? 1_555 C G   17 N2 ? ? B C   17 C G   47 1_555 ? ? ? ? ? ? WATSON-CRICK         ?     ? 
? 
hydrog35 hydrog ?    ? B A   17 N1    ? ? ? 1_555 C U   16 N3 ? ? B A   18 C U   46 1_555 ? ? ? ? ? ? WATSON-CRICK         ?     ? 
? 
hydrog36 hydrog ?    ? B A   17 N6    ? ? ? 1_555 C U   16 O4 ? ? B A   18 C U   46 1_555 ? ? ? ? ? ? WATSON-CRICK         ?     ? 
? 
hydrog37 hydrog ?    ? B G   18 N1    ? ? ? 1_555 C C   15 N3 ? ? B G   19 C C   45 1_555 ? ? ? ? ? ? WATSON-CRICK         ?     ? 
? 
hydrog38 hydrog ?    ? B G   18 N2    ? ? ? 1_555 C C   15 O2 ? ? B G   19 C C   45 1_555 ? ? ? ? ? ? WATSON-CRICK         ?     ? 
? 
hydrog39 hydrog ?    ? B G   18 O6    ? ? ? 1_555 C C   15 N4 ? ? B G   19 C C   45 1_555 ? ? ? ? ? ? WATSON-CRICK         ?     ? 
? 
hydrog40 hydrog ?    ? B A   19 N1    ? ? ? 1_555 C C   14 N4 ? ? B A   20 C C   44 1_555 ? ? ? ? ? ? 'A-C MISPAIR'        ?     ? 
? 
hydrog41 hydrog ?    ? B G   20 N2    ? ? ? 1_555 C A   13 N7 ? ? B G   21 C A   43 1_555 ? ? ? ? ? ? TYPE_11_PAIR         ?     ? 
? 
hydrog42 hydrog ?    ? B G   20 N3    ? ? ? 1_555 C A   13 N6 ? ? B G   21 C A   43 1_555 ? ? ? ? ? ? TYPE_11_PAIR         ?     ? 
? 
hydrog43 hydrog ?    ? B A   21 N6    ? ? ? 1_555 C U   11 O2 ? ? B A   22 C U   41 1_555 ? ? ? ? ? ? 'REVERSED HOOGSTEEN' ?     ? 
? 
hydrog44 hydrog ?    ? B A   21 N7    ? ? ? 1_555 C U   11 N3 ? ? B A   22 C U   41 1_555 ? ? ? ? ? ? 'REVERSED HOOGSTEEN' ?     ? 
? 
hydrog45 hydrog ?    ? B A   22 N6    ? ? ? 1_555 C A   10 N1 ? ? B A   23 C A   40 1_555 ? ? ? ? ? ? 'A-A MISPAIR'        ?     ? 
? 
hydrog46 hydrog ?    ? B A   23 N6    ? ? ? 1_555 C P5P 8  N7 ? ? B A   24 C P5P 38 1_555 ? ? ? ? ? ? 'A-P5P MISPAIR'      ?     ? 
? 
hydrog47 hydrog ?    ? B A   25 N1    ? ? ? 1_555 C G   6  N1 ? ? B A   26 C G   36 1_555 ? ? ? ? ? ? TYPE_8_PAIR          ?     ? 
? 
hydrog48 hydrog ?    ? B A   25 N6    ? ? ? 1_555 C G   6  O6 ? ? B A   26 C G   36 1_555 ? ? ? ? ? ? TYPE_8_PAIR          ?     ? 
? 
hydrog49 hydrog ?    ? B C   26 N3    ? ? ? 1_555 C G   5  N1 ? ? B C   27 C G   35 1_555 ? ? ? ? ? ? WATSON-CRICK         ?     ? 
? 
hydrog50 hydrog ?    ? B C   26 N4    ? ? ? 1_555 C G   5  O6 ? ? B C   27 C G   35 1_555 ? ? ? ? ? ? WATSON-CRICK         ?     ? 
? 
hydrog51 hydrog ?    ? B C   26 O2    ? ? ? 1_555 C G   5  N2 ? ? B C   27 C G   35 1_555 ? ? ? ? ? ? WATSON-CRICK         ?     ? 
? 
hydrog52 hydrog ?    ? B A   27 N1    ? ? ? 1_555 C U   4  N3 ? ? B A   28 C U   34 1_555 ? ? ? ? ? ? WATSON-CRICK         ?     ? 
? 
hydrog53 hydrog ?    ? B A   27 N6    ? ? ? 1_555 C U   4  O4 ? ? B A   28 C U   34 1_555 ? ? ? ? ? ? WATSON-CRICK         ?     ? 
? 
hydrog54 hydrog ?    ? B C   28 N3    ? ? ? 1_555 C G   3  N1 ? ? B C   29 C G   33 1_555 ? ? ? ? ? ? WATSON-CRICK         ?     ? 
? 
hydrog55 hydrog ?    ? B C   28 N4    ? ? ? 1_555 C G   3  O6 ? ? B C   29 C G   33 1_555 ? ? ? ? ? ? WATSON-CRICK         ?     ? 
? 
hydrog56 hydrog ?    ? B C   28 O2    ? ? ? 1_555 C G   3  N2 ? ? B C   29 C G   33 1_555 ? ? ? ? ? ? WATSON-CRICK         ?     ? 
? 
hydrog57 hydrog ?    ? B G   29 N1    ? ? ? 1_555 C C   2  N3 ? ? B G   30 C C   32 1_555 ? ? ? ? ? ? WATSON-CRICK         ?     ? 
? 
hydrog58 hydrog ?    ? B G   29 N2    ? ? ? 1_555 C C   2  O2 ? ? B G   30 C C   32 1_555 ? ? ? ? ? ? WATSON-CRICK         ?     ? 
? 
hydrog59 hydrog ?    ? B G   29 O6    ? ? ? 1_555 C C   2  N4 ? ? B G   30 C C   32 1_555 ? ? ? ? ? ? WATSON-CRICK         ?     ? 
? 
hydrog60 hydrog ?    ? B A   30 N1    ? ? ? 1_555 C U   1  N3 ? ? B A   31 C U   31 1_555 ? ? ? ? ? ? WATSON-CRICK         ?     ? 
? 
hydrog61 hydrog ?    ? B A   30 N6    ? ? ? 1_555 C U   1  O4 ? ? B A   31 C U   31 1_555 ? ? ? ? ? ? WATSON-CRICK         ?     ? 
? 
# 
loop_
_struct_conn_type.id 
_struct_conn_type.criteria 
_struct_conn_type.reference 
covale ? ? 
hydrog ? ? 
# 
loop_
_struct_site.id 
_struct_site.pdbx_evidence_code 
_struct_site.pdbx_auth_asym_id 
_struct_site.pdbx_auth_comp_id 
_struct_site.pdbx_auth_seq_id 
_struct_site.pdbx_auth_ins_code 
_struct_site.pdbx_num_residues 
_struct_site.details 
AC1 Software A SO4 201 ? 3 'BINDING SITE FOR RESIDUE SO4 A 201' 
AC2 Software B NCO 101 ? 4 'BINDING SITE FOR RESIDUE NCO B 101' 
AC3 Software B NCO 102 ? 5 'BINDING SITE FOR RESIDUE NCO B 102' 
# 
loop_
_struct_site_gen.id 
_struct_site_gen.site_id 
_struct_site_gen.pdbx_num_res 
_struct_site_gen.label_comp_id 
_struct_site_gen.label_asym_id 
_struct_site_gen.label_seq_id 
_struct_site_gen.pdbx_auth_ins_code 
_struct_site_gen.auth_comp_id 
_struct_site_gen.auth_asym_id 
_struct_site_gen.auth_seq_id 
_struct_site_gen.label_atom_id 
_struct_site_gen.label_alt_id 
_struct_site_gen.symmetry 
_struct_site_gen.details 
1  AC1 3 U   A 1  ? U   A 1   . ? 1_555  ? 
2  AC1 3 C   A 2  ? C   A 2   . ? 1_555  ? 
3  AC1 3 NCO F .  ? NCO B 102 . ? 1_555  ? 
4  AC2 4 A   B 19 ? A   B 20  . ? 1_555  ? 
5  AC2 4 G   B 20 ? G   B 21  . ? 1_555  ? 
6  AC2 4 A   C 10 ? A   C 40  . ? 1_555  ? 
7  AC2 4 U   C 11 ? U   C 41  . ? 1_555  ? 
8  AC3 5 U   A 1  ? U   A 1   . ? 10_665 ? 
9  AC3 5 SO4 D .  ? SO4 A 201 . ? 1_555  ? 
10 AC3 5 G   B 10 ? G   B 11  . ? 1_555  ? 
11 AC3 5 G   B 11 ? G   B 12  . ? 1_555  ? 
12 AC3 5 G   B 12 ? G   B 13  . ? 1_555  ? 
# 
loop_
_pdbx_validate_rmsd_angle.id 
_pdbx_validate_rmsd_angle.PDB_model_num 
_pdbx_validate_rmsd_angle.auth_atom_id_1 
_pdbx_validate_rmsd_angle.auth_asym_id_1 
_pdbx_validate_rmsd_angle.auth_comp_id_1 
_pdbx_validate_rmsd_angle.auth_seq_id_1 
_pdbx_validate_rmsd_angle.PDB_ins_code_1 
_pdbx_validate_rmsd_angle.label_alt_id_1 
_pdbx_validate_rmsd_angle.auth_atom_id_2 
_pdbx_validate_rmsd_angle.auth_asym_id_2 
_pdbx_validate_rmsd_angle.auth_comp_id_2 
_pdbx_validate_rmsd_angle.auth_seq_id_2 
_pdbx_validate_rmsd_angle.PDB_ins_code_2 
_pdbx_validate_rmsd_angle.label_alt_id_2 
_pdbx_validate_rmsd_angle.auth_atom_id_3 
_pdbx_validate_rmsd_angle.auth_asym_id_3 
_pdbx_validate_rmsd_angle.auth_comp_id_3 
_pdbx_validate_rmsd_angle.auth_seq_id_3 
_pdbx_validate_rmsd_angle.PDB_ins_code_3 
_pdbx_validate_rmsd_angle.label_alt_id_3 
_pdbx_validate_rmsd_angle.angle_value 
_pdbx_validate_rmsd_angle.angle_target_value 
_pdbx_validate_rmsd_angle.angle_deviation 
_pdbx_validate_rmsd_angle.angle_standard_deviation 
_pdbx_validate_rmsd_angle.linker_flag 
1 1 C8    B A 26 ? ? N9 B A   26 ? ? C4  B A   26 ? ? 108.47 105.80 2.67 0.40 N 
2 1 "O3'" C U 37 ? ? P  C P5P 38 ? ? OP1 C P5P 38 ? ? 118.36 110.50 7.86 1.10 Y 
# 
loop_
_pdbx_struct_mod_residue.id 
_pdbx_struct_mod_residue.label_asym_id 
_pdbx_struct_mod_residue.label_comp_id 
_pdbx_struct_mod_residue.label_seq_id 
_pdbx_struct_mod_residue.auth_asym_id 
_pdbx_struct_mod_residue.auth_comp_id 
_pdbx_struct_mod_residue.auth_seq_id 
_pdbx_struct_mod_residue.PDB_ins_code 
_pdbx_struct_mod_residue.parent_comp_id 
_pdbx_struct_mod_residue.details 
1 A 3DA 5 A 3DA 5  ? DA "3'-DEOXYADENOSINE-5'-MONOPHOSPHATE" 
2 C P5P 8 C P5P 38 ? A  
;PURINE RIBOSIDE-5'-MONOPHOSPHATE
;
# 
_pdbx_struct_special_symmetry.id              1 
_pdbx_struct_special_symmetry.PDB_model_num   1 
_pdbx_struct_special_symmetry.auth_asym_id    A 
_pdbx_struct_special_symmetry.auth_comp_id    U 
_pdbx_struct_special_symmetry.auth_seq_id     1 
_pdbx_struct_special_symmetry.PDB_ins_code    ? 
_pdbx_struct_special_symmetry.label_asym_id   A 
_pdbx_struct_special_symmetry.label_comp_id   U 
_pdbx_struct_special_symmetry.label_seq_id    1 
# 
loop_
_chem_comp_atom.comp_id 
_chem_comp_atom.atom_id 
_chem_comp_atom.type_symbol 
_chem_comp_atom.pdbx_aromatic_flag 
_chem_comp_atom.pdbx_stereo_config 
_chem_comp_atom.pdbx_ordinal 
3DA P      P  N N 1   
3DA O1P    O  N N 2   
3DA O2P    O  N N 3   
3DA "O5'"  O  N N 4   
3DA "C5'"  C  N N 5   
3DA "C4'"  C  N S 6   
3DA "O4'"  O  N N 7   
3DA "C1'"  C  N R 8   
3DA N9     N  Y N 9   
3DA C4     C  Y N 10  
3DA N3     N  Y N 11  
3DA C2     C  Y N 12  
3DA N1     N  Y N 13  
3DA C6     C  Y N 14  
3DA N6     N  N N 15  
3DA C5     C  Y N 16  
3DA N7     N  Y N 17  
3DA C8     C  Y N 18  
3DA "C2'"  C  N R 19  
3DA "O2'"  O  N N 20  
3DA "C3'"  C  N N 21  
3DA O3P    O  N N 22  
3DA HOP2   H  N N 23  
3DA "H5'1" H  N N 24  
3DA "H5'2" H  N N 25  
3DA "H4'"  H  N N 26  
3DA "H1'"  H  N N 27  
3DA H2     H  N N 28  
3DA HN61   H  N N 29  
3DA HN62   H  N N 30  
3DA H8     H  N N 31  
3DA "H2'1" H  N N 32  
3DA "HO'2" H  N N 33  
3DA "H3'1" H  N N 34  
3DA "H3'2" H  N N 35  
3DA HOP3   H  N N 36  
A   OP3    O  N N 37  
A   P      P  N N 38  
A   OP1    O  N N 39  
A   OP2    O  N N 40  
A   "O5'"  O  N N 41  
A   "C5'"  C  N N 42  
A   "C4'"  C  N R 43  
A   "O4'"  O  N N 44  
A   "C3'"  C  N S 45  
A   "O3'"  O  N N 46  
A   "C2'"  C  N R 47  
A   "O2'"  O  N N 48  
A   "C1'"  C  N R 49  
A   N9     N  Y N 50  
A   C8     C  Y N 51  
A   N7     N  Y N 52  
A   C5     C  Y N 53  
A   C6     C  Y N 54  
A   N6     N  N N 55  
A   N1     N  Y N 56  
A   C2     C  Y N 57  
A   N3     N  Y N 58  
A   C4     C  Y N 59  
A   HOP3   H  N N 60  
A   HOP2   H  N N 61  
A   "H5'"  H  N N 62  
A   "H5''" H  N N 63  
A   "H4'"  H  N N 64  
A   "H3'"  H  N N 65  
A   "HO3'" H  N N 66  
A   "H2'"  H  N N 67  
A   "HO2'" H  N N 68  
A   "H1'"  H  N N 69  
A   H8     H  N N 70  
A   H61    H  N N 71  
A   H62    H  N N 72  
A   H2     H  N N 73  
C   OP3    O  N N 74  
C   P      P  N N 75  
C   OP1    O  N N 76  
C   OP2    O  N N 77  
C   "O5'"  O  N N 78  
C   "C5'"  C  N N 79  
C   "C4'"  C  N R 80  
C   "O4'"  O  N N 81  
C   "C3'"  C  N S 82  
C   "O3'"  O  N N 83  
C   "C2'"  C  N R 84  
C   "O2'"  O  N N 85  
C   "C1'"  C  N R 86  
C   N1     N  N N 87  
C   C2     C  N N 88  
C   O2     O  N N 89  
C   N3     N  N N 90  
C   C4     C  N N 91  
C   N4     N  N N 92  
C   C5     C  N N 93  
C   C6     C  N N 94  
C   HOP3   H  N N 95  
C   HOP2   H  N N 96  
C   "H5'"  H  N N 97  
C   "H5''" H  N N 98  
C   "H4'"  H  N N 99  
C   "H3'"  H  N N 100 
C   "HO3'" H  N N 101 
C   "H2'"  H  N N 102 
C   "HO2'" H  N N 103 
C   "H1'"  H  N N 104 
C   H41    H  N N 105 
C   H42    H  N N 106 
C   H5     H  N N 107 
C   H6     H  N N 108 
G   OP3    O  N N 109 
G   P      P  N N 110 
G   OP1    O  N N 111 
G   OP2    O  N N 112 
G   "O5'"  O  N N 113 
G   "C5'"  C  N N 114 
G   "C4'"  C  N R 115 
G   "O4'"  O  N N 116 
G   "C3'"  C  N S 117 
G   "O3'"  O  N N 118 
G   "C2'"  C  N R 119 
G   "O2'"  O  N N 120 
G   "C1'"  C  N R 121 
G   N9     N  Y N 122 
G   C8     C  Y N 123 
G   N7     N  Y N 124 
G   C5     C  Y N 125 
G   C6     C  N N 126 
G   O6     O  N N 127 
G   N1     N  N N 128 
G   C2     C  N N 129 
G   N2     N  N N 130 
G   N3     N  N N 131 
G   C4     C  Y N 132 
G   HOP3   H  N N 133 
G   HOP2   H  N N 134 
G   "H5'"  H  N N 135 
G   "H5''" H  N N 136 
G   "H4'"  H  N N 137 
G   "H3'"  H  N N 138 
G   "HO3'" H  N N 139 
G   "H2'"  H  N N 140 
G   "HO2'" H  N N 141 
G   "H1'"  H  N N 142 
G   H8     H  N N 143 
G   H1     H  N N 144 
G   H21    H  N N 145 
G   H22    H  N N 146 
HOH O      O  N N 147 
HOH H1     H  N N 148 
HOH H2     H  N N 149 
NCO CO     CO N N 150 
NCO N1     N  N N 151 
NCO N2     N  N N 152 
NCO N3     N  N N 153 
NCO N4     N  N N 154 
NCO N5     N  N N 155 
NCO N6     N  N N 156 
NCO HN11   H  N N 157 
NCO HN12   H  N N 158 
NCO HN13   H  N N 159 
NCO HN21   H  N N 160 
NCO HN22   H  N N 161 
NCO HN23   H  N N 162 
NCO HN31   H  N N 163 
NCO HN32   H  N N 164 
NCO HN33   H  N N 165 
NCO HN41   H  N N 166 
NCO HN42   H  N N 167 
NCO HN43   H  N N 168 
NCO HN51   H  N N 169 
NCO HN52   H  N N 170 
NCO HN53   H  N N 171 
NCO HN61   H  N N 172 
NCO HN62   H  N N 173 
NCO HN63   H  N N 174 
P5P N1     N  Y N 175 
P5P C2     C  Y N 176 
P5P N3     N  Y N 177 
P5P C4     C  Y N 178 
P5P C5     C  Y N 179 
P5P C6     C  Y N 180 
P5P N7     N  Y N 181 
P5P C8     C  Y N 182 
P5P N9     N  Y N 183 
P5P "C1'"  C  N R 184 
P5P "C2'"  C  N R 185 
P5P "O2'"  O  N N 186 
P5P "C3'"  C  N S 187 
P5P "O3'"  O  N N 188 
P5P "C4'"  C  N R 189 
P5P "O4'"  O  N N 190 
P5P "C5'"  C  N N 191 
P5P "O5'"  O  N N 192 
P5P P      P  N N 193 
P5P OP1    O  N N 194 
P5P OP2    O  N N 195 
P5P OP3    O  N N 196 
P5P H2     H  N N 197 
P5P H6     H  N N 198 
P5P H8     H  N N 199 
P5P "H1'"  H  N N 200 
P5P "H2'"  H  N N 201 
P5P "HO2'" H  N N 202 
P5P "H3'"  H  N N 203 
P5P "HO3'" H  N N 204 
P5P "H4'"  H  N N 205 
P5P "H5'1" H  N N 206 
P5P "H5'2" H  N N 207 
P5P HOP2   H  N N 208 
P5P HOP3   H  N N 209 
S9L O3P    O  N N 210 
S9L P      P  N N 211 
S9L O1P    O  N N 212 
S9L O2P    O  N N 213 
S9L "O5'"  O  N N 214 
S9L C12    C  N N 215 
S9L C22    C  N N 216 
S9L OH3    O  N N 217 
S9L C13    C  N N 218 
S9L C23    C  N N 219 
S9L OH4    O  N N 220 
S9L C14    C  N N 221 
S9L C24    C  N N 222 
S9L "O3'"  O  N N 223 
S9L HO3P   H  N N 224 
S9L HO1P   H  N N 225 
S9L H121   H  N N 226 
S9L H122   H  N N 227 
S9L H221   H  N N 228 
S9L H222   H  N N 229 
S9L H131   H  N N 230 
S9L H132   H  N N 231 
S9L H231   H  N N 232 
S9L H232   H  N N 233 
S9L H141   H  N N 234 
S9L H142   H  N N 235 
S9L H241   H  N N 236 
S9L H242   H  N N 237 
S9L "HO3'" H  N N 238 
SO4 S      S  N N 239 
SO4 O1     O  N N 240 
SO4 O2     O  N N 241 
SO4 O3     O  N N 242 
SO4 O4     O  N N 243 
U   OP3    O  N N 244 
U   P      P  N N 245 
U   OP1    O  N N 246 
U   OP2    O  N N 247 
U   "O5'"  O  N N 248 
U   "C5'"  C  N N 249 
U   "C4'"  C  N R 250 
U   "O4'"  O  N N 251 
U   "C3'"  C  N S 252 
U   "O3'"  O  N N 253 
U   "C2'"  C  N R 254 
U   "O2'"  O  N N 255 
U   "C1'"  C  N R 256 
U   N1     N  N N 257 
U   C2     C  N N 258 
U   O2     O  N N 259 
U   N3     N  N N 260 
U   C4     C  N N 261 
U   O4     O  N N 262 
U   C5     C  N N 263 
U   C6     C  N N 264 
U   HOP3   H  N N 265 
U   HOP2   H  N N 266 
U   "H5'"  H  N N 267 
U   "H5''" H  N N 268 
U   "H4'"  H  N N 269 
U   "H3'"  H  N N 270 
U   "HO3'" H  N N 271 
U   "H2'"  H  N N 272 
U   "HO2'" H  N N 273 
U   "H1'"  H  N N 274 
U   H3     H  N N 275 
U   H5     H  N N 276 
U   H6     H  N N 277 
# 
loop_
_chem_comp_bond.comp_id 
_chem_comp_bond.atom_id_1 
_chem_comp_bond.atom_id_2 
_chem_comp_bond.value_order 
_chem_comp_bond.pdbx_aromatic_flag 
_chem_comp_bond.pdbx_stereo_config 
_chem_comp_bond.pdbx_ordinal 
3DA P     O1P    doub N N 1   
3DA P     O2P    sing N N 2   
3DA P     "O5'"  sing N N 3   
3DA P     O3P    sing N N 4   
3DA O2P   HOP2   sing N N 5   
3DA "O5'" "C5'"  sing N N 6   
3DA "C5'" "C4'"  sing N N 7   
3DA "C5'" "H5'1" sing N N 8   
3DA "C5'" "H5'2" sing N N 9   
3DA "C4'" "O4'"  sing N N 10  
3DA "C4'" "C3'"  sing N N 11  
3DA "C4'" "H4'"  sing N N 12  
3DA "O4'" "C1'"  sing N N 13  
3DA "C1'" N9     sing N N 14  
3DA "C1'" "C2'"  sing N N 15  
3DA "C1'" "H1'"  sing N N 16  
3DA N9    C4     sing Y N 17  
3DA N9    C8     sing Y N 18  
3DA C4    N3     sing Y N 19  
3DA C4    C5     doub Y N 20  
3DA N3    C2     doub Y N 21  
3DA C2    N1     sing Y N 22  
3DA C2    H2     sing N N 23  
3DA N1    C6     doub Y N 24  
3DA C6    N6     sing N N 25  
3DA C6    C5     sing Y N 26  
3DA N6    HN61   sing N N 27  
3DA N6    HN62   sing N N 28  
3DA C5    N7     sing Y N 29  
3DA N7    C8     doub Y N 30  
3DA C8    H8     sing N N 31  
3DA "C2'" "O2'"  sing N N 32  
3DA "C2'" "C3'"  sing N N 33  
3DA "C2'" "H2'1" sing N N 34  
3DA "O2'" "HO'2" sing N N 35  
3DA "C3'" "H3'1" sing N N 36  
3DA "C3'" "H3'2" sing N N 37  
3DA O3P   HOP3   sing N N 38  
A   OP3   P      sing N N 39  
A   OP3   HOP3   sing N N 40  
A   P     OP1    doub N N 41  
A   P     OP2    sing N N 42  
A   P     "O5'"  sing N N 43  
A   OP2   HOP2   sing N N 44  
A   "O5'" "C5'"  sing N N 45  
A   "C5'" "C4'"  sing N N 46  
A   "C5'" "H5'"  sing N N 47  
A   "C5'" "H5''" sing N N 48  
A   "C4'" "O4'"  sing N N 49  
A   "C4'" "C3'"  sing N N 50  
A   "C4'" "H4'"  sing N N 51  
A   "O4'" "C1'"  sing N N 52  
A   "C3'" "O3'"  sing N N 53  
A   "C3'" "C2'"  sing N N 54  
A   "C3'" "H3'"  sing N N 55  
A   "O3'" "HO3'" sing N N 56  
A   "C2'" "O2'"  sing N N 57  
A   "C2'" "C1'"  sing N N 58  
A   "C2'" "H2'"  sing N N 59  
A   "O2'" "HO2'" sing N N 60  
A   "C1'" N9     sing N N 61  
A   "C1'" "H1'"  sing N N 62  
A   N9    C8     sing Y N 63  
A   N9    C4     sing Y N 64  
A   C8    N7     doub Y N 65  
A   C8    H8     sing N N 66  
A   N7    C5     sing Y N 67  
A   C5    C6     sing Y N 68  
A   C5    C4     doub Y N 69  
A   C6    N6     sing N N 70  
A   C6    N1     doub Y N 71  
A   N6    H61    sing N N 72  
A   N6    H62    sing N N 73  
A   N1    C2     sing Y N 74  
A   C2    N3     doub Y N 75  
A   C2    H2     sing N N 76  
A   N3    C4     sing Y N 77  
C   OP3   P      sing N N 78  
C   OP3   HOP3   sing N N 79  
C   P     OP1    doub N N 80  
C   P     OP2    sing N N 81  
C   P     "O5'"  sing N N 82  
C   OP2   HOP2   sing N N 83  
C   "O5'" "C5'"  sing N N 84  
C   "C5'" "C4'"  sing N N 85  
C   "C5'" "H5'"  sing N N 86  
C   "C5'" "H5''" sing N N 87  
C   "C4'" "O4'"  sing N N 88  
C   "C4'" "C3'"  sing N N 89  
C   "C4'" "H4'"  sing N N 90  
C   "O4'" "C1'"  sing N N 91  
C   "C3'" "O3'"  sing N N 92  
C   "C3'" "C2'"  sing N N 93  
C   "C3'" "H3'"  sing N N 94  
C   "O3'" "HO3'" sing N N 95  
C   "C2'" "O2'"  sing N N 96  
C   "C2'" "C1'"  sing N N 97  
C   "C2'" "H2'"  sing N N 98  
C   "O2'" "HO2'" sing N N 99  
C   "C1'" N1     sing N N 100 
C   "C1'" "H1'"  sing N N 101 
C   N1    C2     sing N N 102 
C   N1    C6     sing N N 103 
C   C2    O2     doub N N 104 
C   C2    N3     sing N N 105 
C   N3    C4     doub N N 106 
C   C4    N4     sing N N 107 
C   C4    C5     sing N N 108 
C   N4    H41    sing N N 109 
C   N4    H42    sing N N 110 
C   C5    C6     doub N N 111 
C   C5    H5     sing N N 112 
C   C6    H6     sing N N 113 
G   OP3   P      sing N N 114 
G   OP3   HOP3   sing N N 115 
G   P     OP1    doub N N 116 
G   P     OP2    sing N N 117 
G   P     "O5'"  sing N N 118 
G   OP2   HOP2   sing N N 119 
G   "O5'" "C5'"  sing N N 120 
G   "C5'" "C4'"  sing N N 121 
G   "C5'" "H5'"  sing N N 122 
G   "C5'" "H5''" sing N N 123 
G   "C4'" "O4'"  sing N N 124 
G   "C4'" "C3'"  sing N N 125 
G   "C4'" "H4'"  sing N N 126 
G   "O4'" "C1'"  sing N N 127 
G   "C3'" "O3'"  sing N N 128 
G   "C3'" "C2'"  sing N N 129 
G   "C3'" "H3'"  sing N N 130 
G   "O3'" "HO3'" sing N N 131 
G   "C2'" "O2'"  sing N N 132 
G   "C2'" "C1'"  sing N N 133 
G   "C2'" "H2'"  sing N N 134 
G   "O2'" "HO2'" sing N N 135 
G   "C1'" N9     sing N N 136 
G   "C1'" "H1'"  sing N N 137 
G   N9    C8     sing Y N 138 
G   N9    C4     sing Y N 139 
G   C8    N7     doub Y N 140 
G   C8    H8     sing N N 141 
G   N7    C5     sing Y N 142 
G   C5    C6     sing N N 143 
G   C5    C4     doub Y N 144 
G   C6    O6     doub N N 145 
G   C6    N1     sing N N 146 
G   N1    C2     sing N N 147 
G   N1    H1     sing N N 148 
G   C2    N2     sing N N 149 
G   C2    N3     doub N N 150 
G   N2    H21    sing N N 151 
G   N2    H22    sing N N 152 
G   N3    C4     sing N N 153 
HOH O     H1     sing N N 154 
HOH O     H2     sing N N 155 
NCO CO    N1     sing N N 156 
NCO CO    N2     sing N N 157 
NCO CO    N3     sing N N 158 
NCO CO    N4     sing N N 159 
NCO CO    N5     sing N N 160 
NCO CO    N6     sing N N 161 
NCO N1    HN11   sing N N 162 
NCO N1    HN12   sing N N 163 
NCO N1    HN13   sing N N 164 
NCO N2    HN21   sing N N 165 
NCO N2    HN22   sing N N 166 
NCO N2    HN23   sing N N 167 
NCO N3    HN31   sing N N 168 
NCO N3    HN32   sing N N 169 
NCO N3    HN33   sing N N 170 
NCO N4    HN41   sing N N 171 
NCO N4    HN42   sing N N 172 
NCO N4    HN43   sing N N 173 
NCO N5    HN51   sing N N 174 
NCO N5    HN52   sing N N 175 
NCO N5    HN53   sing N N 176 
NCO N6    HN61   sing N N 177 
NCO N6    HN62   sing N N 178 
NCO N6    HN63   sing N N 179 
P5P N1    C2     sing Y N 180 
P5P N1    C6     doub Y N 181 
P5P C2    N3     doub Y N 182 
P5P C2    H2     sing N N 183 
P5P N3    C4     sing Y N 184 
P5P C4    C5     doub Y N 185 
P5P C4    N9     sing Y N 186 
P5P C5    C6     sing Y N 187 
P5P C5    N7     sing Y N 188 
P5P C6    H6     sing N N 189 
P5P N7    C8     doub Y N 190 
P5P C8    N9     sing Y N 191 
P5P C8    H8     sing N N 192 
P5P N9    "C1'"  sing N N 193 
P5P "C1'" "C2'"  sing N N 194 
P5P "C1'" "O4'"  sing N N 195 
P5P "C1'" "H1'"  sing N N 196 
P5P "C2'" "O2'"  sing N N 197 
P5P "C2'" "C3'"  sing N N 198 
P5P "C2'" "H2'"  sing N N 199 
P5P "O2'" "HO2'" sing N N 200 
P5P "C3'" "O3'"  sing N N 201 
P5P "C3'" "C4'"  sing N N 202 
P5P "C3'" "H3'"  sing N N 203 
P5P "O3'" "HO3'" sing N N 204 
P5P "C4'" "O4'"  sing N N 205 
P5P "C4'" "C5'"  sing N N 206 
P5P "C4'" "H4'"  sing N N 207 
P5P "C5'" "O5'"  sing N N 208 
P5P "C5'" "H5'1" sing N N 209 
P5P "C5'" "H5'2" sing N N 210 
P5P "O5'" P      sing N N 211 
P5P P     OP1    doub N N 212 
P5P P     OP2    sing N N 213 
P5P P     OP3    sing N N 214 
P5P OP2   HOP2   sing N N 215 
P5P OP3   HOP3   sing N N 216 
S9L O3P   P      sing N N 217 
S9L O3P   HO3P   sing N N 218 
S9L P     O2P    doub N N 219 
S9L P     O1P    sing N N 220 
S9L P     "O5'"  sing N N 221 
S9L O1P   HO1P   sing N N 222 
S9L "O5'" C12    sing N N 223 
S9L C12   C22    sing N N 224 
S9L C12   H121   sing N N 225 
S9L C12   H122   sing N N 226 
S9L C22   OH3    sing N N 227 
S9L C22   H221   sing N N 228 
S9L C22   H222   sing N N 229 
S9L OH3   C23    sing N N 230 
S9L C13   C23    sing N N 231 
S9L C13   OH4    sing N N 232 
S9L C13   H131   sing N N 233 
S9L C13   H132   sing N N 234 
S9L C23   H231   sing N N 235 
S9L C23   H232   sing N N 236 
S9L OH4   C24    sing N N 237 
S9L C14   C24    sing N N 238 
S9L C14   "O3'"  sing N N 239 
S9L C14   H141   sing N N 240 
S9L C14   H142   sing N N 241 
S9L C24   H241   sing N N 242 
S9L C24   H242   sing N N 243 
S9L "O3'" "HO3'" sing N N 244 
SO4 S     O1     doub N N 245 
SO4 S     O2     doub N N 246 
SO4 S     O3     sing N N 247 
SO4 S     O4     sing N N 248 
U   OP3   P      sing N N 249 
U   OP3   HOP3   sing N N 250 
U   P     OP1    doub N N 251 
U   P     OP2    sing N N 252 
U   P     "O5'"  sing N N 253 
U   OP2   HOP2   sing N N 254 
U   "O5'" "C5'"  sing N N 255 
U   "C5'" "C4'"  sing N N 256 
U   "C5'" "H5'"  sing N N 257 
U   "C5'" "H5''" sing N N 258 
U   "C4'" "O4'"  sing N N 259 
U   "C4'" "C3'"  sing N N 260 
U   "C4'" "H4'"  sing N N 261 
U   "O4'" "C1'"  sing N N 262 
U   "C3'" "O3'"  sing N N 263 
U   "C3'" "C2'"  sing N N 264 
U   "C3'" "H3'"  sing N N 265 
U   "O3'" "HO3'" sing N N 266 
U   "C2'" "O2'"  sing N N 267 
U   "C2'" "C1'"  sing N N 268 
U   "C2'" "H2'"  sing N N 269 
U   "O2'" "HO2'" sing N N 270 
U   "C1'" N1     sing N N 271 
U   "C1'" "H1'"  sing N N 272 
U   N1    C2     sing N N 273 
U   N1    C6     sing N N 274 
U   C2    O2     doub N N 275 
U   C2    N3     sing N N 276 
U   N3    C4     sing N N 277 
U   N3    H3     sing N N 278 
U   C4    O4     doub N N 279 
U   C4    C5     sing N N 280 
U   C5    C6     doub N N 281 
U   C5    H5     sing N N 282 
U   C6    H6     sing N N 283 
# 
loop_
_ndb_struct_conf_na.entry_id 
_ndb_struct_conf_na.feature 
4G6S 'double helix'         
4G6S 'a-form double helix'  
4G6S 'bulge loop'           
4G6S 'mismatched base pair' 
4G6S 'internal loop'        
# 
loop_
_ndb_struct_na_base_pair.model_number 
_ndb_struct_na_base_pair.i_label_asym_id 
_ndb_struct_na_base_pair.i_label_comp_id 
_ndb_struct_na_base_pair.i_label_seq_id 
_ndb_struct_na_base_pair.i_symmetry 
_ndb_struct_na_base_pair.j_label_asym_id 
_ndb_struct_na_base_pair.j_label_comp_id 
_ndb_struct_na_base_pair.j_label_seq_id 
_ndb_struct_na_base_pair.j_symmetry 
_ndb_struct_na_base_pair.shear 
_ndb_struct_na_base_pair.stretch 
_ndb_struct_na_base_pair.stagger 
_ndb_struct_na_base_pair.buckle 
_ndb_struct_na_base_pair.propeller 
_ndb_struct_na_base_pair.opening 
_ndb_struct_na_base_pair.pair_number 
_ndb_struct_na_base_pair.pair_name 
_ndb_struct_na_base_pair.i_auth_asym_id 
_ndb_struct_na_base_pair.i_auth_seq_id 
_ndb_struct_na_base_pair.i_PDB_ins_code 
_ndb_struct_na_base_pair.j_auth_asym_id 
_ndb_struct_na_base_pair.j_auth_seq_id 
_ndb_struct_na_base_pair.j_PDB_ins_code 
_ndb_struct_na_base_pair.hbond_type_28 
_ndb_struct_na_base_pair.hbond_type_12 
1 A C   2  1_555 B G   12 1_555 0.321  -0.204 -0.162 3.991   -21.180 1.944    1  A_C2:G13_B    A 2  ? B 13 ? 19 1  
1 A C   3  1_555 B G   11 1_555 -0.092 -0.122 -0.160 -1.414  -6.358  -1.276   2  A_C3:G12_B    A 3  ? B 12 ? 19 1  
1 A C   4  1_555 B G   10 1_555 0.184  0.026  -0.030 0.604   0.647   4.350    3  A_C4:G11_B    A 4  ? B 11 ? 19 1  
1 A 3DA 5  1_555 B A   8  1_555 6.493  -3.867 -0.664 7.895   -9.456  -24.668  4  A_3DA5:A9_B   A 5  ? B 9  ? ?  10 
1 A C   8  1_555 B A   6  1_555 -2.678 0.896  -1.169 31.209  -13.087 2.219    5  A_C8:A7_B     A 8  ? B 7  ? ?  ?  
1 A C   9  1_555 B G   5  1_555 -0.436 0.366  -0.062 13.207  -14.979 6.436    6  A_C9:G6_B     A 9  ? B 6  ? ?  1  
1 A A   10 1_555 B U   4  1_555 0.651  -0.071 0.711  5.535   -13.328 0.754    7  A_A10:U5_B    A 10 ? B 5  ? 20 1  
1 A C   11 1_555 B G   3  1_555 0.251  0.230  0.351  1.502   -11.475 3.884    8  A_C11:G4_B    A 11 ? B 4  ? 19 1  
1 A C   12 1_555 B G   2  1_555 0.713  -0.229 0.375  0.830   -11.118 2.818    9  A_C12:G3_B    A 12 ? B 3  ? 19 1  
1 A G   13 1_555 B C   1  1_555 -0.798 0.073  0.388  0.177   -7.153  6.497    10 A_G13:C2_B    A 13 ? B 2  ? 19 1  
1 B G   14 1_555 C C   19 1_555 -0.717 0.111  0.895  9.695   -7.967  4.046    11 B_G15:C49_C   B 15 ? C 49 ? ?  1  
1 B G   15 1_555 C C   18 1_555 -0.606 0.027  0.519  12.493  -10.706 4.320    12 B_G16:C48_C   B 16 ? C 48 ? 19 1  
1 B C   16 1_555 C G   17 1_555 -0.386 0.099  0.621  -3.114  -7.817  2.146    13 B_C17:G47_C   B 17 ? C 47 ? 19 1  
1 B A   17 1_555 C U   16 1_555 -0.432 -0.066 0.237  1.257   -7.284  5.244    14 B_A18:U46_C   B 18 ? C 46 ? 20 1  
1 B G   18 1_555 C C   15 1_555 -0.089 -0.023 -0.682 -15.151 -11.562 3.905    15 B_G19:C45_C   B 19 ? C 45 ? 19 1  
1 B A   19 1_555 C C   14 1_555 2.236  0.401  0.023  -8.344  -6.302  15.389   16 B_A20:C44_C   B 20 ? C 44 ? ?  ?  
1 B G   20 1_555 C A   13 1_555 6.951  -4.391 0.210  -8.424  -1.099  -9.999   17 B_G21:A43_C   B 21 ? C 43 ? 11 10 
1 B A   21 1_555 C U   11 1_555 -3.881 -1.475 -0.622 -2.029  -11.939 -98.494  18 B_A22:U41_C   B 22 ? C 41 ? 24 4  
1 B A   22 1_555 C A   10 1_555 -4.458 0.880  -0.425 3.934   -19.291 -87.280  19 B_A23:A40_C   B 23 ? C 40 ? ?  ?  
1 B A   23 1_555 C P5P 8  1_555 5.352  3.153  -0.780 -1.666  -10.125 -150.340 20 B_A24:P5P38_C B 24 ? C 38 ? ?  ?  
1 B C   24 1_555 A G   6  1_555 0.179  0.064  -0.129 19.486  -10.393 -0.326   21 B_C25:G6_A    B 25 ? A 6  ? 19 1  
1 B A   25 1_555 C G   6  1_555 0.232  1.436  -0.638 -8.917  -20.487 -14.807  22 B_A26:G36_C   B 26 ? C 36 ? 8  1  
1 B C   26 1_555 C G   5  1_555 -0.284 -0.134 -0.011 9.614   -19.303 0.523    23 B_C27:G35_C   B 27 ? C 35 ? 19 1  
1 B A   27 1_555 C U   4  1_555 0.144  -0.084 0.847  12.857  -15.530 -0.310   24 B_A28:U34_C   B 28 ? C 34 ? 20 1  
1 B C   28 1_555 C G   3  1_555 0.182  0.207  -0.167 14.948  -10.339 5.652    25 B_C29:G33_C   B 29 ? C 33 ? 19 1  
1 B G   29 1_555 C C   2  1_555 -0.335 0.070  0.372  -8.463  -12.326 0.388    26 B_G30:C32_C   B 30 ? C 32 ? 19 1  
1 B A   30 1_555 C U   1  1_555 0.206  0.026  0.830  3.799   -2.271  1.200    27 B_A31:U31_C   B 31 ? C 31 ? 20 1  
# 
loop_
_ndb_struct_na_base_pair_step.model_number 
_ndb_struct_na_base_pair_step.i_label_asym_id_1 
_ndb_struct_na_base_pair_step.i_label_comp_id_1 
_ndb_struct_na_base_pair_step.i_label_seq_id_1 
_ndb_struct_na_base_pair_step.i_symmetry_1 
_ndb_struct_na_base_pair_step.j_label_asym_id_1 
_ndb_struct_na_base_pair_step.j_label_comp_id_1 
_ndb_struct_na_base_pair_step.j_label_seq_id_1 
_ndb_struct_na_base_pair_step.j_symmetry_1 
_ndb_struct_na_base_pair_step.i_label_asym_id_2 
_ndb_struct_na_base_pair_step.i_label_comp_id_2 
_ndb_struct_na_base_pair_step.i_label_seq_id_2 
_ndb_struct_na_base_pair_step.i_symmetry_2 
_ndb_struct_na_base_pair_step.j_label_asym_id_2 
_ndb_struct_na_base_pair_step.j_label_comp_id_2 
_ndb_struct_na_base_pair_step.j_label_seq_id_2 
_ndb_struct_na_base_pair_step.j_symmetry_2 
_ndb_struct_na_base_pair_step.shift 
_ndb_struct_na_base_pair_step.slide 
_ndb_struct_na_base_pair_step.rise 
_ndb_struct_na_base_pair_step.tilt 
_ndb_struct_na_base_pair_step.roll 
_ndb_struct_na_base_pair_step.twist 
_ndb_struct_na_base_pair_step.x_displacement 
_ndb_struct_na_base_pair_step.y_displacement 
_ndb_struct_na_base_pair_step.helical_rise 
_ndb_struct_na_base_pair_step.inclination 
_ndb_struct_na_base_pair_step.tip 
_ndb_struct_na_base_pair_step.helical_twist 
_ndb_struct_na_base_pair_step.step_number 
_ndb_struct_na_base_pair_step.step_name 
_ndb_struct_na_base_pair_step.i_auth_asym_id_1 
_ndb_struct_na_base_pair_step.i_auth_seq_id_1 
_ndb_struct_na_base_pair_step.i_PDB_ins_code_1 
_ndb_struct_na_base_pair_step.j_auth_asym_id_1 
_ndb_struct_na_base_pair_step.j_auth_seq_id_1 
_ndb_struct_na_base_pair_step.j_PDB_ins_code_1 
_ndb_struct_na_base_pair_step.i_auth_asym_id_2 
_ndb_struct_na_base_pair_step.i_auth_seq_id_2 
_ndb_struct_na_base_pair_step.i_PDB_ins_code_2 
_ndb_struct_na_base_pair_step.j_auth_asym_id_2 
_ndb_struct_na_base_pair_step.j_auth_seq_id_2 
_ndb_struct_na_base_pair_step.j_PDB_ins_code_2 
1 A C   2  1_555 B G   12 1_555 A C   3  1_555 B G   11 1_555 -0.556 -1.794 3.479 -1.299  7.477  28.991  -5.017 0.808  2.956 
14.621 2.540   29.947  1  AA_C2C3:G12G13_BB     A 2  ? B 13 ? A 3  ? B 12 ? 
1 A C   3  1_555 B G   11 1_555 A C   4  1_555 B G   10 1_555 0.911  -1.441 3.433 1.227   10.318 28.609  -4.779 -1.495 2.792 
20.063 -2.385  30.400  2  AA_C3C4:G11G12_BB     A 3  ? B 12 ? A 4  ? B 11 ? 
1 A C   4  1_555 B G   10 1_555 A 3DA 5  1_555 B A   8  1_555 0.246  -0.726 5.251 -1.622  23.554 75.837  -1.599 -0.265 4.890 
18.738 1.291   78.896  3  AA_C43DA5:A9G11_BB    A 4  ? B 11 ? A 5  ? B 9  ? 
1 A 3DA 5  1_555 B A   8  1_555 A C   8  1_555 B A   6  1_555 -1.046 -0.589 5.988 11.632  10.012 62.033  -1.342 1.903  5.591 9.560 
-11.106 63.719  4  AA_3DA5C8:A7A9_BB     A 5  ? B 9  ? A 8  ? B 7  ? 
1 A C   8  1_555 B A   6  1_555 A C   9  1_555 B G   5  1_555 0.255  -1.352 3.944 -7.092  8.821  34.840  -3.553 -1.531 3.399 
14.273 11.475  36.579  5  AA_C8C9:G6A7_BB       A 8  ? B 7  ? A 9  ? B 6  ? 
1 A C   9  1_555 B G   5  1_555 A A   10 1_555 B U   4  1_555 -0.487 -2.075 3.312 -6.754  10.632 38.443  -4.139 -0.013 2.712 
15.644 9.937   40.379  6  AA_C9A10:U5G6_BB      A 9  ? B 6  ? A 10 ? B 5  ? 
1 A A   10 1_555 B U   4  1_555 A C   11 1_555 B G   3  1_555 -0.460 -1.475 3.336 1.942   4.879  26.625  -4.344 1.459  2.983 
10.466 -4.166  27.129  7  AA_A10C11:G4U5_BB     A 10 ? B 5  ? A 11 ? B 4  ? 
1 A C   11 1_555 B G   3  1_555 A C   12 1_555 B G   2  1_555 -0.010 -2.063 3.102 0.091   5.618  36.594  -3.931 0.026  2.766 8.883 
-0.144  37.009  8  AA_C11C12:G3G4_BB     A 11 ? B 4  ? A 12 ? B 3  ? 
1 A C   12 1_555 B G   2  1_555 A G   13 1_555 B C   1  1_555 0.187  -1.959 3.077 1.630   6.570  24.800  -6.008 -0.024 2.490 
14.946 -3.708  25.693  9  AA_C12G13:C2G3_BB     A 12 ? B 3  ? A 13 ? B 2  ? 
1 B G   14 1_555 C C   19 1_555 B G   15 1_555 C C   18 1_555 -0.682 -1.080 3.014 -1.530  9.031  34.734  -2.899 0.913  2.685 
14.811 2.510   35.886  10 BB_G15G16:C48C49_CC   B 15 ? C 49 ? B 16 ? C 48 ? 
1 B G   15 1_555 C C   18 1_555 B C   16 1_555 C G   17 1_555 0.102  -1.552 3.542 -4.095  11.530 36.417  -3.824 -0.674 2.908 
17.840 6.337   38.352  11 BB_G16C17:G47C48_CC   B 16 ? C 48 ? B 17 ? C 47 ? 
1 B C   16 1_555 C G   17 1_555 B A   17 1_555 C U   16 1_555 0.162  -1.896 2.894 -1.218  6.230  30.723  -4.479 -0.489 2.463 
11.604 2.268   31.357  12 BB_C17A18:U46G47_CC   B 17 ? C 47 ? B 18 ? C 46 ? 
1 B A   17 1_555 C U   16 1_555 B G   18 1_555 C C   15 1_555 -0.197 -1.895 3.816 4.717   6.578  31.642  -4.634 1.256  3.303 
11.823 -8.478  32.636  13 BB_A18G19:C45U46_CC   B 18 ? C 46 ? B 19 ? C 45 ? 
1 B G   18 1_555 C C   15 1_555 B A   19 1_555 C C   14 1_555 1.129  -1.449 3.120 -3.062  4.393  37.779  -2.725 -2.082 2.844 6.743 
4.699   38.143  14 BB_G19A20:C44C45_CC   B 19 ? C 45 ? B 20 ? C 44 ? 
1 B A   19 1_555 C C   14 1_555 B G   20 1_555 C A   13 1_555 -0.772 -1.136 3.292 8.468   7.614  59.294  -1.495 1.172  3.014 7.619 
-8.474  60.280  15 BB_A20G21:A43C44_CC   B 20 ? C 44 ? B 21 ? C 43 ? 
1 B G   20 1_555 C A   13 1_555 B A   21 1_555 C U   11 1_555 -2.239 -0.307 3.427 3.836   0.831  13.482  -2.004 12.617 2.664 3.444 
-15.906 14.039  16 BB_G21A22:U41A43_CC   B 21 ? C 43 ? B 22 ? C 41 ? 
1 B A   21 1_555 C U   11 1_555 B A   22 1_555 C A   10 1_555 0.097  -1.866 3.377 -11.310 3.465  42.526  -2.817 -1.204 3.101 4.670 
15.243  44.067  17 BB_A22A23:A40U41_CC   B 22 ? C 41 ? B 23 ? C 40 ? 
1 B A   22 1_555 C A   10 1_555 B A   23 1_555 C P5P 8  1_555 -3.454 -2.847 3.731 -2.646  1.951  75.227  -2.399 2.735  3.769 1.597 
2.166   75.289  18 BB_A23A24:P5P38A40_CC B 23 ? C 40 ? B 24 ? C 38 ? 
1 B A   23 1_555 C P5P 8  1_555 B C   24 1_555 A G   6  1_555 2.116  0.057  2.891 -1.820  3.585  -33.747 -0.614 3.359  2.976 
-6.148 -3.122  -33.979 19 BB_A24C25:G6P5P38_AC  B 24 ? C 38 ? B 25 ? A 6  ? 
1 B C   24 1_555 A G   6  1_555 B A   25 1_555 C G   6  1_555 0.385  -2.035 3.928 5.464   7.864  48.653  -3.105 0.010  3.599 9.439 
-6.558  49.530  20 BB_C25A26:G36G6_CA    B 25 ? A 6  ? B 26 ? C 36 ? 
1 B A   25 1_555 C G   6  1_555 B C   26 1_555 C G   5  1_555 1.100  -0.637 2.878 -5.238  2.350  25.787  -1.919 -3.577 2.541 5.183 
11.555  26.408  21 BB_A26C27:G35G36_CC   B 26 ? C 36 ? B 27 ? C 35 ? 
1 B C   26 1_555 C G   5  1_555 B A   27 1_555 C U   4  1_555 0.455  -1.141 3.047 -4.349  3.276  39.167  -2.038 -1.138 2.881 4.858 
6.450   39.529  22 BB_C27A28:U34G35_CC   B 27 ? C 35 ? B 28 ? C 34 ? 
1 B A   27 1_555 C U   4  1_555 B C   28 1_555 C G   3  1_555 0.667  -1.222 3.191 9.664   1.153  32.643  -2.272 0.402  3.209 1.996 
-16.735 34.025  23 BB_A28C29:G33U34_CC   B 28 ? C 34 ? B 29 ? C 33 ? 
1 B C   28 1_555 C G   3  1_555 B G   29 1_555 C C   2  1_555 0.326  -1.647 3.625 0.230   12.050 33.070  -4.575 -0.505 2.871 
20.347 -0.388  35.140  24 BB_C29G30:C32G33_CC   B 29 ? C 33 ? B 30 ? C 32 ? 
1 B G   29 1_555 C C   2  1_555 B A   30 1_555 C U   1  1_555 0.995  -1.760 2.739 2.216   0.095  31.604  -3.240 -1.477 2.795 0.175 
-4.062  31.680  25 BB_G30A31:U31C32_CC   B 30 ? C 32 ? B 31 ? C 31 ? 
# 
_atom_sites.entry_id                    4G6S 
_atom_sites.fract_transf_matrix[1][1]   0.01202295 
_atom_sites.fract_transf_matrix[1][2]   -0.00113444 
_atom_sites.fract_transf_matrix[1][3]   0.00227215 
_atom_sites.fract_transf_matrix[2][1]   0.00397924 
_atom_sites.fract_transf_matrix[2][2]   -0.00122164 
_atom_sites.fract_transf_matrix[2][3]   0.01156150 
_atom_sites.fract_transf_matrix[3][1]   -0.00058932 
_atom_sites.fract_transf_matrix[3][2]   -0.00740700 
_atom_sites.fract_transf_matrix[3][3]   -0.00057982 
_atom_sites.fract_transf_vector[1]      0.434817 
_atom_sites.fract_transf_vector[2]      0.213804 
_atom_sites.fract_transf_vector[3]      0.383330 
# 
loop_
_atom_type.symbol 
C  
CO 
N  
O  
P  
S  
# 
loop_
_atom_site.group_PDB 
_atom_site.id 
_atom_site.type_symbol 
_atom_site.label_atom_id 
_atom_site.label_alt_id 
_atom_site.label_comp_id 
_atom_site.label_asym_id 
_atom_site.label_entity_id 
_atom_site.label_seq_id 
_atom_site.pdbx_PDB_ins_code 
_atom_site.Cartn_x 
_atom_site.Cartn_y 
_atom_site.Cartn_z 
_atom_site.occupancy 
_atom_site.B_iso_or_equiv 
_atom_site.pdbx_formal_charge 
_atom_site.auth_seq_id 
_atom_site.auth_comp_id 
_atom_site.auth_asym_id 
_atom_site.auth_atom_id 
_atom_site.pdbx_PDB_model_num 
ATOM   1    O  "O5'" A U   A 1 1  ? 12.079  -10.662 9.729   0.51 72.72  ? 1   U   A "O5'" 1 
ATOM   2    O  "O5'" B U   A 1 1  ? 10.878  -11.665 6.980   0.49 74.79  ? 1   U   A "O5'" 1 
ATOM   3    C  "C5'" A U   A 1 1  ? 12.299  -12.065 9.673   0.51 73.10  ? 1   U   A "C5'" 1 
ATOM   4    C  "C5'" B U   A 1 1  ? 11.920  -12.455 7.536   0.49 72.17  ? 1   U   A "C5'" 1 
ATOM   5    C  "C4'" A U   A 1 1  ? 11.404  -12.810 10.636  0.51 72.40  ? 1   U   A "C4'" 1 
ATOM   6    C  "C4'" B U   A 1 1  ? 11.744  -12.652 9.024   0.49 73.12  ? 1   U   A "C4'" 1 
ATOM   7    O  "O4'" A U   A 1 1  ? 11.592  -12.313 11.985  0.51 73.35  ? 1   U   A "O4'" 1 
ATOM   8    O  "O4'" B U   A 1 1  ? 12.532  -11.678 9.756   0.49 73.26  ? 1   U   A "O4'" 1 
ATOM   9    C  "C3'" A U   A 1 1  ? 9.911   -12.674 10.410  0.51 74.45  ? 1   U   A "C3'" 1 
ATOM   10   C  "C3'" B U   A 1 1  ? 10.346  -12.439 9.585   0.49 75.59  ? 1   U   A "C3'" 1 
ATOM   11   O  "O3'" A U   A 1 1  ? 9.442   -13.491 9.346   0.51 80.07  ? 1   U   A "O3'" 1 
ATOM   12   O  "O3'" B U   A 1 1  ? 9.451   -13.496 9.315   0.49 80.13  ? 1   U   A "O3'" 1 
ATOM   13   C  "C2'" A U   A 1 1  ? 9.343   -13.052 11.773  0.51 74.71  ? 1   U   A "C2'" 1 
ATOM   14   C  "C2'" B U   A 1 1  ? 10.631  -12.261 11.060  0.49 72.61  ? 1   U   A "C2'" 1 
ATOM   15   O  "O2'" A U   A 1 1  ? 9.353   -14.463 11.938  0.51 77.63  ? 1   U   A "O2'" 1 
ATOM   16   O  "O2'" B U   A 1 1  ? 10.925  -13.512 11.658  0.49 73.56  ? 1   U   A "O2'" 1 
ATOM   17   C  "C1'" A U   A 1 1  ? 10.391  -12.454 12.718  0.51 73.22  ? 1   U   A "C1'" 1 
ATOM   18   C  "C1'" B U   A 1 1  ? 11.913  -11.427 11.008  0.49 72.56  ? 1   U   A "C1'" 1 
ATOM   19   N  N1    A U   A 1 1  ? 9.999   -11.122 13.243  0.51 71.84  ? 1   U   A N1    1 
ATOM   20   N  N1    B U   A 1 1  ? 11.625  -9.973  11.142  0.49 71.13  ? 1   U   A N1    1 
ATOM   21   C  C2    A U   A 1 1  ? 9.046   -10.988 14.258  0.51 72.76  ? 1   U   A C2    1 
ATOM   22   C  C2    B U   A 1 1  ? 10.765  -9.720  12.193  0.49 70.42  ? 1   U   A C2    1 
ATOM   23   O  O2    A U   A 1 1  ? 8.446   -11.918 14.772  0.51 73.15  ? 1   U   A O2    1 
ATOM   24   O  O2    B U   A 1 1  ? 10.317  -10.592 12.915  0.49 71.51  ? 1   U   A O2    1 
ATOM   25   N  N3    A U   A 1 1  ? 8.787   -9.691  14.651  0.51 70.43  ? 1   U   A N3    1 
ATOM   26   N  N3    B U   A 1 1  ? 10.441  -8.415  12.396  0.49 69.97  ? 1   U   A N3    1 
ATOM   27   C  C4    A U   A 1 1  ? 9.379   -8.540  14.153  0.51 70.79  ? 1   U   A C4    1 
ATOM   28   C  C4    B U   A 1 1  ? 10.878  -7.335  11.675  0.49 72.06  ? 1   U   A C4    1 
ATOM   29   O  O4    A U   A 1 1  ? 9.052   -7.439  14.596  0.51 70.84  ? 1   U   A O4    1 
ATOM   30   O  O4    B U   A 1 1  ? 10.444  -6.236  12.049  0.49 72.51  ? 1   U   A O4    1 
ATOM   31   C  C5    A U   A 1 1  ? 10.350  -8.760  13.124  0.51 70.32  ? 1   U   A C5    1 
ATOM   32   C  C5    B U   A 1 1  ? 11.785  -7.645  10.584  0.49 68.56  ? 1   U   A C5    1 
ATOM   33   C  C6    A U   A 1 1  ? 10.618  -10.007 12.720  0.51 70.88  ? 1   U   A C6    1 
ATOM   34   C  C6    B U   A 1 1  ? 12.118  -8.933  10.359  0.49 69.74  ? 1   U   A C6    1 
ATOM   35   P  P     . C   A 1 2  ? 8.030   -13.181 8.635   1.00 90.08  ? 2   C   A P     1 
ATOM   36   O  OP1   . C   A 1 2  ? 7.190   -14.401 8.775   1.00 83.77  ? 2   C   A OP1   1 
ATOM   37   O  OP2   . C   A 1 2  ? 8.313   -12.648 7.264   1.00 67.15  ? 2   C   A OP2   1 
ATOM   38   O  "O5'" . C   A 1 2  ? 7.425   -12.032 9.550   1.00 75.37  ? 2   C   A "O5'" 1 
ATOM   39   C  "C5'" . C   A 1 2  ? 6.397   -12.335 10.462  1.00 70.51  ? 2   C   A "C5'" 1 
ATOM   40   C  "C4'" . C   A 1 2  ? 5.911   -11.104 11.163  1.00 73.79  ? 2   C   A "C4'" 1 
ATOM   41   O  "O4'" . C   A 1 2  ? 7.031   -10.269 11.518  1.00 72.24  ? 2   C   A "O4'" 1 
ATOM   42   C  "C3'" . C   A 1 2  ? 5.025   -10.175 10.361  1.00 72.36  ? 2   C   A "C3'" 1 
ATOM   43   O  "O3'" . C   A 1 2  ? 3.697   -10.641 10.254  1.00 68.39  ? 2   C   A "O3'" 1 
ATOM   44   C  "C2'" . C   A 1 2  ? 5.154   -8.879  11.148  1.00 73.86  ? 2   C   A "C2'" 1 
ATOM   45   O  "O2'" . C   A 1 2  ? 4.392   -8.946  12.354  1.00 71.15  ? 2   C   A "O2'" 1 
ATOM   46   C  "C1'" . C   A 1 2  ? 6.633   -8.920  11.518  1.00 67.36  ? 2   C   A "C1'" 1 
ATOM   47   N  N1    . C   A 1 2  ? 7.467   -8.207  10.559  1.00 65.22  ? 2   C   A N1    1 
ATOM   48   C  C2    . C   A 1 2  ? 7.487   -6.819  10.584  1.00 67.66  ? 2   C   A C2    1 
ATOM   49   O  O2    . C   A 1 2  ? 6.748   -6.227  11.394  1.00 67.66  ? 2   C   A O2    1 
ATOM   50   N  N3    . C   A 1 2  ? 8.288   -6.169  9.716   1.00 65.48  ? 2   C   A N3    1 
ATOM   51   C  C4    . C   A 1 2  ? 9.035   -6.877  8.875   1.00 66.18  ? 2   C   A C4    1 
ATOM   52   N  N4    . C   A 1 2  ? 9.807   -6.216  8.021   1.00 69.35  ? 2   C   A N4    1 
ATOM   53   C  C5    . C   A 1 2  ? 9.034   -8.300  8.848   1.00 68.34  ? 2   C   A C5    1 
ATOM   54   C  C6    . C   A 1 2  ? 8.246   -8.927  9.718   1.00 66.77  ? 2   C   A C6    1 
ATOM   55   P  P     . C   A 1 3  ? 2.941   -10.577 8.850   1.00 71.31  ? 3   C   A P     1 
ATOM   56   O  OP1   . C   A 1 3  ? 1.871   -11.590 8.894   1.00 63.35  ? 3   C   A OP1   1 
ATOM   57   O  OP2   . C   A 1 3  ? 3.963   -10.670 7.781   1.00 72.12  ? 3   C   A OP2   1 
ATOM   58   O  "O5'" . C   A 1 3  ? 2.329   -9.119  8.861   1.00 68.60  ? 3   C   A "O5'" 1 
ATOM   59   C  "C5'" . C   A 1 3  ? 1.659   -8.627  9.994   1.00 61.98  ? 3   C   A "C5'" 1 
ATOM   60   C  "C4'" . C   A 1 3  ? 1.402   -7.156  9.868   1.00 63.44  ? 3   C   A "C4'" 1 
ATOM   61   O  "O4'" . C   A 1 3  ? 2.625   -6.437  10.109  1.00 61.87  ? 3   C   A "O4'" 1 
ATOM   62   C  "C3'" . C   A 1 3  ? 0.956   -6.668  8.503   1.00 64.39  ? 3   C   A "C3'" 1 
ATOM   63   O  "O3'" . C   A 1 3  ? -0.420  -6.878  8.267   1.00 63.68  ? 3   C   A "O3'" 1 
ATOM   64   C  "C2'" . C   A 1 3  ? 1.356   -5.199  8.531   1.00 65.27  ? 3   C   A "C2'" 1 
ATOM   65   O  "O2'" . C   A 1 3  ? 0.410   -4.425  9.247   1.00 63.91  ? 3   C   A "O2'" 1 
ATOM   66   C  "C1'" . C   A 1 3  ? 2.642   -5.253  9.344   1.00 62.78  ? 3   C   A "C1'" 1 
ATOM   67   N  N1    . C   A 1 3  ? 3.839   -5.269  8.495   1.00 67.15  ? 3   C   A N1    1 
ATOM   68   C  C2    . C   A 1 3  ? 4.314   -4.039  8.047   1.00 69.49  ? 3   C   A C2    1 
ATOM   69   O  O2    . C   A 1 3  ? 3.665   -3.027  8.369   1.00 69.98  ? 3   C   A O2    1 
ATOM   70   N  N3    . C   A 1 3  ? 5.438   -3.997  7.288   1.00 68.90  ? 3   C   A N3    1 
ATOM   71   C  C4    . C   A 1 3  ? 6.078   -5.130  6.976   1.00 68.38  ? 3   C   A C4    1 
ATOM   72   N  N4    . C   A 1 3  ? 7.174   -5.059  6.199   1.00 66.32  ? 3   C   A N4    1 
ATOM   73   C  C5    . C   A 1 3  ? 5.603   -6.395  7.440   1.00 66.48  ? 3   C   A C5    1 
ATOM   74   C  C6    . C   A 1 3  ? 4.493   -6.427  8.194   1.00 65.68  ? 3   C   A C6    1 
ATOM   75   P  P     . C   A 1 4  ? -0.950  -7.254  6.794   1.00 75.55  ? 4   C   A P     1 
ATOM   76   O  OP1   . C   A 1 4  ? -2.407  -7.495  6.902   1.00 72.96  ? 4   C   A OP1   1 
ATOM   77   O  OP2   . C   A 1 4  ? -0.085  -8.342  6.271   1.00 69.80  ? 4   C   A OP2   1 
ATOM   78   O  "O5'" . C   A 1 4  ? -0.691  -5.920  5.985   1.00 70.23  ? 4   C   A "O5'" 1 
ATOM   79   C  "C5'" . C   A 1 4  ? -1.254  -4.698  6.421   1.00 66.75  ? 4   C   A "C5'" 1 
ATOM   80   C  "C4'" . C   A 1 4  ? -0.785  -3.565  5.565   1.00 72.24  ? 4   C   A "C4'" 1 
ATOM   81   O  "O4'" . C   A 1 4  ? 0.618   -3.334  5.805   1.00 75.62  ? 4   C   A "O4'" 1 
ATOM   82   C  "C3'" . C   A 1 4  ? -0.864  -3.791  4.064   1.00 70.54  ? 4   C   A "C3'" 1 
ATOM   83   O  "O3'" . C   A 1 4  ? -2.163  -3.549  3.548   1.00 68.85  ? 4   C   A "O3'" 1 
ATOM   84   C  "C2'" . C   A 1 4  ? 0.187   -2.825  3.524   1.00 69.97  ? 4   C   A "C2'" 1 
ATOM   85   O  "O2'" . C   A 1 4  ? -0.354  -1.526  3.413   1.00 73.23  ? 4   C   A "O2'" 1 
ATOM   86   C  "C1'" . C   A 1 4  ? 1.220   -2.806  4.649   1.00 68.61  ? 4   C   A "C1'" 1 
ATOM   87   N  N1    . C   A 1 4  ? 2.441   -3.578  4.331   1.00 69.64  ? 4   C   A N1    1 
ATOM   88   C  C2    . C   A 1 4  ? 3.476   -2.861  3.717   1.00 75.83  ? 4   C   A C2    1 
ATOM   89   O  O2    . C   A 1 4  ? 3.269   -1.657  3.482   1.00 77.62  ? 4   C   A O2    1 
ATOM   90   N  N3    . C   A 1 4  ? 4.652   -3.469  3.388   1.00 72.67  ? 4   C   A N3    1 
ATOM   91   C  C4    . C   A 1 4  ? 4.815   -4.765  3.656   1.00 71.66  ? 4   C   A C4    1 
ATOM   92   N  N4    . C   A 1 4  ? 5.984   -5.326  3.323   1.00 73.75  ? 4   C   A N4    1 
ATOM   93   C  C5    . C   A 1 4  ? 3.780   -5.522  4.292   1.00 69.07  ? 4   C   A C5    1 
ATOM   94   C  C6    . C   A 1 4  ? 2.629   -4.900  4.618   1.00 70.89  ? 4   C   A C6    1 
HETATM 95   P  P     . 3DA A 1 5  ? -2.877  -4.367  2.372   1.00 77.11  ? 5   3DA A P     1 
HETATM 96   O  O1P   . 3DA A 1 5  ? -4.247  -3.756  2.231   1.00 75.20  ? 5   3DA A O1P   1 
HETATM 97   O  O2P   . 3DA A 1 5  ? -2.736  -5.837  2.564   1.00 71.15  ? 5   3DA A O2P   1 
HETATM 98   O  "O5'" . 3DA A 1 5  ? -1.954  -4.055  1.114   1.00 74.59  ? 5   3DA A "O5'" 1 
HETATM 99   C  "C5'" . 3DA A 1 5  ? -1.793  -2.751  0.557   1.00 76.73  ? 5   3DA A "C5'" 1 
HETATM 100  C  "C4'" . 3DA A 1 5  ? -0.905  -2.904  -0.646  1.00 76.03  ? 5   3DA A "C4'" 1 
HETATM 101  O  "O4'" . 3DA A 1 5  ? 0.468   -3.011  -0.204  1.00 78.61  ? 5   3DA A "O4'" 1 
HETATM 102  C  "C1'" . 3DA A 1 5  ? 1.182   -3.944  -0.995  1.00 82.50  ? 5   3DA A "C1'" 1 
HETATM 103  N  N9    . 3DA A 1 5  ? 1.668   -5.040  -0.178  1.00 81.17  ? 5   3DA A N9    1 
HETATM 104  C  C4    . 3DA A 1 5  ? 2.869   -5.686  -0.187  1.00 80.08  ? 5   3DA A C4    1 
HETATM 105  N  N3    . 3DA A 1 5  ? 3.969   -5.384  -0.888  1.00 82.88  ? 5   3DA A N3    1 
HETATM 106  C  C2    . 3DA A 1 5  ? 4.947   -6.254  -0.609  1.00 86.95  ? 5   3DA A C2    1 
HETATM 107  N  N1    . 3DA A 1 5  ? 4.958   -7.309  0.227   1.00 87.42  ? 5   3DA A N1    1 
HETATM 108  C  C6    . 3DA A 1 5  ? 3.834   -7.578  0.920   1.00 86.10  ? 5   3DA A C6    1 
HETATM 109  N  N6    . 3DA A 1 5  ? 3.817   -8.616  1.769   1.00 87.23  ? 5   3DA A N6    1 
HETATM 110  C  C5    . 3DA A 1 5  ? 2.734   -6.740  0.711   1.00 81.04  ? 5   3DA A C5    1 
HETATM 111  N  N7    . 3DA A 1 5  ? 1.472   -6.760  1.258   1.00 81.75  ? 5   3DA A N7    1 
HETATM 112  C  C8    . 3DA A 1 5  ? 0.874   -5.741  0.690   1.00 83.61  ? 5   3DA A C8    1 
HETATM 113  C  "C2'" . 3DA A 1 5  ? 0.199   -4.548  -1.997  1.00 80.87  ? 5   3DA A "C2'" 1 
HETATM 114  O  "O2'" . 3DA A 1 5  ? 0.344   -3.887  -3.245  1.00 85.49  ? 5   3DA A "O2'" 1 
HETATM 115  C  "C3'" . 3DA A 1 5  ? -1.167  -4.182  -1.420  1.00 75.51  ? 5   3DA A "C3'" 1 
ATOM   116  P  P     . G   A 1 6  ? 0.100   -4.569  -4.686  1.00 88.03  ? 6   G   A P     1 
ATOM   117  O  OP1   . G   A 1 6  ? 0.950   -5.780  -4.757  1.00 83.06  ? 6   G   A OP1   1 
ATOM   118  O  OP2   . G   A 1 6  ? -1.380  -4.709  -4.854  1.00 79.62  ? 6   G   A OP2   1 
ATOM   119  O  "O5'" . G   A 1 6  ? 0.637   -3.473  -5.671  1.00 80.00  ? 6   G   A "O5'" 1 
ATOM   120  C  "C5'" . G   A 1 6  ? 0.032   -2.195  -5.687  1.00 82.12  ? 6   G   A "C5'" 1 
ATOM   121  C  "C4'" . G   A 1 6  ? -0.847  -2.018  -6.891  1.00 79.12  ? 6   G   A "C4'" 1 
ATOM   122  O  "O4'" . G   A 1 6  ? -1.539  -0.745  -6.775  1.00 74.90  ? 6   G   A "O4'" 1 
ATOM   123  C  "C3'" . G   A 1 6  ? -0.084  -1.953  -8.196  1.00 83.16  ? 6   G   A "C3'" 1 
ATOM   124  O  "O3'" . G   A 1 6  ? -0.950  -2.325  -9.268  1.00 86.55  ? 6   G   A "O3'" 1 
ATOM   125  C  "C2'" . G   A 1 6  ? 0.248   -0.470  -8.275  1.00 79.11  ? 6   G   A "C2'" 1 
ATOM   126  O  "O2'" . G   A 1 6  ? 0.585   0.003   -9.559  1.00 80.30  ? 6   G   A "O2'" 1 
ATOM   127  C  "C1'" . G   A 1 6  ? -1.046  0.150   -7.748  1.00 77.14  ? 6   G   A "C1'" 1 
ATOM   128  N  N9    . G   A 1 6  ? -0.854  1.462   -7.123  1.00 76.09  ? 6   G   A N9    1 
ATOM   129  C  C8    . G   A 1 6  ? -1.727  2.521   -7.158  1.00 75.79  ? 6   G   A C8    1 
ATOM   130  N  N7    . G   A 1 6  ? -1.279  3.585   -6.550  1.00 74.88  ? 6   G   A N7    1 
ATOM   131  C  C5    . G   A 1 6  ? -0.018  3.213   -6.085  1.00 76.19  ? 6   G   A C5    1 
ATOM   132  C  C6    . G   A 1 6  ? 0.956   3.956   -5.348  1.00 72.49  ? 6   G   A C6    1 
ATOM   133  O  O6    . G   A 1 6  ? 0.900   5.133   -4.950  1.00 71.18  ? 6   G   A O6    1 
ATOM   134  N  N1    . G   A 1 6  ? 2.092   3.198   -5.083  1.00 68.74  ? 6   G   A N1    1 
ATOM   135  C  C2    . G   A 1 6  ? 2.266   1.891   -5.471  1.00 72.22  ? 6   G   A C2    1 
ATOM   136  N  N2    . G   A 1 6  ? 3.430   1.323   -5.123  1.00 64.80  ? 6   G   A N2    1 
ATOM   137  N  N3    . G   A 1 6  ? 1.372   1.193   -6.164  1.00 75.52  ? 6   G   A N3    1 
ATOM   138  C  C4    . G   A 1 6  ? 0.259   1.905   -6.438  1.00 75.01  ? 6   G   A C4    1 
ATOM   139  P  P     . U   A 1 7  ? -0.655  -3.658  -10.129 1.00 89.71  ? 7   U   A P     1 
ATOM   140  O  OP1   . U   A 1 7  ? -1.618  -3.658  -11.250 1.00 79.71  ? 7   U   A OP1   1 
ATOM   141  O  OP2   . U   A 1 7  ? -0.657  -4.807  -9.188  1.00 84.91  ? 7   U   A OP2   1 
ATOM   142  O  "O5'" . U   A 1 7  ? 0.815   -3.410  -10.684 1.00 79.89  ? 7   U   A "O5'" 1 
ATOM   143  C  "C5'" . U   A 1 7  ? 1.006   -2.615  -11.839 1.00 85.71  ? 7   U   A "C5'" 1 
ATOM   144  C  "C4'" . U   A 1 7  ? 2.366   -2.820  -12.463 1.00 85.13  ? 7   U   A "C4'" 1 
ATOM   145  O  "O4'" . U   A 1 7  ? 3.403   -2.373  -11.564 1.00 85.84  ? 7   U   A "O4'" 1 
ATOM   146  C  "C3'" . U   A 1 7  ? 2.765   -4.246  -12.787 1.00 85.88  ? 7   U   A "C3'" 1 
ATOM   147  O  "O3'" . U   A 1 7  ? 2.158   -4.726  -13.965 1.00 91.37  ? 7   U   A "O3'" 1 
ATOM   148  C  "C2'" . U   A 1 7  ? 4.268   -4.120  -12.907 1.00 86.74  ? 7   U   A "C2'" 1 
ATOM   149  O  "O2'" . U   A 1 7  ? 4.608   -3.516  -14.142 1.00 88.75  ? 7   U   A "O2'" 1 
ATOM   150  C  "C1'" . U   A 1 7  ? 4.571   -3.130  -11.783 1.00 88.29  ? 7   U   A "C1'" 1 
ATOM   151  N  N1    . U   A 1 7  ? 4.919   -3.826  -10.531 1.00 91.74  ? 7   U   A N1    1 
ATOM   152  C  C2    . U   A 1 7  ? 6.219   -4.274  -10.365 1.00 93.55  ? 7   U   A C2    1 
ATOM   153  O  O2    . U   A 1 7  ? 7.102   -4.097  -11.194 1.00 97.32  ? 7   U   A O2    1 
ATOM   154  N  N3    . U   A 1 7  ? 6.450   -4.935  -9.184  1.00 94.16  ? 7   U   A N3    1 
ATOM   155  C  C4    . U   A 1 7  ? 5.531   -5.189  -8.183  1.00 92.35  ? 7   U   A C4    1 
ATOM   156  O  O4    . U   A 1 7  ? 5.879   -5.798  -7.170  1.00 96.06  ? 7   U   A O4    1 
ATOM   157  C  C5    . U   A 1 7  ? 4.220   -4.692  -8.438  1.00 88.22  ? 7   U   A C5    1 
ATOM   158  C  C6    . U   A 1 7  ? 3.964   -4.044  -9.575  1.00 90.96  ? 7   U   A C6    1 
ATOM   159  P  P     . C   A 1 8  ? 2.259   -6.280  -14.353 1.00 99.76  ? 8   C   A P     1 
ATOM   160  O  OP1   . C   A 1 8  ? 2.257   -6.346  -15.839 1.00 97.64  ? 8   C   A OP1   1 
ATOM   161  O  OP2   . C   A 1 8  ? 1.181   -6.989  -13.595 1.00 77.98  ? 8   C   A OP2   1 
ATOM   162  O  "O5'" . C   A 1 8  ? 3.689   -6.706  -13.798 1.00 86.27  ? 8   C   A "O5'" 1 
ATOM   163  C  "C5'" . C   A 1 8  ? 4.825   -6.691  -14.641 1.00 88.23  ? 8   C   A "C5'" 1 
ATOM   164  C  "C4'" . C   A 1 8  ? 5.863   -7.687  -14.186 1.00 99.72  ? 8   C   A "C4'" 1 
ATOM   165  O  "O4'" . C   A 1 8  ? 6.403   -7.294  -12.892 1.00 98.73  ? 8   C   A "O4'" 1 
ATOM   166  C  "C3'" . C   A 1 8  ? 5.370   -9.106  -13.957 1.00 101.68 ? 8   C   A "C3'" 1 
ATOM   167  O  "O3'" . C   A 1 8  ? 5.250   -9.850  -15.146 1.00 102.35 ? 8   C   A "O3'" 1 
ATOM   168  C  "C2'" . C   A 1 8  ? 6.407   -9.660  -12.995 1.00 101.31 ? 8   C   A "C2'" 1 
ATOM   169  O  "O2'" . C   A 1 8  ? 7.607   -9.975  -13.679 1.00 96.27  ? 8   C   A "O2'" 1 
ATOM   170  C  "C1'" . C   A 1 8  ? 6.655   -8.444  -12.108 1.00 97.43  ? 8   C   A "C1'" 1 
ATOM   171  N  N1    . C   A 1 8  ? 5.726   -8.428  -10.971 1.00 99.32  ? 8   C   A N1    1 
ATOM   172  C  C2    . C   A 1 8  ? 6.094   -8.945  -9.712  1.00 102.90 ? 8   C   A C2    1 
ATOM   173  O  O2    . C   A 1 8  ? 7.233   -9.411  -9.520  1.00 102.14 ? 8   C   A O2    1 
ATOM   174  N  N3    . C   A 1 8  ? 5.181   -8.912  -8.713  1.00 101.31 ? 8   C   A N3    1 
ATOM   175  C  C4    . C   A 1 8  ? 3.963   -8.407  -8.944  1.00 99.98  ? 8   C   A C4    1 
ATOM   176  N  N4    . C   A 1 8  ? 3.083   -8.392  -7.937  1.00 98.12  ? 8   C   A N4    1 
ATOM   177  C  C5    . C   A 1 8  ? 3.580   -7.889  -10.215 1.00 95.05  ? 8   C   A C5    1 
ATOM   178  C  C6    . C   A 1 8  ? 4.480   -7.919  -11.193 1.00 92.57  ? 8   C   A C6    1 
ATOM   179  P  P     . C   A 1 9  ? 4.149   -11.007 -15.250 1.00 110.09 ? 9   C   A P     1 
ATOM   180  O  OP1   . C   A 1 9  ? 4.200   -11.524 -16.637 1.00 105.88 ? 9   C   A OP1   1 
ATOM   181  O  OP2   . C   A 1 9  ? 2.864   -10.444 -14.742 1.00 94.65  ? 9   C   A OP2   1 
ATOM   182  O  "O5'" . C   A 1 9  ? 4.701   -12.103 -14.235 1.00 104.11 ? 9   C   A "O5'" 1 
ATOM   183  C  "C5'" . C   A 1 9  ? 6.010   -12.638 -14.370 1.00 100.45 ? 9   C   A "C5'" 1 
ATOM   184  C  "C4'" . C   A 1 9  ? 6.314   -13.615 -13.262 1.00 109.45 ? 9   C   A "C4'" 1 
ATOM   185  O  "O4'" . C   A 1 9  ? 6.364   -12.903 -11.990 1.00 111.53 ? 9   C   A "O4'" 1 
ATOM   186  C  "C3'" . C   A 1 9  ? 5.266   -14.700 -13.028 1.00 115.91 ? 9   C   A "C3'" 1 
ATOM   187  O  "O3'" . C   A 1 9  ? 5.370   -15.801 -13.916 1.00 116.39 ? 9   C   A "O3'" 1 
ATOM   188  C  "C2'" . C   A 1 9  ? 5.480   -15.062 -11.566 1.00 114.54 ? 9   C   A "C2'" 1 
ATOM   189  O  "O2'" . C   A 1 9  ? 6.628   -15.881 -11.406 1.00 112.76 ? 9   C   A "O2'" 1 
ATOM   190  C  "C1'" . C   A 1 9  ? 5.769   -13.687 -10.971 1.00 109.77 ? 9   C   A "C1'" 1 
ATOM   191  N  N1    . C   A 1 9  ? 4.520   -13.025 -10.541 1.00 110.57 ? 9   C   A N1    1 
ATOM   192  C  C2    . C   A 1 9  ? 3.958   -13.413 -9.325  1.00 111.58 ? 9   C   A C2    1 
ATOM   193  O  O2    . C   A 1 9  ? 4.564   -14.268 -8.657  1.00 115.62 ? 9   C   A O2    1 
ATOM   194  N  N3    . C   A 1 9  ? 2.795   -12.848 -8.909  1.00 107.99 ? 9   C   A N3    1 
ATOM   195  C  C4    . C   A 1 9  ? 2.186   -11.932 -9.664  1.00 104.94 ? 9   C   A C4    1 
ATOM   196  N  N4    . C   A 1 9  ? 1.041   -11.394 -9.222  1.00 99.02  ? 9   C   A N4    1 
ATOM   197  C  C5    . C   A 1 9  ? 2.735   -11.531 -10.917 1.00 105.94 ? 9   C   A C5    1 
ATOM   198  C  C6    . C   A 1 9  ? 3.883   -12.100 -11.320 1.00 107.41 ? 9   C   A C6    1 
ATOM   199  P  P     . A   A 1 10 ? 4.056   -16.664 -14.278 1.00 124.76 ? 10  A   A P     1 
ATOM   200  O  OP1   . A   A 1 10 ? 4.469   -17.691 -15.263 1.00 119.40 ? 10  A   A OP1   1 
ATOM   201  O  OP2   . A   A 1 10 ? 2.986   -15.701 -14.656 1.00 107.91 ? 10  A   A OP2   1 
ATOM   202  O  "O5'" . A   A 1 10 ? 3.691   -17.357 -12.889 1.00 120.81 ? 10  A   A "O5'" 1 
ATOM   203  C  "C5'" . A   A 1 10 ? 4.578   -18.284 -12.269 1.00 118.31 ? 10  A   A "C5'" 1 
ATOM   204  C  "C4'" . A   A 1 10 ? 3.907   -19.006 -11.121 1.00 121.12 ? 10  A   A "C4'" 1 
ATOM   205  O  "O4'" . A   A 1 10 ? 3.683   -18.082 -10.022 1.00 120.52 ? 10  A   A "O4'" 1 
ATOM   206  C  "C3'" . A   A 1 10 ? 2.525   -19.578 -11.414 1.00 125.40 ? 10  A   A "C3'" 1 
ATOM   207  O  "O3'" . A   A 1 10 ? 2.567   -20.840 -12.049 1.00 125.09 ? 10  A   A "O3'" 1 
ATOM   208  C  "C2'" . A   A 1 10 ? 1.855   -19.601 -10.044 1.00 122.20 ? 10  A   A "C2'" 1 
ATOM   209  O  "O2'" . A   A 1 10 ? 2.272   -20.732 -9.290  1.00 121.31 ? 10  A   A "O2'" 1 
ATOM   210  C  "C1'" . A   A 1 10 ? 2.438   -18.346 -9.403  1.00 117.19 ? 10  A   A "C1'" 1 
ATOM   211  N  N9    . A   A 1 10 ? 1.568   -17.178 -9.605  1.00 114.17 ? 10  A   A N9    1 
ATOM   212  C  C8    . A   A 1 10 ? 1.712   -16.193 -10.546 1.00 114.79 ? 10  A   A C8    1 
ATOM   213  N  N7    . A   A 1 10 ? 0.784   -15.272 -10.486 1.00 112.58 ? 10  A   A N7    1 
ATOM   214  C  C5    . A   A 1 10 ? -0.022  -15.680 -9.437  1.00 113.04 ? 10  A   A C5    1 
ATOM   215  C  C6    . A   A 1 10 ? -1.182  -15.122 -8.866  1.00 115.78 ? 10  A   A C6    1 
ATOM   216  N  N6    . A   A 1 10 ? -1.748  -13.991 -9.303  1.00 115.48 ? 10  A   A N6    1 
ATOM   217  N  N1    . A   A 1 10 ? -1.749  -15.778 -7.822  1.00 116.03 ? 10  A   A N1    1 
ATOM   218  C  C2    . A   A 1 10 ? -1.172  -16.912 -7.394  1.00 116.20 ? 10  A   A C2    1 
ATOM   219  N  N3    . A   A 1 10 ? -0.081  -17.532 -7.851  1.00 116.69 ? 10  A   A N3    1 
ATOM   220  C  C4    . A   A 1 10 ? 0.450   -16.855 -8.883  1.00 114.56 ? 10  A   A C4    1 
ATOM   221  P  P     . C   A 1 11 ? 1.489   -21.198 -13.181 1.00 133.87 ? 11  C   A P     1 
ATOM   222  O  OP1   . C   A 1 11 ? 2.041   -22.340 -13.953 1.00 129.21 ? 11  C   A OP1   1 
ATOM   223  O  OP2   . C   A 1 11 ? 1.178   -19.933 -13.899 1.00 125.02 ? 11  C   A OP2   1 
ATOM   224  O  "O5'" . C   A 1 11 ? 0.220   -21.671 -12.332 1.00 123.22 ? 11  C   A "O5'" 1 
ATOM   225  C  "C5'" . C   A 1 11 ? 0.228   -22.916 -11.652 1.00 121.29 ? 11  C   A "C5'" 1 
ATOM   226  C  "C4'" . C   A 1 11 ? -0.807  -22.962 -10.558 1.00 124.34 ? 11  C   A "C4'" 1 
ATOM   227  O  "O4'" . C   A 1 11 ? -0.620  -21.840 -9.650  1.00 122.45 ? 11  C   A "O4'" 1 
ATOM   228  C  "C3'" . C   A 1 11 ? -2.258  -22.819 -10.993 1.00 126.52 ? 11  C   A "C3'" 1 
ATOM   229  O  "O3'" . C   A 1 11 ? -2.811  -23.997 -11.553 1.00 126.47 ? 11  C   A "O3'" 1 
ATOM   230  C  "C2'" . C   A 1 11 ? -2.925  -22.375 -9.697  1.00 125.40 ? 11  C   A "C2'" 1 
ATOM   231  O  "O2'" . C   A 1 11 ? -3.014  -23.452 -8.775  1.00 122.79 ? 11  C   A "O2'" 1 
ATOM   232  C  "C1'" . C   A 1 11 ? -1.883  -21.391 -9.184  1.00 123.02 ? 11  C   A "C1'" 1 
ATOM   233  N  N1    . C   A 1 11 ? -2.130  -20.048 -9.728  1.00 121.94 ? 11  C   A N1    1 
ATOM   234  C  C2    . C   A 1 11 ? -3.232  -19.333 -9.231  1.00 118.44 ? 11  C   A C2    1 
ATOM   235  O  O2    . C   A 1 11 ? -3.934  -19.825 -8.330  1.00 116.88 ? 11  C   A O2    1 
ATOM   236  N  N3    . C   A 1 11 ? -3.489  -18.107 -9.739  1.00 116.73 ? 11  C   A N3    1 
ATOM   237  C  C4    . C   A 1 11 ? -2.706  -17.619 -10.711 1.00 120.20 ? 11  C   A C4    1 
ATOM   238  N  N4    . C   A 1 11 ? -3.002  -16.405 -11.186 1.00 119.68 ? 11  C   A N4    1 
ATOM   239  C  C5    . C   A 1 11 ? -1.590  -18.337 -11.244 1.00 119.09 ? 11  C   A C5    1 
ATOM   240  C  C6    . C   A 1 11 ? -1.345  -19.547 -10.734 1.00 120.01 ? 11  C   A C6    1 
ATOM   241  P  P     . C   A 1 12 ? -4.131  -23.905 -12.472 1.00 134.03 ? 12  C   A P     1 
ATOM   242  O  OP1   . C   A 1 12 ? -4.528  -25.294 -12.809 1.00 130.37 ? 12  C   A OP1   1 
ATOM   243  O  OP2   . C   A 1 12 ? -3.830  -22.960 -13.577 1.00 124.70 ? 12  C   A OP2   1 
ATOM   244  O  "O5'" . C   A 1 12 ? -5.207  -23.262 -11.489 1.00 122.92 ? 12  C   A "O5'" 1 
ATOM   245  C  "C5'" . C   A 1 12 ? -5.876  -24.062 -10.531 1.00 122.29 ? 12  C   A "C5'" 1 
ATOM   246  C  "C4'" . C   A 1 12 ? -7.098  -23.368 -9.990  1.00 124.97 ? 12  C   A "C4'" 1 
ATOM   247  O  "O4'" . C   A 1 12 ? -6.713  -22.114 -9.367  1.00 124.86 ? 12  C   A "O4'" 1 
ATOM   248  C  "C3'" . C   A 1 12 ? -8.139  -22.943 -11.013 1.00 127.11 ? 12  C   A "C3'" 1 
ATOM   249  O  "O3'" . C   A 1 12 ? -8.965  -24.001 -11.462 1.00 131.37 ? 12  C   A "O3'" 1 
ATOM   250  C  "C2'" . C   A 1 12 ? -8.886  -21.848 -10.267 1.00 124.30 ? 12  C   A "C2'" 1 
ATOM   251  O  "O2'" . C   A 1 12 ? -9.727  -22.401 -9.261  1.00 122.19 ? 12  C   A "O2'" 1 
ATOM   252  C  "C1'" . C   A 1 12 ? -7.723  -21.143 -9.583  1.00 122.61 ? 12  C   A "C1'" 1 
ATOM   253  N  N1    . C   A 1 12 ? -7.169  -20.076 -10.435 1.00 118.95 ? 12  C   A N1    1 
ATOM   254  C  C2    . C   A 1 12 ? -7.829  -18.838 -10.466 1.00 115.42 ? 12  C   A C2    1 
ATOM   255  O  O2    . C   A 1 12 ? -8.852  -18.670 -9.768  1.00 109.92 ? 12  C   A O2    1 
ATOM   256  N  N3    . C   A 1 12 ? -7.324  -17.859 -11.258 1.00 113.05 ? 12  C   A N3    1 
ATOM   257  C  C4    . C   A 1 12 ? -6.224  -18.094 -11.988 1.00 115.40 ? 12  C   A C4    1 
ATOM   258  N  N4    . C   A 1 12 ? -5.753  -17.102 -12.748 1.00 113.38 ? 12  C   A N4    1 
ATOM   259  C  C5    . C   A 1 12 ? -5.546  -19.351 -11.975 1.00 117.89 ? 12  C   A C5    1 
ATOM   260  C  C6    . C   A 1 12 ? -6.052  -20.311 -11.192 1.00 118.38 ? 12  C   A C6    1 
ATOM   261  P  P     . G   A 1 13 ? -9.762  -23.857 -12.854 1.00 138.16 ? 13  G   A P     1 
ATOM   262  O  OP1   . G   A 1 13 ? -10.459 -25.145 -13.087 1.00 137.71 ? 13  G   A OP1   1 
ATOM   263  O  OP2   . G   A 1 13 ? -8.786  -23.375 -13.872 1.00 125.53 ? 13  G   A OP2   1 
ATOM   264  O  "O5'" . G   A 1 13 ? -10.830 -22.711 -12.539 1.00 126.42 ? 13  G   A "O5'" 1 
ATOM   265  C  "C5'" . G   A 1 13 ? -11.891 -22.930 -11.616 1.00 123.12 ? 13  G   A "C5'" 1 
ATOM   266  C  "C4'" . G   A 1 13 ? -12.829 -21.746 -11.555 1.00 124.23 ? 13  G   A "C4'" 1 
ATOM   267  O  "O4'" . G   A 1 13 ? -12.110 -20.573 -11.087 1.00 123.62 ? 13  G   A "O4'" 1 
ATOM   268  C  "C3'" . G   A 1 13 ? -13.429 -21.299 -12.884 1.00 125.81 ? 13  G   A "C3'" 1 
ATOM   269  O  "O3'" . G   A 1 13 ? -14.545 -22.076 -13.280 1.00 124.97 ? 13  G   A "O3'" 1 
ATOM   270  C  "C2'" . G   A 1 13 ? -13.758 -19.830 -12.626 1.00 122.68 ? 13  G   A "C2'" 1 
ATOM   271  O  "O2'" . G   A 1 13 ? -14.940 -19.699 -11.847 1.00 116.77 ? 13  G   A "O2'" 1 
ATOM   272  C  "C1'" . G   A 1 13 ? -12.574 -19.418 -11.761 1.00 121.19 ? 13  G   A "C1'" 1 
ATOM   273  N  N9    . G   A 1 13 ? -11.464 -18.860 -12.563 1.00 118.40 ? 13  G   A N9    1 
ATOM   274  C  C8    . G   A 1 13 ? -10.317 -19.499 -12.987 1.00 115.83 ? 13  G   A C8    1 
ATOM   275  N  N7    . G   A 1 13 ? -9.511  -18.717 -13.657 1.00 112.25 ? 13  G   A N7    1 
ATOM   276  C  C5    . G   A 1 13 ? -10.159 -17.484 -13.674 1.00 111.89 ? 13  G   A C5    1 
ATOM   277  C  C6    . G   A 1 13 ? -9.771  -16.243 -14.258 1.00 111.40 ? 13  G   A C6    1 
ATOM   278  O  O6    . G   A 1 13 ? -8.734  -15.986 -14.895 1.00 107.81 ? 13  G   A O6    1 
ATOM   279  N  N1    . G   A 1 13 ? -10.739 -15.254 -14.035 1.00 109.83 ? 13  G   A N1    1 
ATOM   280  C  C2    . G   A 1 13 ? -11.928 -15.430 -13.343 1.00 113.74 ? 13  G   A C2    1 
ATOM   281  N  N2    . G   A 1 13 ? -12.743 -14.362 -13.229 1.00 109.54 ? 13  G   A N2    1 
ATOM   282  N  N3    . G   A 1 13 ? -12.296 -16.584 -12.794 1.00 115.76 ? 13  G   A N3    1 
ATOM   283  C  C4    . G   A 1 13 ? -11.368 -17.555 -13.000 1.00 115.73 ? 13  G   A C4    1 
ATOM   284  O  "O5'" . C   B 2 1  ? -9.323  -6.380  -15.572 1.00 111.94 ? 2   C   B "O5'" 1 
ATOM   285  C  "C5'" . C   B 2 1  ? -10.672 -5.940  -15.526 1.00 118.11 ? 2   C   B "C5'" 1 
ATOM   286  C  "C4'" . C   B 2 1  ? -11.594 -7.009  -14.984 1.00 121.55 ? 2   C   B "C4'" 1 
ATOM   287  O  "O4'" . C   B 2 1  ? -11.611 -8.159  -15.875 1.00 119.58 ? 2   C   B "O4'" 1 
ATOM   288  C  "C3'" . C   B 2 1  ? -11.217 -7.618  -13.639 1.00 128.01 ? 2   C   B "C3'" 1 
ATOM   289  O  "O3'" . C   B 2 1  ? -11.506 -6.780  -12.524 1.00 131.12 ? 2   C   B "O3'" 1 
ATOM   290  C  "C2'" . C   B 2 1  ? -12.002 -8.933  -13.660 1.00 124.91 ? 2   C   B "C2'" 1 
ATOM   291  O  "O2'" . C   B 2 1  ? -13.388 -8.706  -13.422 1.00 122.76 ? 2   C   B "O2'" 1 
ATOM   292  C  "C1'" . C   B 2 1  ? -11.828 -9.346  -15.122 1.00 118.87 ? 2   C   B "C1'" 1 
ATOM   293  N  N1    . C   B 2 1  ? -10.662 -10.264 -15.305 1.00 116.14 ? 2   C   B N1    1 
ATOM   294  C  C2    . C   B 2 1  ? -10.758 -11.604 -14.860 1.00 114.16 ? 2   C   B C2    1 
ATOM   295  O  O2    . C   B 2 1  ? -11.818 -11.998 -14.328 1.00 113.60 ? 2   C   B O2    1 
ATOM   296  N  N3    . C   B 2 1  ? -9.689  -12.437 -15.017 1.00 111.72 ? 2   C   B N3    1 
ATOM   297  C  C4    . C   B 2 1  ? -8.554  -11.991 -15.587 1.00 117.33 ? 2   C   B C4    1 
ATOM   298  N  N4    . C   B 2 1  ? -7.516  -12.831 -15.730 1.00 112.39 ? 2   C   B N4    1 
ATOM   299  C  C5    . C   B 2 1  ? -8.432  -10.642 -16.047 1.00 117.35 ? 2   C   B C5    1 
ATOM   300  C  C6    . C   B 2 1  ? -9.493  -9.827  -15.885 1.00 117.45 ? 2   C   B C6    1 
ATOM   301  P  P     . G   B 2 2  ? -10.606 -6.863  -11.183 1.00 132.50 ? 3   G   B P     1 
ATOM   302  O  OP1   . G   B 2 2  ? -10.904 -5.643  -10.384 1.00 125.13 ? 3   G   B OP1   1 
ATOM   303  O  OP2   . G   B 2 2  ? -9.195  -7.116  -11.607 1.00 115.45 ? 3   G   B OP2   1 
ATOM   304  O  "O5'" . G   B 2 2  ? -11.191 -8.152  -10.449 1.00 124.87 ? 3   G   B "O5'" 1 
ATOM   305  C  "C5'" . G   B 2 2  ? -12.578 -8.260  -10.171 1.00 120.83 ? 3   G   B "C5'" 1 
ATOM   306  C  "C4'" . G   B 2 2  ? -12.950 -9.654  -9.729  1.00 123.30 ? 3   G   B "C4'" 1 
ATOM   307  O  "O4'" . G   B 2 2  ? -12.791 -10.586 -10.831 1.00 121.11 ? 3   G   B "O4'" 1 
ATOM   308  C  "C3'" . G   B 2 2  ? -12.095 -10.267 -8.634  1.00 127.92 ? 3   G   B "C3'" 1 
ATOM   309  O  "O3'" . G   B 2 2  ? -12.381 -9.769  -7.336  1.00 134.28 ? 3   G   B "O3'" 1 
ATOM   310  C  "C2'" . G   B 2 2  ? -12.388 -11.752 -8.809  1.00 124.45 ? 3   G   B "C2'" 1 
ATOM   311  O  "O2'" . G   B 2 2  ? -13.690 -12.074 -8.331  1.00 124.65 ? 3   G   B "O2'" 1 
ATOM   312  C  "C1'" . G   B 2 2  ? -12.401 -11.852 -10.326 1.00 117.52 ? 3   G   B "C1'" 1 
ATOM   313  N  N9    . G   B 2 2  ? -11.069 -12.182 -10.854 1.00 114.17 ? 3   G   B N9    1 
ATOM   314  C  C8    . G   B 2 2  ? -10.178 -11.384 -11.532 1.00 114.15 ? 3   G   B C8    1 
ATOM   315  N  N7    . G   B 2 2  ? -9.079  -12.016 -11.862 1.00 109.96 ? 3   G   B N7    1 
ATOM   316  C  C5    . G   B 2 2  ? -9.255  -13.303 -11.359 1.00 111.57 ? 3   G   B C5    1 
ATOM   317  C  C6    . G   B 2 2  ? -8.401  -14.442 -11.402 1.00 112.37 ? 3   G   B C6    1 
ATOM   318  O  O6    . G   B 2 2  ? -7.268  -14.534 -11.915 1.00 110.25 ? 3   G   B O6    1 
ATOM   319  N  N1    . G   B 2 2  ? -8.991  -15.539 -10.759 1.00 110.95 ? 3   G   B N1    1 
ATOM   320  C  C2    . G   B 2 2  ? -10.242 -15.541 -10.156 1.00 115.62 ? 3   G   B C2    1 
ATOM   321  N  N2    . G   B 2 2  ? -10.650 -16.691 -9.583  1.00 115.37 ? 3   G   B N2    1 
ATOM   322  N  N3    . G   B 2 2  ? -11.046 -14.483 -10.115 1.00 113.12 ? 3   G   B N3    1 
ATOM   323  C  C4    . G   B 2 2  ? -10.484 -13.414 -10.731 1.00 113.65 ? 3   G   B C4    1 
ATOM   324  P  P     . G   B 2 3  ? -11.238 -9.774  -6.202  1.00 134.87 ? 4   G   B P     1 
ATOM   325  O  OP1   . G   B 2 3  ? -11.821 -9.126  -4.999  1.00 130.02 ? 4   G   B OP1   1 
ATOM   326  O  OP2   . G   B 2 3  ? -10.007 -9.191  -6.811  1.00 111.48 ? 4   G   B OP2   1 
ATOM   327  O  "O5'" . G   B 2 3  ? -11.020 -11.329 -5.926  1.00 125.83 ? 4   G   B "O5'" 1 
ATOM   328  C  "C5'" . G   B 2 3  ? -12.122 -12.169 -5.613  1.00 122.90 ? 4   G   B "C5'" 1 
ATOM   329  C  "C4'" . G   B 2 3  ? -11.662 -13.532 -5.182  1.00 123.45 ? 4   G   B "C4'" 1 
ATOM   330  O  "O4'" . G   B 2 3  ? -11.402 -14.366 -6.345  1.00 122.16 ? 4   G   B "O4'" 1 
ATOM   331  C  "C3'" . G   B 2 3  ? -10.351 -13.572 -4.431  1.00 126.11 ? 4   G   B "C3'" 1 
ATOM   332  O  "O3'" . G   B 2 3  ? -10.465 -13.172 -3.082  1.00 133.11 ? 4   G   B "O3'" 1 
ATOM   333  C  "C2'" . G   B 2 3  ? -9.927  -15.018 -4.622  1.00 123.59 ? 4   G   B "C2'" 1 
ATOM   334  O  "O2'" . G   B 2 3  ? -10.741 -15.890 -3.851  1.00 123.22 ? 4   G   B "O2'" 1 
ATOM   335  C  "C1'" . G   B 2 3  ? -10.288 -15.204 -6.088  1.00 117.86 ? 4   G   B "C1'" 1 
ATOM   336  N  N9    . G   B 2 3  ? -9.185  -14.776 -6.955  1.00 115.02 ? 4   G   B N9    1 
ATOM   337  C  C8    . G   B 2 3  ? -9.014  -13.520 -7.486  1.00 115.45 ? 4   G   B C8    1 
ATOM   338  N  N7    . G   B 2 3  ? -7.926  -13.425 -8.205  1.00 113.47 ? 4   G   B N7    1 
ATOM   339  C  C5    . G   B 2 3  ? -7.338  -14.684 -8.130  1.00 113.30 ? 4   G   B C5    1 
ATOM   340  C  C6    . G   B 2 3  ? -6.132  -15.174 -8.709  1.00 114.86 ? 4   G   B C6    1 
ATOM   341  O  O6    . G   B 2 3  ? -5.317  -14.576 -9.434  1.00 113.41 ? 4   G   B O6    1 
ATOM   342  N  N1    . G   B 2 3  ? -5.913  -16.510 -8.371  1.00 114.80 ? 4   G   B N1    1 
ATOM   343  C  C2    . G   B 2 3  ? -6.745  -17.275 -7.582  1.00 116.92 ? 4   G   B C2    1 
ATOM   344  N  N2    . G   B 2 3  ? -6.347  -18.545 -7.382  1.00 117.35 ? 4   G   B N2    1 
ATOM   345  N  N3    . G   B 2 3  ? -7.876  -16.832 -7.034  1.00 116.00 ? 4   G   B N3    1 
ATOM   346  C  C4    . G   B 2 3  ? -8.106  -15.533 -7.350  1.00 115.45 ? 4   G   B C4    1 
ATOM   347  P  P     . U   B 2 4  ? -9.141  -12.904 -2.220  1.00 134.90 ? 5   U   B P     1 
ATOM   348  O  OP1   . U   B 2 4  ? -9.511  -11.954 -1.137  1.00 129.98 ? 5   U   B OP1   1 
ATOM   349  O  OP2   . U   B 2 4  ? -8.060  -12.524 -3.173  1.00 115.79 ? 5   U   B OP2   1 
ATOM   350  O  "O5'" . U   B 2 4  ? -8.842  -14.340 -1.605  1.00 127.03 ? 5   U   B "O5'" 1 
ATOM   351  C  "C5'" . U   B 2 4  ? -7.567  -14.650 -1.081  1.00 123.92 ? 5   U   B "C5'" 1 
ATOM   352  C  "C4'" . U   B 2 4  ? -7.079  -15.986 -1.572  1.00 124.69 ? 5   U   B "C4'" 1 
ATOM   353  O  "O4'" . U   B 2 4  ? -7.396  -16.150 -2.983  1.00 120.16 ? 5   U   B "O4'" 1 
ATOM   354  C  "C3'" . U   B 2 4  ? -5.579  -16.181 -1.529  1.00 127.01 ? 5   U   B "C3'" 1 
ATOM   355  O  "O3'" . U   B 2 4  ? -5.087  -16.451 -0.245  1.00 130.33 ? 5   U   B "O3'" 1 
ATOM   356  C  "C2'" . U   B 2 4  ? -5.368  -17.287 -2.537  1.00 121.40 ? 5   U   B "C2'" 1 
ATOM   357  O  "O2'" . U   B 2 4  ? -5.845  -18.527 -2.031  1.00 119.66 ? 5   U   B "O2'" 1 
ATOM   358  C  "C1'" . U   B 2 4  ? -6.316  -16.803 -3.632  1.00 121.74 ? 5   U   B "C1'" 1 
ATOM   359  N  N1    . U   B 2 4  ? -5.645  -15.813 -4.509  1.00 120.26 ? 5   U   B N1    1 
ATOM   360  C  C2    . U   B 2 4  ? -4.442  -16.200 -5.086  1.00 119.42 ? 5   U   B C2    1 
ATOM   361  O  O2    . U   B 2 4  ? -3.947  -17.305 -4.919  1.00 119.41 ? 5   U   B O2    1 
ATOM   362  N  N3    . U   B 2 4  ? -3.837  -15.255 -5.882  1.00 116.26 ? 5   U   B N3    1 
ATOM   363  C  C4    . U   B 2 4  ? -4.289  -13.980 -6.146  1.00 113.84 ? 5   U   B C4    1 
ATOM   364  O  O4    . U   B 2 4  ? -3.612  -13.256 -6.881  1.00 110.60 ? 5   U   B O4    1 
ATOM   365  C  C5    . U   B 2 4  ? -5.530  -13.644 -5.503  1.00 114.24 ? 5   U   B C5    1 
ATOM   366  C  C6    . U   B 2 4  ? -6.150  -14.544 -4.720  1.00 118.17 ? 5   U   B C6    1 
ATOM   367  P  P     . G   B 2 5  ? -4.205  -15.338 0.491   1.00 132.85 ? 6   G   B P     1 
ATOM   368  O  OP1   . G   B 2 5  ? -4.626  -15.330 1.914   1.00 126.63 ? 6   G   B OP1   1 
ATOM   369  O  OP2   . G   B 2 5  ? -4.325  -14.084 -0.302  1.00 122.92 ? 6   G   B OP2   1 
ATOM   370  O  "O5'" . G   B 2 5  ? -2.735  -15.923 0.346   1.00 117.71 ? 6   G   B "O5'" 1 
ATOM   371  C  "C5'" . G   B 2 5  ? -2.540  -17.307 0.128   1.00 117.57 ? 6   G   B "C5'" 1 
ATOM   372  C  "C4'" . G   B 2 5  ? -1.320  -17.572 -0.706  1.00 115.10 ? 6   G   B "C4'" 1 
ATOM   373  O  "O4'" . G   B 2 5  ? -1.644  -17.470 -2.116  1.00 120.55 ? 6   G   B "O4'" 1 
ATOM   374  C  "C3'" . G   B 2 5  ? -0.177  -16.596 -0.545  1.00 113.94 ? 6   G   B "C3'" 1 
ATOM   375  O  "O3'" . G   B 2 5  ? 0.551   -16.778 0.649   1.00 120.92 ? 6   G   B "O3'" 1 
ATOM   376  C  "C2'" . G   B 2 5  ? 0.628   -16.859 -1.807  1.00 114.24 ? 6   G   B "C2'" 1 
ATOM   377  O  "O2'" . G   B 2 5  ? 1.332   -18.093 -1.713  1.00 112.85 ? 6   G   B "O2'" 1 
ATOM   378  C  "C1'" . G   B 2 5  ? -0.500  -17.019 -2.826  1.00 115.31 ? 6   G   B "C1'" 1 
ATOM   379  N  N9    . G   B 2 5  ? -0.822  -15.734 -3.472  1.00 111.91 ? 6   G   B N9    1 
ATOM   380  C  C8    . G   B 2 5  ? -1.855  -14.872 -3.180  1.00 114.66 ? 6   G   B C8    1 
ATOM   381  N  N7    . G   B 2 5  ? -1.841  -13.797 -3.925  1.00 110.29 ? 6   G   B N7    1 
ATOM   382  C  C5    . G   B 2 5  ? -0.728  -13.959 -4.745  1.00 111.26 ? 6   G   B C5    1 
ATOM   383  C  C6    . G   B 2 5  ? -0.199  -13.118 -5.767  1.00 112.59 ? 6   G   B C6    1 
ATOM   384  O  O6    . G   B 2 5  ? -0.635  -12.021 -6.163  1.00 111.85 ? 6   G   B O6    1 
ATOM   385  N  N1    . G   B 2 5  ? 0.948   -13.675 -6.340  1.00 107.27 ? 6   G   B N1    1 
ATOM   386  C  C2    . G   B 2 5  ? 1.506   -14.879 -5.982  1.00 106.83 ? 6   G   B C2    1 
ATOM   387  N  N2    . G   B 2 5  ? 2.603   -15.247 -6.652  1.00 106.79 ? 6   G   B N2    1 
ATOM   388  N  N3    . G   B 2 5  ? 1.023   -15.669 -5.037  1.00 107.71 ? 6   G   B N3    1 
ATOM   389  C  C4    . G   B 2 5  ? -0.087  -15.149 -4.471  1.00 109.09 ? 6   G   B C4    1 
ATOM   390  P  P     . A   B 2 6  ? 1.135   -15.503 1.431   1.00 121.96 ? 7   A   B P     1 
ATOM   391  O  OP1   . A   B 2 6  ? 1.342   -15.920 2.839   1.00 118.23 ? 7   A   B OP1   1 
ATOM   392  O  OP2   . A   B 2 6  ? 0.220   -14.357 1.153   1.00 111.32 ? 7   A   B OP2   1 
ATOM   393  O  "O5'" . A   B 2 6  ? 2.545   -15.276 0.717   1.00 107.36 ? 7   A   B "O5'" 1 
ATOM   394  C  "C5'" . A   B 2 6  ? 3.375   -16.382 0.396   1.00 105.96 ? 7   A   B "C5'" 1 
ATOM   395  C  "C4'" . A   B 2 6  ? 4.183   -16.130 -0.852  1.00 108.47 ? 7   A   B "C4'" 1 
ATOM   396  O  "O4'" . A   B 2 6  ? 3.303   -15.939 -1.985  1.00 110.20 ? 7   A   B "O4'" 1 
ATOM   397  C  "C3'" . A   B 2 6  ? 5.044   -14.884 -0.842  1.00 105.87 ? 7   A   B "C3'" 1 
ATOM   398  O  "O3'" . A   B 2 6  ? 6.262   -15.078 -0.162  1.00 109.63 ? 7   A   B "O3'" 1 
ATOM   399  C  "C2'" . A   B 2 6  ? 5.218   -14.580 -2.323  1.00 104.15 ? 7   A   B "C2'" 1 
ATOM   400  O  "O2'" . A   B 2 6  ? 6.205   -15.422 -2.896  1.00 103.73 ? 7   A   B "O2'" 1 
ATOM   401  C  "C1'" . A   B 2 6  ? 3.859   -14.991 -2.872  1.00 105.96 ? 7   A   B "C1'" 1 
ATOM   402  N  N9    . A   B 2 6  ? 2.934   -13.850 -2.980  1.00 105.98 ? 7   A   B N9    1 
ATOM   403  C  C8    . A   B 2 6  ? 1.799   -13.600 -2.240  1.00 106.62 ? 7   A   B C8    1 
ATOM   404  N  N7    . A   B 2 6  ? 1.160   -12.507 -2.586  1.00 104.11 ? 7   A   B N7    1 
ATOM   405  C  C5    . A   B 2 6  ? 1.930   -12.010 -3.631  1.00 103.21 ? 7   A   B C5    1 
ATOM   406  C  C6    . A   B 2 6  ? 1.791   -10.867 -4.431  1.00 100.28 ? 7   A   B C6    1 
ATOM   407  N  N6    . A   B 2 6  ? 0.783   -9.992  -4.297  1.00 96.11  ? 7   A   B N6    1 
ATOM   408  N  N1    . A   B 2 6  ? 2.738   -10.667 -5.379  1.00 100.61 ? 7   A   B N1    1 
ATOM   409  C  C2    . A   B 2 6  ? 3.742   -11.548 -5.513  1.00 100.81 ? 7   A   B C2    1 
ATOM   410  N  N3    . A   B 2 6  ? 3.981   -12.659 -4.820  1.00 103.27 ? 7   A   B N3    1 
ATOM   411  C  C4    . A   B 2 6  ? 3.023   -12.829 -3.889  1.00 104.91 ? 7   A   B C4    1 
ATOM   412  P  P     . G   B 2 7  ? 6.890   -13.883 0.692   1.00 114.82 ? 8   G   B P     1 
ATOM   413  O  OP1   . G   B 2 7  ? 8.225   -14.342 1.162   1.00 105.86 ? 8   G   B OP1   1 
ATOM   414  O  OP2   . G   B 2 7  ? 5.856   -13.472 1.702   1.00 93.55  ? 8   G   B OP2   1 
ATOM   415  O  "O5'" . G   B 2 7  ? 7.071   -12.746 -0.398  1.00 105.99 ? 8   G   B "O5'" 1 
ATOM   416  C  "C5'" . G   B 2 7  ? 7.999   -12.893 -1.470  1.00 102.50 ? 8   G   B "C5'" 1 
ATOM   417  C  "C4'" . G   B 2 7  ? 8.209   -11.580 -2.177  1.00 100.13 ? 8   G   B "C4'" 1 
ATOM   418  O  "O4'" . G   B 2 7  ? 6.919   -11.115 -2.685  1.00 101.11 ? 8   G   B "O4'" 1 
ATOM   419  C  "C3'" . G   B 2 7  ? 8.733   -10.470 -1.274  1.00 93.68  ? 8   G   B "C3'" 1 
ATOM   420  O  "O3'" . G   B 2 7  ? 9.549   -9.580  -2.015  1.00 85.13  ? 8   G   B "O3'" 1 
ATOM   421  C  "C2'" . G   B 2 7  ? 7.455   -9.760  -0.835  1.00 96.96  ? 8   G   B "C2'" 1 
ATOM   422  O  "O2'" . G   B 2 7  ? 7.624   -8.414  -0.435  1.00 92.06  ? 8   G   B "O2'" 1 
ATOM   423  C  "C1'" . G   B 2 7  ? 6.581   -9.879  -2.080  1.00 95.51  ? 8   G   B "C1'" 1 
ATOM   424  N  N9    . G   B 2 7  ? 5.153   -9.877  -1.773  1.00 93.28  ? 8   G   B N9    1 
ATOM   425  C  C8    . G   B 2 7  ? 4.515   -10.580 -0.787  1.00 95.87  ? 8   G   B C8    1 
ATOM   426  N  N7    . G   B 2 7  ? 3.231   -10.323 -0.720  1.00 93.16  ? 8   G   B N7    1 
ATOM   427  C  C5    . G   B 2 7  ? 3.011   -9.373  -1.703  1.00 91.73  ? 8   G   B C5    1 
ATOM   428  C  C6    . G   B 2 7  ? 1.820   -8.706  -2.103  1.00 92.86  ? 8   G   B C6    1 
ATOM   429  O  O6    . G   B 2 7  ? 0.662   -8.821  -1.663  1.00 90.97  ? 8   G   B O6    1 
ATOM   430  N  N1    . G   B 2 7  ? 2.079   -7.827  -3.149  1.00 91.09  ? 8   G   B N1    1 
ATOM   431  C  C2    . G   B 2 7  ? 3.313   -7.623  -3.721  1.00 89.92  ? 8   G   B C2    1 
ATOM   432  N  N2    . G   B 2 7  ? 3.379   -6.736  -4.716  1.00 91.71  ? 8   G   B N2    1 
ATOM   433  N  N3    . G   B 2 7  ? 4.421   -8.230  -3.361  1.00 91.16  ? 8   G   B N3    1 
ATOM   434  C  C4    . G   B 2 7  ? 4.197   -9.085  -2.351  1.00 94.46  ? 8   G   B C4    1 
ATOM   435  P  P     . A   B 2 8  ? 10.717  -8.783  -1.261  1.00 96.99  ? 9   A   B P     1 
ATOM   436  O  OP1   . A   B 2 8  ? 11.774  -9.763  -0.935  1.00 92.65  ? 9   A   B OP1   1 
ATOM   437  O  OP2   . A   B 2 8  ? 10.081  -8.018  -0.151  1.00 89.86  ? 9   A   B OP2   1 
ATOM   438  O  "O5'" . A   B 2 8  ? 11.242  -7.787  -2.376  1.00 91.36  ? 9   A   B "O5'" 1 
ATOM   439  C  "C5'" . A   B 2 8  ? 11.880  -8.278  -3.543  1.00 87.89  ? 9   A   B "C5'" 1 
ATOM   440  C  "C4'" . A   B 2 8  ? 11.733  -7.302  -4.672  1.00 87.31  ? 9   A   B "C4'" 1 
ATOM   441  O  "O4'" . A   B 2 8  ? 10.376  -7.342  -5.167  1.00 88.89  ? 9   A   B "O4'" 1 
ATOM   442  C  "C3'" . A   B 2 8  ? 11.954  -5.849  -4.299  1.00 86.83  ? 9   A   B "C3'" 1 
ATOM   443  O  "O3'" . A   B 2 8  ? 13.316  -5.493  -4.317  1.00 84.49  ? 9   A   B "O3'" 1 
ATOM   444  C  "C2'" . A   B 2 8  ? 11.116  -5.089  -5.313  1.00 87.18  ? 9   A   B "C2'" 1 
ATOM   445  O  "O2'" . A   B 2 8  ? 11.827  -4.941  -6.536  1.00 85.68  ? 9   A   B "O2'" 1 
ATOM   446  C  "C1'" . A   B 2 8  ? 9.964   -6.054  -5.551  1.00 87.60  ? 9   A   B "C1'" 1 
ATOM   447  N  N9    . A   B 2 8  ? 8.756   -5.710  -4.797  1.00 83.64  ? 9   A   B N9    1 
ATOM   448  C  C8    . A   B 2 8  ? 8.213   -6.410  -3.766  1.00 87.82  ? 9   A   B C8    1 
ATOM   449  N  N7    . A   B 2 8  ? 7.084   -5.900  -3.336  1.00 88.64  ? 9   A   B N7    1 
ATOM   450  C  C5    . A   B 2 8  ? 6.859   -4.807  -4.156  1.00 85.23  ? 9   A   B C5    1 
ATOM   451  C  C6    . A   B 2 8  ? 5.822   -3.850  -4.221  1.00 85.58  ? 9   A   B C6    1 
ATOM   452  N  N6    . A   B 2 8  ? 4.761   -3.820  -3.405  1.00 86.30  ? 9   A   B N6    1 
ATOM   453  N  N1    . A   B 2 8  ? 5.904   -2.894  -5.169  1.00 80.94  ? 9   A   B N1    1 
ATOM   454  C  C2    . A   B 2 8  ? 6.970   -2.926  -5.974  1.00 85.83  ? 9   A   B C2    1 
ATOM   455  N  N3    . A   B 2 8  ? 8.003   -3.770  -6.014  1.00 87.23  ? 9   A   B N3    1 
ATOM   456  C  C4    . A   B 2 8  ? 7.885   -4.698  -5.067  1.00 84.53  ? 9   A   B C4    1 
ATOM   457  P  P     . A   B 2 9  ? 13.984  -4.843  -3.018  1.00 96.43  ? 10  A   B P     1 
ATOM   458  O  OP1   . A   B 2 9  ? 15.452  -4.964  -3.188  1.00 93.64  ? 10  A   B OP1   1 
ATOM   459  O  OP2   . A   B 2 9  ? 13.338  -5.469  -1.824  1.00 87.63  ? 10  A   B OP2   1 
ATOM   460  O  "O5'" . A   B 2 9  ? 13.548  -3.318  -3.123  1.00 87.58  ? 10  A   B "O5'" 1 
ATOM   461  C  "C5'" . A   B 2 9  ? 13.801  -2.567  -4.299  1.00 81.57  ? 10  A   B "C5'" 1 
ATOM   462  C  "C4'" . A   B 2 9  ? 12.970  -1.315  -4.328  1.00 78.22  ? 10  A   B "C4'" 1 
ATOM   463  O  "O4'" . A   B 2 9  ? 11.620  -1.643  -4.727  1.00 80.91  ? 10  A   B "O4'" 1 
ATOM   464  C  "C3'" . A   B 2 9  ? 12.803  -0.614  -2.996  1.00 75.92  ? 10  A   B "C3'" 1 
ATOM   465  O  "O3'" . A   B 2 9  ? 13.889  0.222   -2.682  1.00 75.09  ? 10  A   B "O3'" 1 
ATOM   466  C  "C2'" . A   B 2 9  ? 11.492  0.131   -3.161  1.00 77.31  ? 10  A   B "C2'" 1 
ATOM   467  O  "O2'" . A   B 2 9  ? 11.687  1.334   -3.883  1.00 75.95  ? 10  A   B "O2'" 1 
ATOM   468  C  "C1'" . A   B 2 9  ? 10.701  -0.839  -4.033  1.00 77.16  ? 10  A   B "C1'" 1 
ATOM   469  N  N9    . A   B 2 9  ? 9.851   -1.715  -3.227  1.00 81.09  ? 10  A   B N9    1 
ATOM   470  C  C8    . A   B 2 9  ? 10.126  -2.958  -2.721  1.00 84.43  ? 10  A   B C8    1 
ATOM   471  N  N7    . A   B 2 9  ? 9.129   -3.453  -2.017  1.00 84.29  ? 10  A   B N7    1 
ATOM   472  C  C5    . A   B 2 9  ? 8.157   -2.470  -2.084  1.00 79.57  ? 10  A   B C5    1 
ATOM   473  C  C6    . A   B 2 9  ? 6.863   -2.377  -1.560  1.00 78.35  ? 10  A   B C6    1 
ATOM   474  N  N6    . A   B 2 9  ? 6.293   -3.329  -0.831  1.00 81.35  ? 10  A   B N6    1 
ATOM   475  N  N1    . A   B 2 9  ? 6.155   -1.257  -1.817  1.00 74.89  ? 10  A   B N1    1 
ATOM   476  C  C2    . A   B 2 9  ? 6.722   -0.297  -2.560  1.00 76.59  ? 10  A   B C2    1 
ATOM   477  N  N3    . A   B 2 9  ? 7.935   -0.263  -3.111  1.00 79.35  ? 10  A   B N3    1 
ATOM   478  C  C4    . A   B 2 9  ? 8.594   -1.396  -2.828  1.00 80.38  ? 10  A   B C4    1 
ATOM   479  P  P     . G   B 2 10 ? 14.313  0.431   -1.155  1.00 85.17  ? 11  G   B P     1 
ATOM   480  O  OP1   . G   B 2 10 ? 15.523  1.292   -1.148  1.00 83.61  ? 11  G   B OP1   1 
ATOM   481  O  OP2   . G   B 2 10 ? 14.393  -0.922  -0.533  1.00 74.53  ? 11  G   B OP2   1 
ATOM   482  O  "O5'" . G   B 2 10 ? 13.078  1.242   -0.573  1.00 73.64  ? 11  G   B "O5'" 1 
ATOM   483  C  "C5'" . G   B 2 10 ? 12.819  2.567   -1.011  1.00 73.99  ? 11  G   B "C5'" 1 
ATOM   484  C  "C4'" . G   B 2 10 ? 11.460  3.040   -0.569  1.00 73.69  ? 11  G   B "C4'" 1 
ATOM   485  O  "O4'" . G   B 2 10 ? 10.448  2.143   -1.086  1.00 75.22  ? 11  G   B "O4'" 1 
ATOM   486  C  "C3'" . G   B 2 10 ? 11.215  3.042   0.928   1.00 72.92  ? 11  G   B "C3'" 1 
ATOM   487  O  "O3'" . G   B 2 10 ? 11.738  4.182   1.580   1.00 75.53  ? 11  G   B "O3'" 1 
ATOM   488  C  "C2'" . G   B 2 10 ? 9.712   2.937   1.016   1.00 70.48  ? 11  G   B "C2'" 1 
ATOM   489  O  "O2'" . G   B 2 10 ? 9.121   4.191   0.719   1.00 74.34  ? 11  G   B "O2'" 1 
ATOM   490  C  "C1'" . G   B 2 10 ? 9.416   1.989   -0.139  1.00 73.29  ? 11  G   B "C1'" 1 
ATOM   491  N  N9    . G   B 2 10 ? 9.380   0.573   0.283   1.00 74.57  ? 11  G   B N9    1 
ATOM   492  C  C8    . G   B 2 10 ? 10.362  -0.362  0.078   1.00 76.51  ? 11  G   B C8    1 
ATOM   493  N  N7    . G   B 2 10 ? 10.058  -1.554  0.523   1.00 77.01  ? 11  G   B N7    1 
ATOM   494  C  C5    . G   B 2 10 ? 8.781   -1.411  1.042   1.00 77.38  ? 11  G   B C5    1 
ATOM   495  C  C6    . G   B 2 10 ? 7.931   -2.369  1.668   1.00 76.10  ? 11  G   B C6    1 
ATOM   496  O  O6    . G   B 2 10 ? 8.113   -3.575  1.899   1.00 78.35  ? 11  G   B O6    1 
ATOM   497  N  N1    . G   B 2 10 ? 6.735   -1.792  2.046   1.00 74.89  ? 11  G   B N1    1 
ATOM   498  C  C2    . G   B 2 10 ? 6.390   -0.481  1.841   1.00 74.70  ? 11  G   B C2    1 
ATOM   499  N  N2    . G   B 2 10 ? 5.163   -0.148  2.281   1.00 72.72  ? 11  G   B N2    1 
ATOM   500  N  N3    . G   B 2 10 ? 7.168   0.422   1.266   1.00 69.54  ? 11  G   B N3    1 
ATOM   501  C  C4    . G   B 2 10 ? 8.345   -0.106  0.893   1.00 74.23  ? 11  G   B C4    1 
ATOM   502  P  P     . G   B 2 11 ? 12.210  4.074   3.117   1.00 83.38  ? 12  G   B P     1 
ATOM   503  O  OP1   . G   B 2 11 ? 13.006  5.291   3.413   1.00 78.89  ? 12  G   B OP1   1 
ATOM   504  O  OP2   . G   B 2 11 ? 12.846  2.735   3.285   1.00 69.88  ? 12  G   B OP2   1 
ATOM   505  O  "O5'" . G   B 2 11 ? 10.838  4.126   3.919   1.00 70.87  ? 12  G   B "O5'" 1 
ATOM   506  C  "C5'" . G   B 2 11 ? 10.031  5.282   3.876   1.00 72.09  ? 12  G   B "C5'" 1 
ATOM   507  C  "C4'" . G   B 2 11 ? 8.723   5.061   4.572   1.00 72.00  ? 12  G   B "C4'" 1 
ATOM   508  O  "O4'" . G   B 2 11 ? 7.983   4.016   3.908   1.00 72.36  ? 12  G   B "O4'" 1 
ATOM   509  C  "C3'" . G   B 2 11 ? 8.818   4.585   5.997   1.00 77.19  ? 12  G   B "C3'" 1 
ATOM   510  O  "O3'" . G   B 2 11 ? 9.058   5.644   6.890   1.00 83.64  ? 12  G   B "O3'" 1 
ATOM   511  C  "C2'" . G   B 2 11 ? 7.473   3.908   6.201   1.00 77.33  ? 12  G   B "C2'" 1 
ATOM   512  O  "O2'" . G   B 2 11 ? 6.450   4.874   6.364   1.00 78.19  ? 12  G   B "O2'" 1 
ATOM   513  C  "C1'" . G   B 2 11 ? 7.281   3.249   4.848   1.00 70.74  ? 12  G   B "C1'" 1 
ATOM   514  N  N9    . G   B 2 11 ? 7.822   1.885   4.811   1.00 68.69  ? 12  G   B N9    1 
ATOM   515  C  C8    . G   B 2 11 ? 8.999   1.476   4.253   1.00 71.95  ? 12  G   B C8    1 
ATOM   516  N  N7    . G   B 2 11 ? 9.181   0.187   4.363   1.00 74.99  ? 12  G   B N7    1 
ATOM   517  C  C5    . G   B 2 11 ? 8.050   -0.268  5.019   1.00 70.41  ? 12  G   B C5    1 
ATOM   518  C  C6    . G   B 2 11 ? 7.669   -1.567  5.424   1.00 72.29  ? 12  G   B C6    1 
ATOM   519  O  O6    . G   B 2 11 ? 8.275   -2.633  5.277   1.00 75.48  ? 12  G   B O6    1 
ATOM   520  N  N1    . G   B 2 11 ? 6.448   -1.558  6.075   1.00 69.14  ? 12  G   B N1    1 
ATOM   521  C  C2    . G   B 2 11 ? 5.684   -0.444  6.311   1.00 72.92  ? 12  G   B C2    1 
ATOM   522  N  N2    . G   B 2 11 ? 4.514   -0.620  6.961   1.00 73.23  ? 12  G   B N2    1 
ATOM   523  N  N3    . G   B 2 11 ? 6.030   0.768   5.933   1.00 73.23  ? 12  G   B N3    1 
ATOM   524  C  C4    . G   B 2 11 ? 7.209   0.772   5.299   1.00 69.63  ? 12  G   B C4    1 
ATOM   525  P  P     . G   B 2 12 ? 9.700   5.371   8.322   1.00 80.35  ? 13  G   B P     1 
ATOM   526  O  OP1   . G   B 2 12 ? 9.634   6.660   9.043   1.00 79.92  ? 13  G   B OP1   1 
ATOM   527  O  OP2   . G   B 2 12 ? 11.033  4.725   8.103   1.00 64.64  ? 13  G   B OP2   1 
ATOM   528  O  "O5'" . G   B 2 12 ? 8.680   4.336   8.974   1.00 69.01  ? 13  G   B "O5'" 1 
ATOM   529  C  "C5'" . G   B 2 12 ? 7.438   4.796   9.485   1.00 77.85  ? 13  G   B "C5'" 1 
ATOM   530  C  "C4'" . G   B 2 12 ? 6.596   3.670   10.027  1.00 79.24  ? 13  G   B "C4'" 1 
ATOM   531  O  "O4'" . G   B 2 12 ? 6.501   2.615   9.048   1.00 77.47  ? 13  G   B "O4'" 1 
ATOM   532  C  "C3'" . G   B 2 12 ? 7.126   2.970   11.265  1.00 80.15  ? 13  G   B "C3'" 1 
ATOM   533  O  "O3'" . G   B 2 12 ? 6.863   3.689   12.450  1.00 84.50  ? 13  G   B "O3'" 1 
ATOM   534  C  "C2'" . G   B 2 12 ? 6.430   1.618   11.206  1.00 76.62  ? 13  G   B "C2'" 1 
ATOM   535  O  "O2'" . G   B 2 12 ? 5.096   1.711   11.694  1.00 73.85  ? 13  G   B "O2'" 1 
ATOM   536  C  "C1'" . G   B 2 12 ? 6.381   1.372   9.697   1.00 73.94  ? 13  G   B "C1'" 1 
ATOM   537  N  N9    . G   B 2 12 ? 7.472   0.509   9.243   1.00 67.34  ? 13  G   B N9    1 
ATOM   538  C  C8    . G   B 2 12 ? 8.640   0.839   8.607   1.00 70.31  ? 13  G   B C8    1 
ATOM   539  N  N7    . G   B 2 12 ? 9.373   -0.222  8.356   1.00 71.02  ? 13  G   B N7    1 
ATOM   540  C  C5    . G   B 2 12 ? 8.620   -1.282  8.862   1.00 68.93  ? 13  G   B C5    1 
ATOM   541  C  C6    . G   B 2 12 ? 8.854   -2.674  8.902   1.00 68.59  ? 13  G   B C6    1 
ATOM   542  O  O6    . G   B 2 12 ? 9.808   -3.315  8.483   1.00 73.57  ? 13  G   B O6    1 
ATOM   543  N  N1    . G   B 2 12 ? 7.827   -3.367  9.507   1.00 69.43  ? 13  G   B N1    1 
ATOM   544  C  C2    . G   B 2 12 ? 6.699   -2.801  10.020  1.00 69.90  ? 13  G   B C2    1 
ATOM   545  N  N2    . G   B 2 12 ? 5.826   -3.650  10.578  1.00 70.24  ? 13  G   B N2    1 
ATOM   546  N  N3    . G   B 2 12 ? 6.455   -1.508  10.000  1.00 69.04  ? 13  G   B N3    1 
ATOM   547  C  C4    . G   B 2 12 ? 7.448   -0.834  9.405   1.00 68.39  ? 13  G   B C4    1 
HETATM 548  P  P     . S9L B 2 13 ? 8.053   4.002   13.482  1.00 92.05  ? 14  S9L B P     1 
HETATM 549  O  O1P   . S9L B 2 13 ? 9.467   4.295   12.764  1.00 75.69  ? 14  S9L B O1P   1 
HETATM 550  O  O2P   . S9L B 2 13 ? 7.363   5.006   14.523  1.00 85.84  ? 14  S9L B O2P   1 
HETATM 551  O  "O5'" . S9L B 2 13 ? 8.494   2.550   13.956  1.00 82.94  ? 14  S9L B "O5'" 1 
HETATM 552  C  C12   . S9L B 2 13 ? 7.598   1.967   14.820  1.00 87.68  ? 14  S9L B C12   1 
HETATM 553  C  C22   . S9L B 2 13 ? 6.201   2.502   14.736  1.00 84.56  ? 14  S9L B C22   1 
HETATM 554  O  OH3   . S9L B 2 13 ? 5.167   1.723   15.204  1.00 94.07  ? 14  S9L B OH3   1 
HETATM 555  C  C13   . S9L B 2 13 ? 5.683   0.506   17.297  1.00 101.44 ? 14  S9L B C13   1 
HETATM 556  C  C23   . S9L B 2 13 ? 4.976   1.611   16.573  1.00 99.24  ? 14  S9L B C23   1 
HETATM 557  O  OH4   . S9L B 2 13 ? 6.048   0.692   18.618  1.00 101.18 ? 14  S9L B OH4   1 
HETATM 558  C  C14   . S9L B 2 13 ? 4.515   -0.127  20.406  1.00 96.34  ? 14  S9L B C14   1 
HETATM 559  C  C24   . S9L B 2 13 ? 5.754   -0.272  19.575  1.00 105.04 ? 14  S9L B C24   1 
HETATM 560  O  "O3'" . S9L B 2 13 ? 3.298   -0.175  19.752  1.00 94.62  ? 14  S9L B "O3'" 1 
ATOM   561  P  P     . G   B 2 14 ? 1.723   0.106   19.653  1.00 97.40  ? 15  G   B P     1 
ATOM   562  O  OP1   . G   B 2 14 ? 1.188   -0.211  18.292  1.00 85.22  ? 15  G   B OP1   1 
ATOM   563  O  OP2   . G   B 2 14 ? 1.582   1.485   20.187  1.00 86.48  ? 15  G   B OP2   1 
ATOM   564  O  "O5'" . G   B 2 14 ? 1.229   -0.978  20.718  1.00 90.05  ? 15  G   B "O5'" 1 
ATOM   565  C  "C5'" . G   B 2 14 ? 1.719   -2.315  20.689  1.00 87.90  ? 15  G   B "C5'" 1 
ATOM   566  C  "C4'" . G   B 2 14 ? 0.636   -3.312  21.017  1.00 84.02  ? 15  G   B "C4'" 1 
ATOM   567  O  "O4'" . G   B 2 14 ? 0.135   -3.058  22.355  1.00 90.39  ? 15  G   B "O4'" 1 
ATOM   568  C  "C3'" . G   B 2 14 ? -0.599  -3.269  20.123  1.00 83.56  ? 15  G   B "C3'" 1 
ATOM   569  O  "O3'" . G   B 2 14 ? -0.440  -4.037  18.940  1.00 77.85  ? 15  G   B "O3'" 1 
ATOM   570  C  "C2'" . G   B 2 14 ? -1.704  -3.779  21.048  1.00 87.79  ? 15  G   B "C2'" 1 
ATOM   571  O  "O2'" . G   B 2 14 ? -1.674  -5.195  21.139  1.00 86.78  ? 15  G   B "O2'" 1 
ATOM   572  C  "C1'" . G   B 2 14 ? -1.266  -3.205  22.396  1.00 86.55  ? 15  G   B "C1'" 1 
ATOM   573  N  N9    . G   B 2 14 ? -1.876  -1.880  22.665  1.00 85.54  ? 15  G   B N9    1 
ATOM   574  C  C8    . G   B 2 14 ? -1.370  -0.614  22.464  1.00 86.82  ? 15  G   B C8    1 
ATOM   575  N  N7    . G   B 2 14 ? -2.177  0.361   22.792  1.00 85.12  ? 15  G   B N7    1 
ATOM   576  C  C5    . G   B 2 14 ? -3.306  -0.303  23.243  1.00 88.54  ? 15  G   B C5    1 
ATOM   577  C  C6    . G   B 2 14 ? -4.539  0.195   23.745  1.00 88.65  ? 15  G   B C6    1 
ATOM   578  O  O6    . G   B 2 14 ? -4.895  1.374   23.891  1.00 88.06  ? 15  G   B O6    1 
ATOM   579  N  N1    . G   B 2 14 ? -5.394  -0.851  24.088  1.00 88.05  ? 15  G   B N1    1 
ATOM   580  C  C2    . G   B 2 14 ? -5.106  -2.191  23.973  1.00 88.09  ? 15  G   B C2    1 
ATOM   581  N  N2    . G   B 2 14 ? -6.032  -3.080  24.344  1.00 89.86  ? 15  G   B N2    1 
ATOM   582  N  N3    . G   B 2 14 ? -3.976  -2.657  23.511  1.00 91.29  ? 15  G   B N3    1 
ATOM   583  C  C4    . G   B 2 14 ? -3.128  -1.672  23.172  1.00 88.89  ? 15  G   B C4    1 
ATOM   584  P  P     . G   B 2 15 ? -1.563  -4.032  17.778  1.00 87.50  ? 16  G   B P     1 
ATOM   585  O  OP1   . G   B 2 15 ? -1.089  -4.958  16.724  1.00 87.15  ? 16  G   B OP1   1 
ATOM   586  O  OP2   . G   B 2 15 ? -1.842  -2.621  17.417  1.00 77.23  ? 16  G   B OP2   1 
ATOM   587  O  "O5'" . G   B 2 15 ? -2.825  -4.655  18.492  1.00 87.81  ? 16  G   B "O5'" 1 
ATOM   588  C  "C5'" . G   B 2 15 ? -3.182  -6.009  18.286  1.00 86.30  ? 16  G   B "C5'" 1 
ATOM   589  C  "C4'" . G   B 2 15 ? -4.614  -6.239  18.665  1.00 87.29  ? 16  G   B "C4'" 1 
ATOM   590  O  "O4'" . G   B 2 15 ? -4.846  -5.710  20.004  1.00 87.16  ? 16  G   B "O4'" 1 
ATOM   591  C  "C3'" . G   B 2 15 ? -5.632  -5.522  17.796  1.00 87.29  ? 16  G   B "C3'" 1 
ATOM   592  O  "O3'" . G   B 2 15 ? -5.962  -6.242  16.628  1.00 86.14  ? 16  G   B "O3'" 1 
ATOM   593  C  "C2'" . G   B 2 15 ? -6.808  -5.316  18.735  1.00 86.70  ? 16  G   B "C2'" 1 
ATOM   594  O  "O2'" . G   B 2 15 ? -7.564  -6.514  18.864  1.00 86.45  ? 16  G   B "O2'" 1 
ATOM   595  C  "C1'" . G   B 2 15 ? -6.089  -5.047  20.055  1.00 87.81  ? 16  G   B "C1'" 1 
ATOM   596  N  N9    . G   B 2 15 ? -5.838  -3.607  20.263  1.00 88.51  ? 16  G   B N9    1 
ATOM   597  C  C8    . G   B 2 15 ? -4.693  -2.897  19.992  1.00 89.67  ? 16  G   B C8    1 
ATOM   598  N  N7    . G   B 2 15 ? -4.792  -1.628  20.292  1.00 92.05  ? 16  G   B N7    1 
ATOM   599  C  C5    . G   B 2 15 ? -6.079  -1.493  20.803  1.00 90.66  ? 16  G   B C5    1 
ATOM   600  C  C6    . G   B 2 15 ? -6.770  -0.357  21.304  1.00 90.17  ? 16  G   B C6    1 
ATOM   601  O  O6    . G   B 2 15 ? -6.390  0.814   21.408  1.00 91.95  ? 16  G   B O6    1 
ATOM   602  N  N1    . G   B 2 15 ? -8.056  -0.692  21.706  1.00 92.17  ? 16  G   B N1    1 
ATOM   603  C  C2    . G   B 2 15 ? -8.608  -1.951  21.642  1.00 91.65  ? 16  G   B C2    1 
ATOM   604  N  N2    . G   B 2 15 ? -9.869  -2.095  22.081  1.00 90.78  ? 16  G   B N2    1 
ATOM   605  N  N3    . G   B 2 15 ? -7.972  -3.012  21.186  1.00 90.51  ? 16  G   B N3    1 
ATOM   606  C  C4    . G   B 2 15 ? -6.726  -2.708  20.786  1.00 89.40  ? 16  G   B C4    1 
ATOM   607  P  P     . C   B 2 16 ? -6.368  -5.447  15.298  1.00 87.14  ? 17  C   B P     1 
ATOM   608  O  OP1   . C   B 2 16 ? -6.462  -6.447  14.208  1.00 80.75  ? 17  C   B OP1   1 
ATOM   609  O  OP2   . C   B 2 16 ? -5.416  -4.320  15.168  1.00 84.92  ? 17  C   B OP2   1 
ATOM   610  O  "O5'" . C   B 2 16 ? -7.810  -4.876  15.638  1.00 89.93  ? 17  C   B "O5'" 1 
ATOM   611  C  "C5'" . C   B 2 16 ? -8.930  -5.732  15.796  1.00 87.97  ? 17  C   B "C5'" 1 
ATOM   612  C  "C4'" . C   B 2 16 ? -10.129 -4.959  16.279  1.00 85.33  ? 17  C   B "C4'" 1 
ATOM   613  O  "O4'" . C   B 2 16 ? -9.840  -4.379  17.579  1.00 89.13  ? 17  C   B "O4'" 1 
ATOM   614  C  "C3'" . C   B 2 16 ? -10.522 -3.754  15.444  1.00 84.29  ? 17  C   B "C3'" 1 
ATOM   615  O  "O3'" . C   B 2 16 ? -11.239 -4.085  14.280  1.00 88.90  ? 17  C   B "O3'" 1 
ATOM   616  C  "C2'" . C   B 2 16 ? -11.320 -2.929  16.430  1.00 88.61  ? 17  C   B "C2'" 1 
ATOM   617  O  "O2'" . C   B 2 16 ? -12.605 -3.510  16.637  1.00 83.73  ? 17  C   B "O2'" 1 
ATOM   618  C  "C1'" . C   B 2 16 ? -10.486 -3.124  17.694  1.00 90.15  ? 17  C   B "C1'" 1 
ATOM   619  N  N1    . C   B 2 16 ? -9.453  -2.064  17.849  1.00 86.63  ? 17  C   B N1    1 
ATOM   620  C  C2    . C   B 2 16 ? -9.857  -0.760  18.147  1.00 89.26  ? 17  C   B C2    1 
ATOM   621  O  O2    . C   B 2 16 ? -11.062 -0.518  18.267  1.00 92.30  ? 17  C   B O2    1 
ATOM   622  N  N3    . C   B 2 16 ? -8.950  0.226   18.290  1.00 89.42  ? 17  C   B N3    1 
ATOM   623  C  C4    . C   B 2 16 ? -7.666  -0.047  18.158  1.00 88.96  ? 17  C   B C4    1 
ATOM   624  N  N4    . C   B 2 16 ? -6.808  0.960   18.315  1.00 91.67  ? 17  C   B N4    1 
ATOM   625  C  C5    . C   B 2 16 ? -7.214  -1.364  17.871  1.00 89.08  ? 17  C   B C5    1 
ATOM   626  C  C6    . C   B 2 16 ? -8.126  -2.333  17.720  1.00 86.86  ? 17  C   B C6    1 
ATOM   627  P  P     . A   B 2 17 ? -11.182 -3.102  13.013  1.00 98.85  ? 18  A   B P     1 
ATOM   628  O  OP1   . A   B 2 17 ? -12.028 -3.713  11.953  1.00 87.87  ? 18  A   B OP1   1 
ATOM   629  O  OP2   . A   B 2 17 ? -9.747  -2.843  12.728  1.00 92.48  ? 18  A   B OP2   1 
ATOM   630  O  "O5'" . A   B 2 17 ? -11.866 -1.772  13.555  1.00 95.67  ? 18  A   B "O5'" 1 
ATOM   631  C  "C5'" . A   B 2 17 ? -13.262 -1.714  13.777  1.00 92.68  ? 18  A   B "C5'" 1 
ATOM   632  C  "C4'" . A   B 2 17 ? -13.688 -0.333  14.178  1.00 92.58  ? 18  A   B "C4'" 1 
ATOM   633  O  "O4'" . A   B 2 17 ? -13.057 0.038   15.430  1.00 88.17  ? 18  A   B "O4'" 1 
ATOM   634  C  "C3'" . A   B 2 17 ? -13.281 0.779   13.241  1.00 93.55  ? 18  A   B "C3'" 1 
ATOM   635  O  "O3'" . A   B 2 17 ? -14.103 0.865   12.105  1.00 96.14  ? 18  A   B "O3'" 1 
ATOM   636  C  "C2'" . A   B 2 17 ? -13.364 1.998   14.138  1.00 95.71  ? 18  A   B "C2'" 1 
ATOM   637  O  "O2'" . A   B 2 17 ? -14.721 2.368   14.347  1.00 100.54 ? 18  A   B "O2'" 1 
ATOM   638  C  "C1'" . A   B 2 17 ? -12.821 1.429   15.440  1.00 89.01  ? 18  A   B "C1'" 1 
ATOM   639  N  N9    . A   B 2 17 ? -11.382 1.655   15.565  1.00 88.83  ? 18  A   B N9    1 
ATOM   640  C  C8    . A   B 2 17 ? -10.345 0.782   15.400  1.00 88.28  ? 18  A   B C8    1 
ATOM   641  N  N7    . A   B 2 17 ? -9.180  1.347   15.614  1.00 89.84  ? 18  A   B N7    1 
ATOM   642  C  C5    . A   B 2 17 ? -9.485  2.666   15.923  1.00 89.05  ? 18  A   B C5    1 
ATOM   643  C  C6    . A   B 2 17 ? -8.699  3.777   16.248  1.00 88.71  ? 18  A   B C6    1 
ATOM   644  N  N6    . A   B 2 17 ? -7.374  3.757   16.326  1.00 88.78  ? 18  A   B N6    1 
ATOM   645  N  N1    . A   B 2 17 ? -9.334  4.937   16.494  1.00 90.91  ? 18  A   B N1    1 
ATOM   646  C  C2    . A   B 2 17 ? -10.675 4.973   16.427  1.00 92.18  ? 18  A   B C2    1 
ATOM   647  N  N3    . A   B 2 17 ? -11.529 3.996   16.135  1.00 89.84  ? 18  A   B N3    1 
ATOM   648  C  C4    . A   B 2 17 ? -10.848 2.862   15.896  1.00 90.56  ? 18  A   B C4    1 
ATOM   649  P  P     . G   B 2 18 ? -13.602 1.691   10.831  1.00 108.91 ? 19  G   B P     1 
ATOM   650  O  OP1   . G   B 2 18 ? -14.683 1.614   9.817   1.00 92.45  ? 19  G   B OP1   1 
ATOM   651  O  OP2   . G   B 2 18 ? -12.244 1.176   10.482  1.00 103.40 ? 19  G   B OP2   1 
ATOM   652  O  "O5'" . G   B 2 18 ? -13.485 3.181   11.391  1.00 100.99 ? 19  G   B "O5'" 1 
ATOM   653  C  "C5'" . G   B 2 18 ? -14.621 4.030   11.444  1.00 94.73  ? 19  G   B "C5'" 1 
ATOM   654  C  "C4'" . G   B 2 18 ? -14.259 5.409   11.928  1.00 94.84  ? 19  G   B "C4'" 1 
ATOM   655  O  "O4'" . G   B 2 18 ? -13.469 5.315   13.141  1.00 95.52  ? 19  G   B "O4'" 1 
ATOM   656  C  "C3'" . G   B 2 18 ? -13.379 6.225   11.009  1.00 96.38  ? 19  G   B "C3'" 1 
ATOM   657  O  "O3'" . G   B 2 18 ? -14.073 6.790   9.924   1.00 97.87  ? 19  G   B "O3'" 1 
ATOM   658  C  "C2'" . G   B 2 18 ? -12.777 7.247   11.961  1.00 98.07  ? 19  G   B "C2'" 1 
ATOM   659  O  "O2'" . G   B 2 18 ? -13.727 8.248   12.305  1.00 99.36  ? 19  G   B "O2'" 1 
ATOM   660  C  "C1'" . G   B 2 18 ? -12.540 6.380   13.184  1.00 92.00  ? 19  G   B "C1'" 1 
ATOM   661  N  N9    . G   B 2 18 ? -11.195 5.820   13.176  1.00 89.67  ? 19  G   B N9    1 
ATOM   662  C  C8    . G   B 2 18 ? -10.795 4.534   12.928  1.00 91.72  ? 19  G   B C8    1 
ATOM   663  N  N7    . G   B 2 18 ? -9.492  4.421   13.025  1.00 93.09  ? 19  G   B N7    1 
ATOM   664  C  C5    . G   B 2 18 ? -9.035  5.705   13.341  1.00 90.86  ? 19  G   B C5    1 
ATOM   665  C  C6    . G   B 2 18 ? -7.724  6.216   13.562  1.00 90.90  ? 19  G   B C6    1 
ATOM   666  O  O6    . G   B 2 18 ? -6.637  5.612   13.520  1.00 88.22  ? 19  G   B O6    1 
ATOM   667  N  N1    . G   B 2 18 ? -7.757  7.584   13.851  1.00 89.37  ? 19  G   B N1    1 
ATOM   668  C  C2    . G   B 2 18 ? -8.890  8.360   13.913  1.00 89.03  ? 19  G   B C2    1 
ATOM   669  N  N2    . G   B 2 18 ? -8.715  9.658   14.200  1.00 89.41  ? 19  G   B N2    1 
ATOM   670  N  N3    . G   B 2 18 ? -10.110 7.898   13.701  1.00 88.92  ? 19  G   B N3    1 
ATOM   671  C  C4    . G   B 2 18 ? -10.092 6.579   13.427  1.00 90.34  ? 19  G   B C4    1 
ATOM   672  P  P     . A   B 2 19 ? -13.371 6.848   8.481   1.00 111.41 ? 20  A   B P     1 
ATOM   673  O  OP1   . A   B 2 19 ? -14.379 7.390   7.523   1.00 92.01  ? 20  A   B OP1   1 
ATOM   674  O  OP2   . A   B 2 19 ? -12.806 5.505   8.226   1.00 108.00 ? 20  A   B OP2   1 
ATOM   675  O  "O5'" . A   B 2 19 ? -12.184 7.903   8.704   1.00 93.38  ? 20  A   B "O5'" 1 
ATOM   676  C  "C5'" . A   B 2 19 ? -12.465 9.272   8.950   1.00 90.77  ? 20  A   B "C5'" 1 
ATOM   677  C  "C4'" . A   B 2 19 ? -11.250 10.012  9.428   1.00 88.14  ? 20  A   B "C4'" 1 
ATOM   678  O  "O4'" . A   B 2 19 ? -10.676 9.317   10.559  1.00 90.26  ? 20  A   B "O4'" 1 
ATOM   679  C  "C3'" . A   B 2 19 ? -10.098 10.100  8.446   1.00 90.70  ? 20  A   B "C3'" 1 
ATOM   680  O  "O3'" . A   B 2 19 ? -10.277 11.090  7.457   1.00 89.66  ? 20  A   B "O3'" 1 
ATOM   681  C  "C2'" . A   B 2 19 ? -8.902  10.333  9.360   1.00 87.94  ? 20  A   B "C2'" 1 
ATOM   682  O  "O2'" . A   B 2 19 ? -8.865  11.673  9.828   1.00 86.86  ? 20  A   B "O2'" 1 
ATOM   683  C  "C1'" . A   B 2 19 ? -9.269  9.433   10.528  1.00 88.14  ? 20  A   B "C1'" 1 
ATOM   684  N  N9    . A   B 2 19 ? -8.698  8.095   10.371  1.00 87.44  ? 20  A   B N9    1 
ATOM   685  C  C8    . A   B 2 19 ? -9.299  6.897   10.058  1.00 88.28  ? 20  A   B C8    1 
ATOM   686  N  N7    . A   B 2 19 ? -8.444  5.901   10.019  1.00 85.57  ? 20  A   B N7    1 
ATOM   687  C  C5    . A   B 2 19 ? -7.221  6.502   10.326  1.00 86.48  ? 20  A   B C5    1 
ATOM   688  C  C6    . A   B 2 19 ? -5.907  6.018   10.446  1.00 87.03  ? 20  A   B C6    1 
ATOM   689  N  N6    . A   B 2 19 ? -5.586  4.736   10.264  1.00 88.01  ? 20  A   B N6    1 
ATOM   690  N  N1    . A   B 2 19 ? -4.923  6.905   10.756  1.00 85.78  ? 20  A   B N1    1 
ATOM   691  C  C2    . A   B 2 19 ? -5.225  8.199   10.939  1.00 86.04  ? 20  A   B C2    1 
ATOM   692  N  N3    . A   B 2 19 ? -6.423  8.773   10.852  1.00 88.77  ? 20  A   B N3    1 
ATOM   693  C  C4    . A   B 2 19 ? -7.368  7.857   10.540  1.00 87.58  ? 20  A   B C4    1 
ATOM   694  P  P     . G   B 2 20 ? -9.890  10.765  5.931   1.00 95.49  ? 21  G   B P     1 
ATOM   695  O  OP1   . G   B 2 20 ? -10.306 11.935  5.114   1.00 85.21  ? 21  G   B OP1   1 
ATOM   696  O  OP2   . G   B 2 20 ? -10.460 9.429   5.608   1.00 87.79  ? 21  G   B OP2   1 
ATOM   697  O  "O5'" . G   B 2 20 ? -8.299  10.680  5.988   1.00 90.46  ? 21  G   B "O5'" 1 
ATOM   698  C  "C5'" . G   B 2 20 ? -7.520  11.852  6.172   1.00 89.43  ? 21  G   B "C5'" 1 
ATOM   699  C  "C4'" . G   B 2 20 ? -6.087  11.521  6.505   1.00 89.39  ? 21  G   B "C4'" 1 
ATOM   700  O  "O4'" . G   B 2 20 ? -6.039  10.571  7.598   1.00 88.00  ? 21  G   B "O4'" 1 
ATOM   701  C  "C3'" . G   B 2 20 ? -5.279  10.851  5.406   1.00 88.94  ? 21  G   B "C3'" 1 
ATOM   702  O  "O3'" . G   B 2 20 ? -4.791  11.764  4.450   1.00 92.42  ? 21  G   B "O3'" 1 
ATOM   703  C  "C2'" . G   B 2 20 ? -4.175  10.170  6.197   1.00 89.14  ? 21  G   B "C2'" 1 
ATOM   704  O  "O2'" . G   B 2 20 ? -3.210  11.125  6.628   1.00 86.80  ? 21  G   B "O2'" 1 
ATOM   705  C  "C1'" . G   B 2 20 ? -4.948  9.692   7.418   1.00 84.58  ? 21  G   B "C1'" 1 
ATOM   706  N  N9    . G   B 2 20 ? -5.471  8.317   7.252   1.00 85.51  ? 21  G   B N9    1 
ATOM   707  C  C8    . G   B 2 20 ? -6.756  7.925   6.917   1.00 86.99  ? 21  G   B C8    1 
ATOM   708  N  N7    . G   B 2 20 ? -6.911  6.621   6.878   1.00 84.98  ? 21  G   B N7    1 
ATOM   709  C  C5    . G   B 2 20 ? -5.655  6.112   7.221   1.00 84.87  ? 21  G   B C5    1 
ATOM   710  C  C6    . G   B 2 20 ? -5.189  4.765   7.354   1.00 82.82  ? 21  G   B C6    1 
ATOM   711  O  O6    . G   B 2 20 ? -5.809  3.706   7.193   1.00 86.24  ? 21  G   B O6    1 
ATOM   712  N  N1    . G   B 2 20 ? -3.843  4.704   7.701   1.00 77.06  ? 21  G   B N1    1 
ATOM   713  C  C2    . G   B 2 20 ? -3.042  5.801   7.907   1.00 78.61  ? 21  G   B C2    1 
ATOM   714  N  N2    . G   B 2 20 ? -1.770  5.551   8.242   1.00 74.98  ? 21  G   B N2    1 
ATOM   715  N  N3    . G   B 2 20 ? -3.454  7.058   7.798   1.00 81.10  ? 21  G   B N3    1 
ATOM   716  C  C4    . G   B 2 20 ? -4.763  7.145   7.457   1.00 83.45  ? 21  G   B C4    1 
ATOM   717  P  P     . A   B 2 21 ? -5.286  11.691  2.922   1.00 96.18  ? 22  A   B P     1 
ATOM   718  O  OP1   . A   B 2 21 ? -6.643  12.298  2.864   1.00 89.57  ? 22  A   B OP1   1 
ATOM   719  O  OP2   . A   B 2 21 ? -5.108  10.285  2.453   1.00 85.69  ? 22  A   B OP2   1 
ATOM   720  O  "O5'" . A   B 2 21 ? -4.238  12.628  2.206   1.00 83.47  ? 22  A   B "O5'" 1 
ATOM   721  C  "C5'" . A   B 2 21 ? -2.984  12.115  1.816   1.00 87.49  ? 22  A   B "C5'" 1 
ATOM   722  C  "C4'" . A   B 2 21 ? -1.868  12.688  2.642   1.00 91.27  ? 22  A   B "C4'" 1 
ATOM   723  O  "O4'" . A   B 2 21 ? -1.870  12.094  3.969   1.00 88.66  ? 22  A   B "O4'" 1 
ATOM   724  C  "C3'" . A   B 2 21 ? -0.479  12.408  2.108   1.00 89.86  ? 22  A   B "C3'" 1 
ATOM   725  O  "O3'" . A   B 2 21 ? -0.101  13.295  1.079   1.00 84.42  ? 22  A   B "O3'" 1 
ATOM   726  C  "C2'" . A   B 2 21 ? 0.406   12.465  3.349   1.00 85.99  ? 22  A   B "C2'" 1 
ATOM   727  O  "O2'" . A   B 2 21 ? 0.733   13.805  3.682   1.00 87.85  ? 22  A   B "O2'" 1 
ATOM   728  C  "C1'" . A   B 2 21 ? -0.535  11.908  4.419   1.00 87.33  ? 22  A   B "C1'" 1 
ATOM   729  N  N9    . A   B 2 21 ? -0.312  10.466  4.653   1.00 85.69  ? 22  A   B N9    1 
ATOM   730  C  C8    . A   B 2 21 ? -1.190  9.433   4.402   1.00 83.70  ? 22  A   B C8    1 
ATOM   731  N  N7    . A   B 2 21 ? -0.731  8.245   4.716   1.00 77.51  ? 22  A   B N7    1 
ATOM   732  C  C5    . A   B 2 21 ? 0.538   8.515   5.215   1.00 79.23  ? 22  A   B C5    1 
ATOM   733  C  C6    . A   B 2 21 ? 1.543   7.669   5.723   1.00 79.93  ? 22  A   B C6    1 
ATOM   734  N  N6    . A   B 2 21 ? 1.388   6.341   5.797   1.00 76.41  ? 22  A   B N6    1 
ATOM   735  N  N1    . A   B 2 21 ? 2.709   8.233   6.142   1.00 80.86  ? 22  A   B N1    1 
ATOM   736  C  C2    . A   B 2 21 ? 2.829   9.567   6.057   1.00 82.75  ? 22  A   B C2    1 
ATOM   737  N  N3    . A   B 2 21 ? 1.951   10.471  5.599   1.00 87.25  ? 22  A   B N3    1 
ATOM   738  C  C4    . A   B 2 21 ? 0.811   9.874   5.187   1.00 83.94  ? 22  A   B C4    1 
ATOM   739  P  P     . A   B 2 22 ? 0.752   12.738  -0.147  1.00 96.66  ? 23  A   B P     1 
ATOM   740  O  OP1   . A   B 2 22 ? 0.947   13.857  -1.104  1.00 94.56  ? 23  A   B OP1   1 
ATOM   741  O  OP2   . A   B 2 22 ? 0.081   11.496  -0.622  1.00 88.81  ? 23  A   B OP2   1 
ATOM   742  O  "O5'" . A   B 2 22 ? 2.125   12.384  0.553   1.00 86.86  ? 23  A   B "O5'" 1 
ATOM   743  C  "C5'" . A   B 2 22 ? 2.755   13.328  1.398   1.00 85.96  ? 23  A   B "C5'" 1 
ATOM   744  C  "C4'" . A   B 2 22 ? 4.053   12.794  1.909   1.00 87.20  ? 23  A   B "C4'" 1 
ATOM   745  O  "O4'" . A   B 2 22 ? 3.806   11.912  3.034   1.00 89.31  ? 23  A   B "O4'" 1 
ATOM   746  C  "C3'" . A   B 2 22 ? 4.833   11.949  0.915   1.00 82.37  ? 23  A   B "C3'" 1 
ATOM   747  O  "O3'" . A   B 2 22 ? 5.639   12.736  0.070   1.00 87.43  ? 23  A   B "O3'" 1 
ATOM   748  C  "C2'" . A   B 2 22 ? 5.620   11.008  1.810   1.00 85.38  ? 23  A   B "C2'" 1 
ATOM   749  O  "O2'" . A   B 2 22 ? 6.753   11.663  2.359   1.00 82.95  ? 23  A   B "O2'" 1 
ATOM   750  C  "C1'" . A   B 2 22 ? 4.612   10.761  2.930   1.00 86.70  ? 23  A   B "C1'" 1 
ATOM   751  N  N9    . A   B 2 22 ? 3.732   9.615   2.626   1.00 85.17  ? 23  A   B N9    1 
ATOM   752  C  C8    . A   B 2 22 ? 2.460   9.646   2.100   1.00 83.51  ? 23  A   B C8    1 
ATOM   753  N  N7    . A   B 2 22 ? 1.936   8.449   1.948   1.00 80.94  ? 23  A   B N7    1 
ATOM   754  C  C5    . A   B 2 22 ? 2.929   7.578   2.395   1.00 76.69  ? 23  A   B C5    1 
ATOM   755  C  C6    . A   B 2 22 ? 3.009   6.173   2.497   1.00 72.29  ? 23  A   B C6    1 
ATOM   756  N  N6    . A   B 2 22 ? 2.048   5.319   2.141   1.00 70.09  ? 23  A   B N6    1 
ATOM   757  N  N1    . A   B 2 22 ? 4.131   5.641   2.998   1.00 75.53  ? 23  A   B N1    1 
ATOM   758  C  C2    . A   B 2 22 ? 5.120   6.462   3.363   1.00 81.22  ? 23  A   B C2    1 
ATOM   759  N  N3    . A   B 2 22 ? 5.176   7.792   3.312   1.00 83.79  ? 23  A   B N3    1 
ATOM   760  C  C4    . A   B 2 22 ? 4.032   8.290   2.819   1.00 80.51  ? 23  A   B C4    1 
ATOM   761  P  P     . A   B 2 23 ? 6.358   12.089  -1.205  1.00 95.33  ? 24  A   B P     1 
ATOM   762  O  OP1   . A   B 2 23 ? 7.409   13.046  -1.643  1.00 80.91  ? 24  A   B OP1   1 
ATOM   763  O  OP2   . A   B 2 23 ? 5.284   11.700  -2.164  1.00 84.86  ? 24  A   B OP2   1 
ATOM   764  O  "O5'" . A   B 2 23 ? 7.043   10.800  -0.606  1.00 81.88  ? 24  A   B "O5'" 1 
ATOM   765  C  "C5'" . A   B 2 23 ? 8.384   10.843  -0.180  1.00 80.66  ? 24  A   B "C5'" 1 
ATOM   766  C  "C4'" . A   B 2 23 ? 8.922   9.461   0.017   1.00 82.12  ? 24  A   B "C4'" 1 
ATOM   767  O  "O4'" . A   B 2 23 ? 8.040   8.723   0.901   1.00 80.23  ? 24  A   B "O4'" 1 
ATOM   768  C  "C3'" . A   B 2 23 ? 8.994   8.609   -1.235  1.00 77.91  ? 24  A   B "C3'" 1 
ATOM   769  O  "O3'" . A   B 2 23 ? 10.164  8.853   -1.980  1.00 74.27  ? 24  A   B "O3'" 1 
ATOM   770  C  "C2'" . A   B 2 23 ? 8.912   7.198   -0.682  1.00 78.00  ? 24  A   B "C2'" 1 
ATOM   771  O  "O2'" . A   B 2 23 ? 10.163  6.808   -0.129  1.00 78.52  ? 24  A   B "O2'" 1 
ATOM   772  C  "C1'" . A   B 2 23 ? 7.925   7.392   0.464   1.00 75.15  ? 24  A   B "C1'" 1 
ATOM   773  N  N9    . A   B 2 23 ? 6.541   7.184   0.037   1.00 75.21  ? 24  A   B N9    1 
ATOM   774  C  C8    . A   B 2 23 ? 5.603   8.158   -0.202  1.00 75.35  ? 24  A   B C8    1 
ATOM   775  N  N7    . A   B 2 23 ? 4.439   7.668   -0.550  1.00 72.43  ? 24  A   B N7    1 
ATOM   776  C  C5    . A   B 2 23 ? 4.624   6.290   -0.530  1.00 71.10  ? 24  A   B C5    1 
ATOM   777  C  C6    . A   B 2 23 ? 3.760   5.211   -0.811  1.00 67.56  ? 24  A   B C6    1 
ATOM   778  N  N6    . A   B 2 23 ? 2.478   5.350   -1.188  1.00 67.73  ? 24  A   B N6    1 
ATOM   779  N  N1    . A   B 2 23 ? 4.270   3.965   -0.682  1.00 64.01  ? 24  A   B N1    1 
ATOM   780  C  C2    . A   B 2 23 ? 5.564   3.831   -0.313  1.00 71.82  ? 24  A   B C2    1 
ATOM   781  N  N3    . A   B 2 23 ? 6.489   4.758   -0.030  1.00 70.82  ? 24  A   B N3    1 
ATOM   782  C  C4    . A   B 2 23 ? 5.931   5.978   -0.159  1.00 74.96  ? 24  A   B C4    1 
ATOM   783  P  P     . C   B 2 24 ? 10.173  8.593   -3.550  1.00 82.46  ? 25  C   B P     1 
ATOM   784  O  OP1   . C   B 2 24 ? 11.567  8.811   -4.022  1.00 66.16  ? 25  C   B OP1   1 
ATOM   785  O  OP2   . C   B 2 24 ? 9.069   9.408   -4.136  1.00 78.16  ? 25  C   B OP2   1 
ATOM   786  O  "O5'" . C   B 2 24 ? 9.812   7.058   -3.647  1.00 76.14  ? 25  C   B "O5'" 1 
ATOM   787  C  "C5'" . C   B 2 24 ? 10.810  6.069   -3.504  1.00 72.59  ? 25  C   B "C5'" 1 
ATOM   788  C  "C4'" . C   B 2 24 ? 10.208  4.701   -3.596  1.00 73.30  ? 25  C   B "C4'" 1 
ATOM   789  O  "O4'" . C   B 2 24 ? 9.015   4.654   -2.784  1.00 76.22  ? 25  C   B "O4'" 1 
ATOM   790  C  "C3'" . C   B 2 24 ? 9.730   4.292   -4.970  1.00 71.60  ? 25  C   B "C3'" 1 
ATOM   791  O  "O3'" . C   B 2 24 ? 10.772  3.777   -5.768  1.00 74.16  ? 25  C   B "O3'" 1 
ATOM   792  C  "C2'" . C   B 2 24 ? 8.645   3.275   -4.665  1.00 69.34  ? 25  C   B "C2'" 1 
ATOM   793  O  "O2'" . C   B 2 24 ? 9.221   2.021   -4.342  1.00 72.22  ? 25  C   B "O2'" 1 
ATOM   794  C  "C1'" . C   B 2 24 ? 8.044   3.853   -3.394  1.00 68.63  ? 25  C   B "C1'" 1 
ATOM   795  N  N1    . C   B 2 24 ? 6.868   4.677   -3.649  1.00 68.63  ? 25  C   B N1    1 
ATOM   796  C  C2    . C   B 2 24 ? 5.674   3.996   -3.880  1.00 69.92  ? 25  C   B C2    1 
ATOM   797  O  O2    . C   B 2 24 ? 5.742   2.754   -3.903  1.00 69.91  ? 25  C   B O2    1 
ATOM   798  N  N3    . C   B 2 24 ? 4.515   4.682   -4.084  1.00 65.28  ? 25  C   B N3    1 
ATOM   799  C  C4    . C   B 2 24 ? 4.543   6.017   -4.041  1.00 67.60  ? 25  C   B C4    1 
ATOM   800  N  N4    . C   B 2 24 ? 3.392   6.669   -4.260  1.00 65.78  ? 25  C   B N4    1 
ATOM   801  C  C5    . C   B 2 24 ? 5.761   6.737   -3.787  1.00 72.23  ? 25  C   B C5    1 
ATOM   802  C  C6    . C   B 2 24 ? 6.902   6.040   -3.585  1.00 71.88  ? 25  C   B C6    1 
ATOM   803  P  P     . A   B 2 25 ? 10.673  3.828   -7.369  1.00 81.83  ? 26  A   B P     1 
ATOM   804  O  OP1   . A   B 2 25 ? 11.954  3.292   -7.876  1.00 69.99  ? 26  A   B OP1   1 
ATOM   805  O  OP2   . A   B 2 25 ? 10.268  5.211   -7.750  1.00 74.49  ? 26  A   B OP2   1 
ATOM   806  O  "O5'" . A   B 2 25 ? 9.479   2.812   -7.692  1.00 70.45  ? 26  A   B "O5'" 1 
ATOM   807  C  "C5'" . A   B 2 25 ? 9.703   1.415   -7.700  1.00 67.51  ? 26  A   B "C5'" 1 
ATOM   808  C  "C4'" . A   B 2 25 ? 8.445   0.676   -8.034  1.00 66.36  ? 26  A   B "C4'" 1 
ATOM   809  O  "O4'" . A   B 2 25 ? 7.396   1.122   -7.158  1.00 66.37  ? 26  A   B "O4'" 1 
ATOM   810  C  "C3'" . A   B 2 25 ? 7.896   0.939   -9.411  1.00 73.35  ? 26  A   B "C3'" 1 
ATOM   811  O  "O3'" . A   B 2 25 ? 8.518   0.165   -10.396 1.00 79.58  ? 26  A   B "O3'" 1 
ATOM   812  C  "C2'" . A   B 2 25 ? 6.398   0.682   -9.258  1.00 73.29  ? 26  A   B "C2'" 1 
ATOM   813  O  "O2'" . A   B 2 25 ? 6.101   -0.706  -9.274  1.00 76.50  ? 26  A   B "O2'" 1 
ATOM   814  C  "C1'" . A   B 2 25 ? 6.170   1.195   -7.855  1.00 68.47  ? 26  A   B "C1'" 1 
ATOM   815  N  N9    . A   B 2 25 ? 5.738   2.588   -7.839  1.00 67.12  ? 26  A   B N9    1 
ATOM   816  C  C8    . A   B 2 25 ? 6.533   3.668   -7.515  1.00 68.65  ? 26  A   B C8    1 
ATOM   817  N  N7    . A   B 2 25 ? 5.853   4.793   -7.521  1.00 68.69  ? 26  A   B N7    1 
ATOM   818  C  C5    . A   B 2 25 ? 4.558   4.398   -7.858  1.00 64.82  ? 26  A   B C5    1 
ATOM   819  C  C6    . A   B 2 25 ? 3.366   5.125   -8.022  1.00 70.96  ? 26  A   B C6    1 
ATOM   820  N  N6    . A   B 2 25 ? 3.328   6.456   -7.870  1.00 71.50  ? 26  A   B N6    1 
ATOM   821  N  N1    . A   B 2 25 ? 2.232   4.434   -8.349  1.00 72.87  ? 26  A   B N1    1 
ATOM   822  C  C2    . A   B 2 25 ? 2.324   3.097   -8.495  1.00 74.46  ? 26  A   B C2    1 
ATOM   823  N  N3    . A   B 2 25 ? 3.400   2.296   -8.366  1.00 71.29  ? 26  A   B N3    1 
ATOM   824  C  C4    . A   B 2 25 ? 4.476   3.032   -8.045  1.00 65.07  ? 26  A   B C4    1 
ATOM   825  P  P     . C   B 2 26 ? 8.796   0.806   -11.825 1.00 79.92  ? 27  C   B P     1 
ATOM   826  O  OP1   . C   B 2 26 ? 9.493   -0.230  -12.621 1.00 72.65  ? 27  C   B OP1   1 
ATOM   827  O  OP2   . C   B 2 26 ? 9.472   2.122   -11.603 1.00 69.26  ? 27  C   B OP2   1 
ATOM   828  O  "O5'" . C   B 2 26 ? 7.315   1.033   -12.371 1.00 67.12  ? 27  C   B "O5'" 1 
ATOM   829  C  "C5'" . C   B 2 26 ? 6.497   -0.070  -12.710 1.00 70.92  ? 27  C   B "C5'" 1 
ATOM   830  C  "C4'" . C   B 2 26 ? 5.060   0.338   -12.885 1.00 68.61  ? 27  C   B "C4'" 1 
ATOM   831  O  "O4'" . C   B 2 26 ? 4.653   1.140   -11.770 1.00 74.31  ? 27  C   B "O4'" 1 
ATOM   832  C  "C3'" . C   B 2 26 ? 4.741   1.226   -14.063 1.00 72.32  ? 27  C   B "C3'" 1 
ATOM   833  O  "O3'" . C   B 2 26 ? 4.698   0.521   -15.287 1.00 83.13  ? 27  C   B "O3'" 1 
ATOM   834  C  "C2'" . C   B 2 26 ? 3.401   1.812   -13.652 1.00 71.46  ? 27  C   B "C2'" 1 
ATOM   835  O  "O2'" . C   B 2 26 ? 2.372   0.853   -13.807 1.00 73.02  ? 27  C   B "O2'" 1 
ATOM   836  C  "C1'" . C   B 2 26 ? 3.618   2.005   -12.166 1.00 70.87  ? 27  C   B "C1'" 1 
ATOM   837  N  N1    . C   B 2 26 ? 3.995   3.373   -11.820 1.00 69.92  ? 27  C   B N1    1 
ATOM   838  C  C2    . C   B 2 26 ? 2.954   4.285   -11.691 1.00 72.21  ? 27  C   B C2    1 
ATOM   839  O  O2    . C   B 2 26 ? 1.801   3.892   -11.932 1.00 73.59  ? 27  C   B O2    1 
ATOM   840  N  N3    . C   B 2 26 ? 3.236   5.556   -11.335 1.00 71.05  ? 27  C   B N3    1 
ATOM   841  C  C4    . C   B 2 26 ? 4.504   5.892   -11.085 1.00 69.98  ? 27  C   B C4    1 
ATOM   842  N  N4    . C   B 2 26 ? 4.749   7.155   -10.735 1.00 68.83  ? 27  C   B N4    1 
ATOM   843  C  C5    . C   B 2 26 ? 5.580   4.961   -11.176 1.00 66.51  ? 27  C   B C5    1 
ATOM   844  C  C6    . C   B 2 26 ? 5.284   3.709   -11.541 1.00 68.59  ? 27  C   B C6    1 
ATOM   845  P  P     . A   B 2 27 ? 5.279   1.183   -16.635 1.00 82.34  ? 28  A   B P     1 
ATOM   846  O  OP1   . A   B 2 27 ? 5.380   0.088   -17.627 1.00 75.53  ? 28  A   B OP1   1 
ATOM   847  O  OP2   . A   B 2 27 ? 6.519   1.935   -16.273 1.00 64.22  ? 28  A   B OP2   1 
ATOM   848  O  "O5'" . A   B 2 27 ? 4.112   2.191   -17.047 1.00 67.83  ? 28  A   B "O5'" 1 
ATOM   849  C  "C5'" . A   B 2 27 ? 2.819   1.695   -17.344 1.00 70.49  ? 28  A   B "C5'" 1 
ATOM   850  C  "C4'" . A   B 2 27 ? 1.789   2.793   -17.366 1.00 78.12  ? 28  A   B "C4'" 1 
ATOM   851  O  "O4'" . A   B 2 27 ? 1.641   3.364   -16.039 1.00 78.64  ? 28  A   B "O4'" 1 
ATOM   852  C  "C3'" . A   B 2 27 ? 2.096   3.997   -18.245 1.00 79.00  ? 28  A   B "C3'" 1 
ATOM   853  O  "O3'" . A   B 2 27 ? 1.840   3.760   -19.613 1.00 82.19  ? 28  A   B "O3'" 1 
ATOM   854  C  "C2'" . A   B 2 27 ? 1.198   5.065   -17.636 1.00 82.84  ? 28  A   B "C2'" 1 
ATOM   855  O  "O2'" . A   B 2 27 ? -0.162  4.860   -18.009 1.00 79.60  ? 28  A   B "O2'" 1 
ATOM   856  C  "C1'" . A   B 2 27 ? 1.347   4.744   -16.145 1.00 78.65  ? 28  A   B "C1'" 1 
ATOM   857  N  N9    . A   B 2 27 ? 2.459   5.506   -15.535 1.00 76.36  ? 28  A   B N9    1 
ATOM   858  C  C8    . A   B 2 27 ? 3.760   5.091   -15.346 1.00 76.54  ? 28  A   B C8    1 
ATOM   859  N  N7    . A   B 2 27 ? 4.531   5.997   -14.777 1.00 74.25  ? 28  A   B N7    1 
ATOM   860  C  C5    . A   B 2 27 ? 3.681   7.088   -14.598 1.00 74.00  ? 28  A   B C5    1 
ATOM   861  C  C6    . A   B 2 27 ? 3.888   8.373   -14.054 1.00 73.68  ? 28  A   B C6    1 
ATOM   862  N  N6    . A   B 2 27 ? 5.060   8.790   -13.573 1.00 67.82  ? 28  A   B N6    1 
ATOM   863  N  N1    . A   B 2 27 ? 2.834   9.225   -14.019 1.00 76.35  ? 28  A   B N1    1 
ATOM   864  C  C2    . A   B 2 27 ? 1.651   8.808   -14.496 1.00 76.34  ? 28  A   B C2    1 
ATOM   865  N  N3    . A   B 2 27 ? 1.335   7.629   -15.033 1.00 77.72  ? 28  A   B N3    1 
ATOM   866  C  C4    . A   B 2 27 ? 2.404   6.801   -15.058 1.00 75.78  ? 28  A   B C4    1 
ATOM   867  P  P     . C   B 2 28 ? 2.771   4.413   -20.753 1.00 84.36  ? 29  C   B P     1 
ATOM   868  O  OP1   . C   B 2 28 ? 2.359   3.794   -22.032 1.00 87.31  ? 29  C   B OP1   1 
ATOM   869  O  OP2   . C   B 2 28 ? 4.184   4.276   -20.326 1.00 64.65  ? 29  C   B OP2   1 
ATOM   870  O  "O5'" . C   B 2 28 ? 2.333   5.943   -20.731 1.00 76.06  ? 29  C   B "O5'" 1 
ATOM   871  C  "C5'" . C   B 2 28 ? 1.080   6.331   -21.269 1.00 77.18  ? 29  C   B "C5'" 1 
ATOM   872  C  "C4'" . C   B 2 28 ? 0.703   7.731   -20.864 1.00 80.83  ? 29  C   B "C4'" 1 
ATOM   873  O  "O4'" . C   B 2 28 ? 0.757   7.854   -19.419 1.00 85.74  ? 29  C   B "O4'" 1 
ATOM   874  C  "C3'" . C   B 2 28 ? 1.606   8.858   -21.367 1.00 78.71  ? 29  C   B "C3'" 1 
ATOM   875  O  "O3'" . C   B 2 28 ? 1.334   9.223   -22.715 1.00 76.69  ? 29  C   B "O3'" 1 
ATOM   876  C  "C2'" . C   B 2 28 ? 1.307   9.963   -20.359 1.00 80.47  ? 29  C   B "C2'" 1 
ATOM   877  O  "O2'" . C   B 2 28 ? 0.040   10.555  -20.615 1.00 75.78  ? 29  C   B "O2'" 1 
ATOM   878  C  "C1'" . C   B 2 28 ? 1.197   9.151   -19.067 1.00 83.89  ? 29  C   B "C1'" 1 
ATOM   879  N  N1    . C   B 2 28 ? 2.501   9.036   -18.393 1.00 78.72  ? 29  C   B N1    1 
ATOM   880  C  C2    . C   B 2 28 ? 2.899   10.034  -17.501 1.00 78.66  ? 29  C   B C2    1 
ATOM   881  O  O2    . C   B 2 28 ? 2.124   10.982  -17.274 1.00 80.68  ? 29  C   B O2    1 
ATOM   882  N  N3    . C   B 2 28 ? 4.110   9.943   -16.902 1.00 77.30  ? 29  C   B N3    1 
ATOM   883  C  C4    . C   B 2 28 ? 4.907   8.908   -17.176 1.00 78.31  ? 29  C   B C4    1 
ATOM   884  N  N4    . C   B 2 28 ? 6.108   8.840   -16.586 1.00 76.44  ? 29  C   B N4    1 
ATOM   885  C  C5    . C   B 2 28 ? 4.516   7.884   -18.087 1.00 81.14  ? 29  C   B C5    1 
ATOM   886  C  C6    . C   B 2 28 ? 3.316   7.986   -18.675 1.00 80.07  ? 29  C   B C6    1 
ATOM   887  P  P     . G   B 2 29 ? 2.467   9.882   -23.658 1.00 81.59  ? 30  G   B P     1 
ATOM   888  O  OP1   . G   B 2 29 ? 1.851   10.055  -24.984 1.00 85.89  ? 30  G   B OP1   1 
ATOM   889  O  OP2   . G   B 2 29 ? 3.711   9.060   -23.553 1.00 63.00  ? 30  G   B OP2   1 
ATOM   890  O  "O5'" . G   B 2 29 ? 2.696   11.305  -22.993 1.00 77.02  ? 30  G   B "O5'" 1 
ATOM   891  C  "C5'" . G   B 2 29 ? 1.698   12.302  -23.091 1.00 73.89  ? 30  G   B "C5'" 1 
ATOM   892  C  "C4'" . G   B 2 29 ? 2.038   13.515  -22.270 1.00 78.68  ? 30  G   B "C4'" 1 
ATOM   893  O  "O4'" . G   B 2 29 ? 2.155   13.155  -20.861 1.00 82.34  ? 30  G   B "O4'" 1 
ATOM   894  C  "C3'" . G   B 2 29 ? 3.364   14.192  -22.570 1.00 80.26  ? 30  G   B "C3'" 1 
ATOM   895  O  "O3'" . G   B 2 29 ? 3.334   14.984  -23.741 1.00 81.91  ? 30  G   B "O3'" 1 
ATOM   896  C  "C2'" . G   B 2 29 ? 3.560   15.000  -21.303 1.00 85.56  ? 30  G   B "C2'" 1 
ATOM   897  O  "O2'" . G   B 2 29 ? 2.621   16.068  -21.256 1.00 85.08  ? 30  G   B "O2'" 1 
ATOM   898  C  "C1'" . G   B 2 29 ? 3.148   13.964  -20.254 1.00 83.64  ? 30  G   B "C1'" 1 
ATOM   899  N  N9    . G   B 2 29 ? 4.296   13.105  -19.864 1.00 83.68  ? 30  G   B N9    1 
ATOM   900  C  C8    . G   B 2 29 ? 4.521   11.788  -20.196 1.00 83.16  ? 30  G   B C8    1 
ATOM   901  N  N7    . G   B 2 29 ? 5.644   11.300  -19.737 1.00 78.49  ? 30  G   B N7    1 
ATOM   902  C  C5    . G   B 2 29 ? 6.215   12.358  -19.054 1.00 81.04  ? 30  G   B C5    1 
ATOM   903  C  C6    . G   B 2 29 ? 7.442   12.431  -18.347 1.00 81.66  ? 30  G   B C6    1 
ATOM   904  O  O6    . G   B 2 29 ? 8.281   11.542  -18.177 1.00 77.34  ? 30  G   B O6    1 
ATOM   905  N  N1    . G   B 2 29 ? 7.649   13.694  -17.809 1.00 84.03  ? 30  G   B N1    1 
ATOM   906  C  C2    . G   B 2 29 ? 6.779   14.749  -17.932 1.00 83.84  ? 30  G   B C2    1 
ATOM   907  N  N2    . G   B 2 29 ? 7.130   15.909  -17.346 1.00 84.47  ? 30  G   B N2    1 
ATOM   908  N  N3    . G   B 2 29 ? 5.633   14.681  -18.581 1.00 84.61  ? 30  G   B N3    1 
ATOM   909  C  C4    . G   B 2 29 ? 5.406   13.470  -19.122 1.00 82.67  ? 30  G   B C4    1 
ATOM   910  P  P     . A   B 2 30 ? 4.489   14.852  -24.868 1.00 86.63  ? 31  A   B P     1 
ATOM   911  O  OP1   . A   B 2 30 ? 3.974   15.561  -26.069 1.00 84.87  ? 31  A   B OP1   1 
ATOM   912  O  OP2   . A   B 2 30 ? 4.845   13.414  -24.989 1.00 78.97  ? 31  A   B OP2   1 
ATOM   913  O  "O5'" . A   B 2 30 ? 5.716   15.660  -24.232 1.00 81.92  ? 31  A   B "O5'" 1 
ATOM   914  C  "C5'" . A   B 2 30 ? 5.548   16.999  -23.775 1.00 85.52  ? 31  A   B "C5'" 1 
ATOM   915  C  "C4'" . A   B 2 30 ? 6.642   17.433  -22.816 1.00 85.63  ? 31  A   B "C4'" 1 
ATOM   916  O  "O4'" . A   B 2 30 ? 6.635   16.604  -21.627 1.00 87.60  ? 31  A   B "O4'" 1 
ATOM   917  C  "C3'" . A   B 2 30 ? 8.080   17.325  -23.308 1.00 86.12  ? 31  A   B "C3'" 1 
ATOM   918  O  "O3'" . A   B 2 30 ? 8.442   18.349  -24.211 1.00 89.14  ? 31  A   B "O3'" 1 
ATOM   919  C  "C2'" . A   B 2 30 ? 8.861   17.363  -22.001 1.00 85.90  ? 31  A   B "C2'" 1 
ATOM   920  O  "O2'" . A   B 2 30 ? 8.929   18.686  -21.484 1.00 87.07  ? 31  A   B "O2'" 1 
ATOM   921  C  "C1'" . A   B 2 30 ? 7.952   16.534  -21.093 1.00 87.24  ? 31  A   B "C1'" 1 
ATOM   922  N  N9    . A   B 2 30 ? 8.389   15.130  -21.063 1.00 87.75  ? 31  A   B N9    1 
ATOM   923  C  C8    . A   B 2 30 ? 7.956   14.027  -21.763 1.00 88.65  ? 31  A   B C8    1 
ATOM   924  N  N7    . A   B 2 30 ? 8.640   12.931  -21.503 1.00 87.16  ? 31  A   B N7    1 
ATOM   925  C  C5    . A   B 2 30 ? 9.598   13.355  -20.583 1.00 87.38  ? 31  A   B C5    1 
ATOM   926  C  C6    . A   B 2 30 ? 10.646  12.698  -19.907 1.00 85.42  ? 31  A   B C6    1 
ATOM   927  N  N6    . A   B 2 30 ? 10.947  11.407  -20.028 1.00 86.14  ? 31  A   B N6    1 
ATOM   928  N  N1    . A   B 2 30 ? 11.407  13.432  -19.079 1.00 85.46  ? 31  A   B N1    1 
ATOM   929  C  C2    . A   B 2 30 ? 11.134  14.731  -18.934 1.00 86.19  ? 31  A   B C2    1 
ATOM   930  N  N3    . A   B 2 30 ? 10.185  15.464  -19.502 1.00 87.76  ? 31  A   B N3    1 
ATOM   931  C  C4    . A   B 2 30 ? 9.447   14.703  -20.319 1.00 86.92  ? 31  A   B C4    1 
ATOM   932  O  "O5'" . U   C 3 1  ? 15.841  10.430  -12.544 1.00 79.87  ? 31  U   C "O5'" 1 
ATOM   933  C  "C5'" . U   C 3 1  ? 17.038  11.185  -12.423 1.00 81.97  ? 31  U   C "C5'" 1 
ATOM   934  C  "C4'" . U   C 3 1  ? 16.802  12.637  -12.748 1.00 86.43  ? 31  U   C "C4'" 1 
ATOM   935  O  "O4'" . U   C 3 1  ? 17.015  12.852  -14.171 1.00 85.88  ? 31  U   C "O4'" 1 
ATOM   936  C  "C3'" . U   C 3 1  ? 15.389  13.160  -12.467 1.00 79.61  ? 31  U   C "C3'" 1 
ATOM   937  O  "O3'" . U   C 3 1  ? 15.247  13.648  -11.142 1.00 75.21  ? 31  U   C "O3'" 1 
ATOM   938  C  "C2'" . U   C 3 1  ? 15.209  14.237  -13.525 1.00 81.55  ? 31  U   C "C2'" 1 
ATOM   939  O  "O2'" . U   C 3 1  ? 15.849  15.439  -13.121 1.00 85.17  ? 31  U   C "O2'" 1 
ATOM   940  C  "C1'" . U   C 3 1  ? 15.989  13.646  -14.706 1.00 85.45  ? 31  U   C "C1'" 1 
ATOM   941  N  N1    . U   C 3 1  ? 15.134  12.772  -15.559 1.00 91.32  ? 31  U   C N1    1 
ATOM   942  C  C2    . U   C 3 1  ? 14.026  13.286  -16.227 1.00 88.99  ? 31  U   C C2    1 
ATOM   943  O  O2    . U   C 3 1  ? 13.697  14.469  -16.175 1.00 86.49  ? 31  U   C O2    1 
ATOM   944  N  N3    . U   C 3 1  ? 13.308  12.347  -16.950 1.00 87.32  ? 31  U   C N3    1 
ATOM   945  C  C4    . U   C 3 1  ? 13.575  10.994  -17.095 1.00 86.02  ? 31  U   C C4    1 
ATOM   946  O  O4    . U   C 3 1  ? 12.838  10.274  -17.774 1.00 80.64  ? 31  U   C O4    1 
ATOM   947  C  C5    . U   C 3 1  ? 14.738  10.552  -16.394 1.00 86.38  ? 31  U   C C5    1 
ATOM   948  C  C6    . U   C 3 1  ? 15.447  11.430  -15.673 1.00 88.69  ? 31  U   C C6    1 
ATOM   949  P  P     . C   C 3 2  ? 13.871  13.452  -10.318 1.00 84.27  ? 32  C   C P     1 
ATOM   950  O  OP1   . C   C 3 2  ? 14.194  13.675  -8.885  1.00 82.68  ? 32  C   C OP1   1 
ATOM   951  O  OP2   . C   C 3 2  ? 13.291  12.147  -10.726 1.00 78.91  ? 32  C   C OP2   1 
ATOM   952  O  "O5'" . C   C 3 2  ? 12.957  14.640  -10.843 1.00 78.62  ? 32  C   C "O5'" 1 
ATOM   953  C  "C5'" . C   C 3 2  ? 13.459  15.964  -10.890 1.00 80.05  ? 32  C   C "C5'" 1 
ATOM   954  C  "C4'" . C   C 3 2  ? 12.572  16.854  -11.711 1.00 82.38  ? 32  C   C "C4'" 1 
ATOM   955  O  "O4'" . C   C 3 2  ? 12.785  16.595  -13.129 1.00 82.90  ? 32  C   C "O4'" 1 
ATOM   956  C  "C3'" . C   C 3 2  ? 11.084  16.651  -11.512 1.00 75.86  ? 32  C   C "C3'" 1 
ATOM   957  O  "O3'" . C   C 3 2  ? 10.585  17.335  -10.388 1.00 66.49  ? 32  C   C "O3'" 1 
ATOM   958  C  "C2'" . C   C 3 2  ? 10.506  17.142  -12.830 1.00 77.98  ? 32  C   C "C2'" 1 
ATOM   959  O  "O2'" . C   C 3 2  ? 10.500  18.555  -12.871 1.00 84.29  ? 32  C   C "O2'" 1 
ATOM   960  C  "C1'" . C   C 3 2  ? 11.554  16.650  -13.816 1.00 80.44  ? 32  C   C "C1'" 1 
ATOM   961  N  N1    . C   C 3 2  ? 11.239  15.298  -14.313 1.00 83.75  ? 32  C   C N1    1 
ATOM   962  C  C2    . C   C 3 2  ? 10.207  15.110  -15.242 1.00 83.70  ? 32  C   C C2    1 
ATOM   963  O  O2    . C   C 3 2  ? 9.570   16.095  -15.634 1.00 85.17  ? 32  C   C O2    1 
ATOM   964  N  N3    . C   C 3 2  ? 9.928   13.863  -15.687 1.00 82.47  ? 32  C   C N3    1 
ATOM   965  C  C4    . C   C 3 2  ? 10.654  12.837  -15.235 1.00 85.76  ? 32  C   C C4    1 
ATOM   966  N  N4    . C   C 3 2  ? 10.377  11.615  -15.679 1.00 87.84  ? 32  C   C N4    1 
ATOM   967  C  C5    . C   C 3 2  ? 11.709  12.997  -14.295 1.00 82.82  ? 32  C   C C5    1 
ATOM   968  C  C6    . C   C 3 2  ? 11.965  14.235  -13.863 1.00 83.27  ? 32  C   C C6    1 
ATOM   969  P  P     . G   C 3 3  ? 9.133   16.966  -9.817  1.00 81.07  ? 33  G   C P     1 
ATOM   970  O  OP1   . G   C 3 3  ? 8.884   17.836  -8.655  1.00 79.62  ? 33  G   C OP1   1 
ATOM   971  O  OP2   . G   C 3 3  ? 9.102   15.492  -9.639  1.00 80.54  ? 33  G   C OP2   1 
ATOM   972  O  "O5'" . G   C 3 3  ? 8.164   17.373  -10.997 1.00 85.01  ? 33  G   C "O5'" 1 
ATOM   973  C  "C5'" . G   C 3 3  ? 7.669   18.693  -11.122 1.00 85.34  ? 33  G   C "C5'" 1 
ATOM   974  C  "C4'" . G   C 3 3  ? 6.497   18.734  -12.068 1.00 86.44  ? 33  G   C "C4'" 1 
ATOM   975  O  "O4'" . G   C 3 3  ? 6.871   18.096  -13.316 1.00 84.11  ? 33  G   C "O4'" 1 
ATOM   976  C  "C3'" . G   C 3 3  ? 5.265   17.982  -11.595 1.00 82.40  ? 33  G   C "C3'" 1 
ATOM   977  O  "O3'" . G   C 3 3  ? 4.404   18.797  -10.828 1.00 80.13  ? 33  G   C "O3'" 1 
ATOM   978  C  "C2'" . G   C 3 3  ? 4.628   17.466  -12.881 1.00 78.01  ? 33  G   C "C2'" 1 
ATOM   979  O  "O2'" . G   C 3 3  ? 3.818   18.463  -13.466 1.00 78.44  ? 33  G   C "O2'" 1 
ATOM   980  C  "C1'" . G   C 3 3  ? 5.838   17.262  -13.772 1.00 80.87  ? 33  G   C "C1'" 1 
ATOM   981  N  N9    . G   C 3 3  ? 6.334   15.874  -13.777 1.00 80.29  ? 33  G   C N9    1 
ATOM   982  C  C8    . G   C 3 3  ? 7.549   15.459  -13.293 1.00 79.91  ? 33  G   C C8    1 
ATOM   983  N  N7    . G   C 3 3  ? 7.781   14.192  -13.490 1.00 81.16  ? 33  G   C N7    1 
ATOM   984  C  C5    . G   C 3 3  ? 6.661   13.750  -14.171 1.00 81.15  ? 33  G   C C5    1 
ATOM   985  C  C6    . G   C 3 3  ? 6.355   12.458  -14.657 1.00 81.31  ? 33  G   C C6    1 
ATOM   986  O  O6    . G   C 3 3  ? 7.060   11.437  -14.552 1.00 80.34  ? 33  G   C O6    1 
ATOM   987  N  N1    . G   C 3 3  ? 5.113   12.447  -15.301 1.00 76.33  ? 33  G   C N1    1 
ATOM   988  C  C2    . G   C 3 3  ? 4.289   13.540  -15.451 1.00 78.78  ? 33  G   C C2    1 
ATOM   989  N  N2    . G   C 3 3  ? 3.122   13.364  -16.093 1.00 81.90  ? 33  G   C N2    1 
ATOM   990  N  N3    . G   C 3 3  ? 4.571   14.745  -15.000 1.00 78.36  ? 33  G   C N3    1 
ATOM   991  C  C4    . G   C 3 3  ? 5.764   14.777  -14.377 1.00 81.27  ? 33  G   C C4    1 
ATOM   992  P  P     . U   C 3 4  ? 3.264   18.131  -9.919  1.00 88.52  ? 34  U   C P     1 
ATOM   993  O  OP1   . U   C 3 4  ? 2.475   19.245  -9.329  1.00 86.63  ? 34  U   C OP1   1 
ATOM   994  O  OP2   . U   C 3 4  ? 3.936   17.162  -9.010  1.00 77.67  ? 34  U   C OP2   1 
ATOM   995  O  "O5'" . U   C 3 4  ? 2.376   17.345  -10.977 1.00 79.53  ? 34  U   C "O5'" 1 
ATOM   996  C  "C5'" . U   C 3 4  ? 1.258   17.954  -11.587 1.00 77.85  ? 34  U   C "C5'" 1 
ATOM   997  C  "C4'" . U   C 3 4  ? 0.542   16.977  -12.469 1.00 80.93  ? 34  U   C "C4'" 1 
ATOM   998  O  "O4'" . U   C 3 4  ? 1.510   16.243  -13.252 1.00 83.13  ? 34  U   C "O4'" 1 
ATOM   999  C  "C3'" . U   C 3 4  ? -0.233  15.898  -11.750 1.00 77.21  ? 34  U   C "C3'" 1 
ATOM   1000 O  "O3'" . U   C 3 4  ? -1.504  16.328  -11.343 1.00 79.11  ? 34  U   C "O3'" 1 
ATOM   1001 C  "C2'" . U   C 3 4  ? -0.283  14.773  -12.767 1.00 79.18  ? 34  U   C "C2'" 1 
ATOM   1002 O  "O2'" . U   C 3 4  ? -1.296  15.010  -13.720 1.00 87.28  ? 34  U   C "O2'" 1 
ATOM   1003 C  "C1'" . U   C 3 4  ? 1.055   14.928  -13.464 1.00 81.30  ? 34  U   C "C1'" 1 
ATOM   1004 N  N1    . U   C 3 4  ? 2.053   13.996  -12.954 1.00 77.79  ? 34  U   C N1    1 
ATOM   1005 C  C2    . U   C 3 4  ? 1.842   12.672  -13.250 1.00 79.09  ? 34  U   C C2    1 
ATOM   1006 O  O2    . U   C 3 4  ? 0.856   12.293  -13.867 1.00 81.61  ? 34  U   C O2    1 
ATOM   1007 N  N3    . U   C 3 4  ? 2.810   11.824  -12.790 1.00 76.95  ? 34  U   C N3    1 
ATOM   1008 C  C4    . U   C 3 4  ? 3.943   12.180  -12.083 1.00 81.98  ? 34  U   C C4    1 
ATOM   1009 O  O4    . U   C 3 4  ? 4.754   11.316  -11.716 1.00 79.37  ? 34  U   C O4    1 
ATOM   1010 C  C5    . U   C 3 4  ? 4.069   13.586  -11.833 1.00 83.14  ? 34  U   C C5    1 
ATOM   1011 C  C6    . U   C 3 4  ? 3.139   14.435  -12.270 1.00 79.01  ? 34  U   C C6    1 
ATOM   1012 P  P     . G   C 3 5  ? -2.247  15.565  -10.154 1.00 92.48  ? 35  G   C P     1 
ATOM   1013 O  OP1   . G   C 3 5  ? -3.478  16.343  -9.833  1.00 81.50  ? 35  G   C OP1   1 
ATOM   1014 O  OP2   . G   C 3 5  ? -1.232  15.341  -9.081  1.00 77.66  ? 35  G   C OP2   1 
ATOM   1015 O  "O5'" . G   C 3 5  ? -2.642  14.173  -10.824 1.00 83.76  ? 35  G   C "O5'" 1 
ATOM   1016 C  "C5'" . G   C 3 5  ? -3.460  14.129  -11.983 1.00 82.54  ? 35  G   C "C5'" 1 
ATOM   1017 C  "C4'" . G   C 3 5  ? -3.795  12.709  -12.363 1.00 81.87  ? 35  G   C "C4'" 1 
ATOM   1018 O  "O4'" . G   C 3 5  ? -2.641  12.068  -12.964 1.00 76.65  ? 35  G   C "O4'" 1 
ATOM   1019 C  "C3'" . G   C 3 5  ? -4.209  11.801  -11.215 1.00 74.14  ? 35  G   C "C3'" 1 
ATOM   1020 O  "O3'" . G   C 3 5  ? -5.592  11.906  -10.944 1.00 70.61  ? 35  G   C "O3'" 1 
ATOM   1021 C  "C2'" . G   C 3 5  ? -3.777  10.415  -11.695 1.00 79.78  ? 35  G   C "C2'" 1 
ATOM   1022 O  "O2'" . G   C 3 5  ? -4.749  9.850   -12.560 1.00 77.92  ? 35  G   C "O2'" 1 
ATOM   1023 C  "C1'" . G   C 3 5  ? -2.536  10.736  -12.529 1.00 77.53  ? 35  G   C "C1'" 1 
ATOM   1024 N  N9    . G   C 3 5  ? -1.269  10.603  -11.771 1.00 80.89  ? 35  G   C N9    1 
ATOM   1025 C  C8    . G   C 3 5  ? -0.644  11.607  -11.061 1.00 77.75  ? 35  G   C C8    1 
ATOM   1026 N  N7    . G   C 3 5  ? 0.501   11.240  -10.541 1.00 75.88  ? 35  G   C N7    1 
ATOM   1027 C  C5    . G   C 3 5  ? 0.662   9.920   -10.945 1.00 75.35  ? 35  G   C C5    1 
ATOM   1028 C  C6    . G   C 3 5  ? 1.716   8.997   -10.687 1.00 76.45  ? 35  G   C C6    1 
ATOM   1029 O  O6    . G   C 3 5  ? 2.747   9.167   -10.020 1.00 78.20  ? 35  G   C O6    1 
ATOM   1030 N  N1    . G   C 3 5  ? 1.487   7.760   -11.284 1.00 73.44  ? 35  G   C N1    1 
ATOM   1031 C  C2    . G   C 3 5  ? 0.381   7.454   -12.027 1.00 73.68  ? 35  G   C C2    1 
ATOM   1032 N  N2    . G   C 3 5  ? 0.333   6.211   -12.505 1.00 74.19  ? 35  G   C N2    1 
ATOM   1033 N  N3    . G   C 3 5  ? -0.602  8.297   -12.283 1.00 77.72  ? 35  G   C N3    1 
ATOM   1034 C  C4    . G   C 3 5  ? -0.408  9.512   -11.716 1.00 78.86  ? 35  G   C C4    1 
ATOM   1035 P  P     . G   C 3 6  ? -6.226  11.344  -9.579  1.00 93.76  ? 36  G   C P     1 
ATOM   1036 O  OP1   . G   C 3 6  ? -7.599  11.905  -9.478  1.00 87.36  ? 36  G   C OP1   1 
ATOM   1037 O  OP2   . G   C 3 6  ? -5.263  11.627  -8.485  1.00 84.64  ? 36  G   C OP2   1 
ATOM   1038 O  "O5'" . G   C 3 6  ? -6.308  9.779   -9.843  1.00 83.49  ? 36  G   C "O5'" 1 
ATOM   1039 C  "C5'" . G   C 3 6  ? -7.182  9.249   -10.831 1.00 75.36  ? 36  G   C "C5'" 1 
ATOM   1040 C  "C4'" . G   C 3 6  ? -6.927  7.785   -11.049 1.00 77.42  ? 36  G   C "C4'" 1 
ATOM   1041 O  "O4'" . G   C 3 6  ? -5.491  7.555   -11.052 1.00 78.40  ? 36  G   C "O4'" 1 
ATOM   1042 C  "C3'" . G   C 3 6  ? -7.486  6.865   -9.975  1.00 80.81  ? 36  G   C "C3'" 1 
ATOM   1043 O  "O3'" . G   C 3 6  ? -7.713  5.584   -10.543 1.00 80.34  ? 36  G   C "O3'" 1 
ATOM   1044 C  "C2'" . G   C 3 6  ? -6.324  6.761   -9.002  1.00 82.57  ? 36  G   C "C2'" 1 
ATOM   1045 O  "O2'" . G   C 3 6  ? -6.377  5.627   -8.164  1.00 82.20  ? 36  G   C "O2'" 1 
ATOM   1046 C  "C1'" . G   C 3 6  ? -5.147  6.693   -9.973  1.00 79.88  ? 36  G   C "C1'" 1 
ATOM   1047 N  N9    . G   C 3 6  ? -3.866  7.139   -9.405  1.00 75.78  ? 36  G   C N9    1 
ATOM   1048 C  C8    . G   C 3 6  ? -3.613  8.284   -8.684  1.00 77.50  ? 36  G   C C8    1 
ATOM   1049 N  N7    . G   C 3 6  ? -2.357  8.413   -8.319  1.00 74.96  ? 36  G   C N7    1 
ATOM   1050 C  C5    . G   C 3 6  ? -1.725  7.284   -8.822  1.00 75.31  ? 36  G   C C5    1 
ATOM   1051 C  C6    . G   C 3 6  ? -0.356  6.864   -8.730  1.00 77.18  ? 36  G   C C6    1 
ATOM   1052 O  O6    . G   C 3 6  ? 0.614   7.426   -8.171  1.00 69.82  ? 36  G   C O6    1 
ATOM   1053 N  N1    . G   C 3 6  ? -0.169  5.645   -9.389  1.00 79.01  ? 36  G   C N1    1 
ATOM   1054 C  C2    . G   C 3 6  ? -1.162  4.939   -10.044 1.00 81.57  ? 36  G   C C2    1 
ATOM   1055 N  N2    . G   C 3 6  ? -0.792  3.785   -10.626 1.00 83.44  ? 36  G   C N2    1 
ATOM   1056 N  N3    . G   C 3 6  ? -2.432  5.320   -10.121 1.00 77.09  ? 36  G   C N3    1 
ATOM   1057 C  C4    . G   C 3 6  ? -2.646  6.493   -9.494  1.00 75.02  ? 36  G   C C4    1 
ATOM   1058 P  P     . U   C 3 7  ? -9.062  4.800   -10.227 1.00 91.20  ? 37  U   C P     1 
ATOM   1059 O  OP1   . U   C 3 7  ? -9.314  3.882   -11.368 1.00 85.38  ? 37  U   C OP1   1 
ATOM   1060 O  OP2   . U   C 3 7  ? -10.081 5.820   -9.878  1.00 86.82  ? 37  U   C OP2   1 
ATOM   1061 O  "O5'" . U   C 3 7  ? -8.699  3.953   -8.946  1.00 88.57  ? 37  U   C "O5'" 1 
ATOM   1062 C  "C5'" . U   C 3 7  ? -9.476  2.816   -8.607  1.00 89.13  ? 37  U   C "C5'" 1 
ATOM   1063 C  "C4'" . U   C 3 7  ? -8.614  1.695   -8.109  1.00 87.72  ? 37  U   C "C4'" 1 
ATOM   1064 O  "O4'" . U   C 3 7  ? -7.738  1.265   -9.184  1.00 85.65  ? 37  U   C "O4'" 1 
ATOM   1065 C  "C3'" . U   C 3 7  ? -7.713  2.059   -6.930  1.00 84.09  ? 37  U   C "C3'" 1 
ATOM   1066 O  "O3'" . U   C 3 7  ? -7.625  0.959   -6.035  1.00 86.25  ? 37  U   C "O3'" 1 
ATOM   1067 C  "C2'" . U   C 3 7  ? -6.361  2.290   -7.582  1.00 83.65  ? 37  U   C "C2'" 1 
ATOM   1068 O  "O2'" . U   C 3 7  ? -5.253  2.046   -6.738  1.00 82.98  ? 37  U   C "O2'" 1 
ATOM   1069 C  "C1'" . U   C 3 7  ? -6.399  1.311   -8.751  1.00 87.08  ? 37  U   C "C1'" 1 
ATOM   1070 N  N1    . U   C 3 7  ? -5.556  1.736   -9.877  1.00 91.51  ? 37  U   C N1    1 
ATOM   1071 C  C2    . U   C 3 7  ? -4.418  0.985   -10.124 1.00 91.92  ? 37  U   C C2    1 
ATOM   1072 O  O2    . U   C 3 7  ? -4.151  -0.026  -9.499  1.00 93.58  ? 37  U   C O2    1 
ATOM   1073 N  N3    . U   C 3 7  ? -3.613  1.444   -11.135 1.00 90.78  ? 37  U   C N3    1 
ATOM   1074 C  C4    . U   C 3 7  ? -3.835  2.575   -11.893 1.00 93.25  ? 37  U   C C4    1 
ATOM   1075 O  O4    . U   C 3 7  ? -3.021  2.863   -12.781 1.00 100.71 ? 37  U   C O4    1 
ATOM   1076 C  C5    . U   C 3 7  ? -5.024  3.313   -11.554 1.00 85.99  ? 37  U   C C5    1 
ATOM   1077 C  C6    . U   C 3 7  ? -5.829  2.891   -10.572 1.00 87.78  ? 37  U   C C6    1 
HETATM 1078 N  N1    . P5P C 3 8  ? -0.938  -0.096  -3.438  1.00 77.94  ? 38  P5P C N1    1 
HETATM 1079 C  C2    . P5P C 3 8  ? -2.186  0.272   -3.735  1.00 79.17  ? 38  P5P C C2    1 
HETATM 1080 N  N3    . P5P C 3 8  ? -2.612  1.514   -3.594  1.00 75.19  ? 38  P5P C N3    1 
HETATM 1081 C  C4    . P5P C 3 8  ? -1.761  2.433   -3.151  1.00 73.68  ? 38  P5P C C4    1 
HETATM 1082 C  C5    . P5P C 3 8  ? -0.426  2.091   -2.826  1.00 71.07  ? 38  P5P C C5    1 
HETATM 1083 C  C6    . P5P C 3 8  ? -0.034  0.763   -2.992  1.00 71.49  ? 38  P5P C C6    1 
HETATM 1084 N  N7    . P5P C 3 8  ? 0.185   3.226   -2.391  1.00 69.34  ? 38  P5P C N7    1 
HETATM 1085 C  C8    . P5P C 3 8  ? -0.659  4.219   -2.439  1.00 72.24  ? 38  P5P C C8    1 
HETATM 1086 N  N9    . P5P C 3 8  ? -1.862  3.766   -2.903  1.00 72.86  ? 38  P5P C N9    1 
HETATM 1087 C  "C1'" . P5P C 3 8  ? -3.085  4.522   -3.123  1.00 74.13  ? 38  P5P C "C1'" 1 
HETATM 1088 C  "C2'" . P5P C 3 8  ? -3.422  4.741   -4.597  1.00 79.37  ? 38  P5P C "C2'" 1 
HETATM 1089 O  "O2'" . P5P C 3 8  ? -2.688  5.817   -5.151  1.00 76.72  ? 38  P5P C "O2'" 1 
HETATM 1090 C  "C3'" . P5P C 3 8  ? -4.920  4.979   -4.506  1.00 80.91  ? 38  P5P C "C3'" 1 
HETATM 1091 O  "O3'" . P5P C 3 8  ? -5.129  6.309   -4.024  1.00 81.66  ? 38  P5P C "O3'" 1 
HETATM 1092 C  "C4'" . P5P C 3 8  ? -5.336  3.968   -3.429  1.00 80.39  ? 38  P5P C "C4'" 1 
HETATM 1093 O  "O4'" . P5P C 3 8  ? -4.159  3.771   -2.600  1.00 73.04  ? 38  P5P C "O4'" 1 
HETATM 1094 C  "C5'" . P5P C 3 8  ? -5.791  2.619   -3.940  1.00 80.01  ? 38  P5P C "C5'" 1 
HETATM 1095 O  "O5'" . P5P C 3 8  ? -7.203  2.558   -4.129  1.00 82.95  ? 38  P5P C "O5'" 1 
HETATM 1096 P  P     . P5P C 3 8  ? -7.916  1.170   -4.472  1.00 85.98  ? 38  P5P C P     1 
HETATM 1097 O  OP1   . P5P C 3 8  ? -9.310  1.112   -4.007  1.00 86.79  ? 38  P5P C OP1   1 
HETATM 1098 O  OP2   . P5P C 3 8  ? -7.052  -0.115  -4.003  1.00 80.89  ? 38  P5P C OP2   1 
ATOM   1099 P  P     . C   C 3 9  ? -6.504  7.084   -4.308  1.00 90.21  ? 39  C   C P     1 
ATOM   1100 O  OP1   . C   C 3 9  ? -6.891  6.815   -5.718  1.00 87.04  ? 39  C   C OP1   1 
ATOM   1101 O  OP2   . C   C 3 9  ? -6.303  8.494   -3.879  1.00 89.50  ? 39  C   C OP2   1 
ATOM   1102 O  "O5'" . C   C 3 9  ? -7.514  6.356   -3.325  1.00 89.38  ? 39  C   C "O5'" 1 
ATOM   1103 C  "C5'" . C   C 3 9  ? -7.977  6.992   -2.137  1.00 91.14  ? 39  C   C "C5'" 1 
ATOM   1104 C  "C4'" . C   C 3 9  ? -9.202  6.304   -1.597  1.00 88.00  ? 39  C   C "C4'" 1 
ATOM   1105 O  "O4'" . C   C 3 9  ? -10.283 6.473   -2.555  1.00 88.37  ? 39  C   C "O4'" 1 
ATOM   1106 C  "C3'" . C   C 3 9  ? -9.054  4.794   -1.403  1.00 88.54  ? 39  C   C "C3'" 1 
ATOM   1107 O  "O3'" . C   C 3 9  ? -9.921  4.356   -0.360  1.00 88.38  ? 39  C   C "O3'" 1 
ATOM   1108 C  "C2'" . C   C 3 9  ? -9.568  4.250   -2.728  1.00 89.31  ? 39  C   C "C2'" 1 
ATOM   1109 O  "O2'" . C   C 3 9  ? -9.999  2.909   -2.678  1.00 89.88  ? 39  C   C "O2'" 1 
ATOM   1110 C  "C1'" . C   C 3 9  ? -10.725 5.203   -2.992  1.00 91.27  ? 39  C   C "C1'" 1 
ATOM   1111 N  N1    . C   C 3 9  ? -11.117 5.305   -4.404  1.00 95.75  ? 39  C   C N1    1 
ATOM   1112 C  C2    . C   C 3 9  ? -12.448 4.980   -4.691  1.00 97.74  ? 39  C   C C2    1 
ATOM   1113 O  O2    . C   C 3 9  ? -13.197 4.631   -3.763  1.00 97.65  ? 39  C   C O2    1 
ATOM   1114 N  N3    . C   C 3 9  ? -12.882 5.053   -5.963  1.00 96.82  ? 39  C   C N3    1 
ATOM   1115 C  C4    . C   C 3 9  ? -12.041 5.438   -6.923  1.00 100.91 ? 39  C   C C4    1 
ATOM   1116 N  N4    . C   C 3 9  ? -12.535 5.493   -8.164  1.00 101.97 ? 39  C   C N4    1 
ATOM   1117 C  C5    . C   C 3 9  ? -10.672 5.781   -6.658  1.00 97.34  ? 39  C   C C5    1 
ATOM   1118 C  C6    . C   C 3 9  ? -10.250 5.700   -5.385  1.00 94.43  ? 39  C   C C6    1 
ATOM   1119 P  P     . A   C 3 10 ? -9.389  4.212   1.147   1.00 96.53  ? 40  A   C P     1 
ATOM   1120 O  OP1   . A   C 3 10 ? -10.411 3.425   1.883   1.00 94.45  ? 40  A   C OP1   1 
ATOM   1121 O  OP2   . A   C 3 10 ? -9.051  5.584   1.631   1.00 90.24  ? 40  A   C OP2   1 
ATOM   1122 O  "O5'" . A   C 3 10 ? -8.055  3.348   0.985   1.00 87.42  ? 40  A   C "O5'" 1 
ATOM   1123 C  "C5'" . A   C 3 10 ? -8.115  1.940   0.782   1.00 84.33  ? 40  A   C "C5'" 1 
ATOM   1124 C  "C4'" . A   C 3 10 ? -6.738  1.338   0.599   1.00 82.53  ? 40  A   C "C4'" 1 
ATOM   1125 O  "O4'" . A   C 3 10 ? -5.934  2.193   -0.250  1.00 82.23  ? 40  A   C "O4'" 1 
ATOM   1126 C  "C3'" . A   C 3 10 ? -5.910  1.175   1.859   1.00 79.32  ? 40  A   C "C3'" 1 
ATOM   1127 O  "O3'" . A   C 3 10 ? -6.225  -0.009  2.554   1.00 84.03  ? 40  A   C "O3'" 1 
ATOM   1128 C  "C2'" . A   C 3 10 ? -4.475  1.203   1.343   1.00 76.03  ? 40  A   C "C2'" 1 
ATOM   1129 O  "O2'" . A   C 3 10 ? -4.095  -0.076  0.861   1.00 76.89  ? 40  A   C "O2'" 1 
ATOM   1130 C  "C1'" . A   C 3 10 ? -4.586  2.154   0.155   1.00 74.67  ? 40  A   C "C1'" 1 
ATOM   1131 N  N9    . A   C 3 10 ? -4.166  3.524   0.479   1.00 72.40  ? 40  A   C N9    1 
ATOM   1132 C  C8    . A   C 3 10 ? -4.988  4.623   0.548   1.00 76.46  ? 40  A   C C8    1 
ATOM   1133 N  N7    . A   C 3 10 ? -4.373  5.752   0.817   1.00 71.05  ? 40  A   C N7    1 
ATOM   1134 C  C5    . A   C 3 10 ? -3.058  5.355   0.918   1.00 68.96  ? 40  A   C C5    1 
ATOM   1135 C  C6    . A   C 3 10 ? -1.920  6.111   1.191   1.00 71.69  ? 40  A   C C6    1 
ATOM   1136 N  N6    . A   C 3 10 ? -1.994  7.429   1.410   1.00 73.85  ? 40  A   C N6    1 
ATOM   1137 N  N1    . A   C 3 10 ? -0.734  5.453   1.222   1.00 66.63  ? 40  A   C N1    1 
ATOM   1138 C  C2    . A   C 3 10 ? -0.749  4.124   0.986   1.00 68.34  ? 40  A   C C2    1 
ATOM   1139 N  N3    . A   C 3 10 ? -1.765  3.292   0.719   1.00 66.93  ? 40  A   C N3    1 
ATOM   1140 C  C4    . A   C 3 10 ? -2.906  3.994   0.702   1.00 69.81  ? 40  A   C C4    1 
ATOM   1141 P  P     . U   C 3 11 ? -6.438  0.032   4.141   1.00 84.48  ? 41  U   C P     1 
ATOM   1142 O  OP1   . U   C 3 11 ? -6.921  -1.318  4.550   1.00 76.95  ? 41  U   C OP1   1 
ATOM   1143 O  OP2   . U   C 3 11 ? -7.274  1.214   4.439   1.00 82.01  ? 41  U   C OP2   1 
ATOM   1144 O  "O5'" . U   C 3 11 ? -4.969  0.272   4.677   1.00 72.19  ? 41  U   C "O5'" 1 
ATOM   1145 C  "C5'" . U   C 3 11 ? -3.948  -0.677  4.422   1.00 73.57  ? 41  U   C "C5'" 1 
ATOM   1146 C  "C4'" . U   C 3 11 ? -2.620  -0.176  4.904   1.00 74.12  ? 41  U   C "C4'" 1 
ATOM   1147 O  "O4'" . U   C 3 11 ? -2.385  1.131   4.314   1.00 69.58  ? 41  U   C "O4'" 1 
ATOM   1148 C  "C3'" . U   C 3 11 ? -2.508  0.014   6.423   1.00 72.55  ? 41  U   C "C3'" 1 
ATOM   1149 O  "O3'" . U   C 3 11 ? -1.179  -0.303  6.844   1.00 71.05  ? 41  U   C "O3'" 1 
ATOM   1150 C  "C2'" . U   C 3 11 ? -2.752  1.512   6.585   1.00 73.49  ? 41  U   C "C2'" 1 
ATOM   1151 O  "O2'" . U   C 3 11 ? -2.193  2.078   7.747   1.00 73.29  ? 41  U   C "O2'" 1 
ATOM   1152 C  "C1'" . U   C 3 11 ? -2.087  2.055   5.329   1.00 74.11  ? 41  U   C "C1'" 1 
ATOM   1153 N  N1    . U   C 3 11 ? -2.568  3.383   4.926   1.00 70.87  ? 41  U   C N1    1 
ATOM   1154 C  C2    . U   C 3 11 ? -1.621  4.393   4.934   1.00 72.52  ? 41  U   C C2    1 
ATOM   1155 O  O2    . U   C 3 11 ? -0.442  4.211   5.210   1.00 74.17  ? 41  U   C O2    1 
ATOM   1156 N  N3    . U   C 3 11 ? -2.069  5.635   4.599   1.00 67.27  ? 41  U   C N3    1 
ATOM   1157 C  C4    . U   C 3 11 ? -3.358  5.947   4.279   1.00 75.59  ? 41  U   C C4    1 
ATOM   1158 O  O4    . U   C 3 11 ? -3.609  7.120   4.008   1.00 81.41  ? 41  U   C O4    1 
ATOM   1159 C  C5    . U   C 3 11 ? -4.288  4.847   4.302   1.00 78.01  ? 41  U   C C5    1 
ATOM   1160 C  C6    . U   C 3 11 ? -3.877  3.615   4.624   1.00 74.72  ? 41  U   C C6    1 
ATOM   1161 P  P     . U   C 3 12 ? -0.886  -0.707  8.370   1.00 76.34  ? 42  U   C P     1 
ATOM   1162 O  OP1   . U   C 3 12 ? -1.288  -2.128  8.532   1.00 71.78  ? 42  U   C OP1   1 
ATOM   1163 O  OP2   . U   C 3 12 ? -1.518  0.310   9.222   1.00 72.08  ? 42  U   C OP2   1 
ATOM   1164 O  "O5'" . U   C 3 12 ? 0.685   -0.573  8.472   1.00 71.85  ? 42  U   C "O5'" 1 
ATOM   1165 C  "C5'" . U   C 3 12 ? 1.310   -0.311  9.713   1.00 69.10  ? 42  U   C "C5'" 1 
ATOM   1166 C  "C4'" . U   C 3 12 ? 1.860   1.091   9.770   1.00 75.64  ? 42  U   C "C4'" 1 
ATOM   1167 O  "O4'" . U   C 3 12 ? 2.685   1.341   8.595   1.00 73.70  ? 42  U   C "O4'" 1 
ATOM   1168 C  "C3'" . U   C 3 12 ? 0.814   2.201   9.777   1.00 76.41  ? 42  U   C "C3'" 1 
ATOM   1169 O  "O3'" . U   C 3 12 ? 1.349   3.327   10.458  1.00 81.17  ? 42  U   C "O3'" 1 
ATOM   1170 C  "C2'" . U   C 3 12 ? 0.723   2.552   8.313   1.00 75.31  ? 42  U   C "C2'" 1 
ATOM   1171 O  "O2'" . U   C 3 12 ? 0.176   3.822   8.062   1.00 78.75  ? 42  U   C "O2'" 1 
ATOM   1172 C  "C1'" . U   C 3 12 ? 2.194   2.496   7.945   1.00 76.06  ? 42  U   C "C1'" 1 
ATOM   1173 N  N1    . U   C 3 12 ? 2.453   2.381   6.508   1.00 79.06  ? 42  U   C N1    1 
ATOM   1174 C  C2    . U   C 3 12 ? 3.313   3.312   5.934   1.00 80.12  ? 42  U   C C2    1 
ATOM   1175 O  O2    . U   C 3 12 ? 3.871   4.207   6.535   1.00 81.16  ? 42  U   C O2    1 
ATOM   1176 N  N3    . U   C 3 12 ? 3.526   3.171   4.594   1.00 79.10  ? 42  U   C N3    1 
ATOM   1177 C  C4    . U   C 3 12 ? 2.960   2.212   3.790   1.00 76.66  ? 42  U   C C4    1 
ATOM   1178 O  O4    . U   C 3 12 ? 3.240   2.230   2.594   1.00 73.84  ? 42  U   C O4    1 
ATOM   1179 C  C5    . U   C 3 12 ? 2.081   1.285   4.454   1.00 76.67  ? 42  U   C C5    1 
ATOM   1180 C  C6    . U   C 3 12 ? 1.851   1.400   5.763   1.00 77.13  ? 42  U   C C6    1 
ATOM   1181 P  P     . A   C 3 13 ? 0.880   3.680   11.943  1.00 85.64  ? 43  A   C P     1 
ATOM   1182 O  OP1   . A   C 3 13 ? 1.148   2.479   12.782  1.00 78.34  ? 43  A   C OP1   1 
ATOM   1183 O  OP2   . A   C 3 13 ? -0.519  4.197   11.854  1.00 72.72  ? 43  A   C OP2   1 
ATOM   1184 O  "O5'" . A   C 3 13 ? 1.881   4.851   12.336  1.00 77.85  ? 43  A   C "O5'" 1 
ATOM   1185 C  "C5'" . A   C 3 13 ? 3.242   4.574   12.606  1.00 78.37  ? 43  A   C "C5'" 1 
ATOM   1186 C  "C4'" . A   C 3 13 ? 4.122   5.671   12.091  1.00 83.16  ? 43  A   C "C4'" 1 
ATOM   1187 O  "O4'" . A   C 3 13 ? 3.927   5.796   10.675  1.00 83.27  ? 43  A   C "O4'" 1 
ATOM   1188 C  "C3'" . A   C 3 13 ? 3.830   7.064   12.634  1.00 86.38  ? 43  A   C "C3'" 1 
ATOM   1189 O  "O3'" . A   C 3 13 ? 4.487   7.318   13.846  1.00 90.64  ? 43  A   C "O3'" 1 
ATOM   1190 C  "C2'" . A   C 3 13 ? 4.285   7.973   11.512  1.00 85.91  ? 43  A   C "C2'" 1 
ATOM   1191 O  "O2'" . A   C 3 13 ? 5.704   8.098   11.513  1.00 83.07  ? 43  A   C "O2'" 1 
ATOM   1192 C  "C1'" . A   C 3 13 ? 3.879   7.150   10.308  1.00 82.25  ? 43  A   C "C1'" 1 
ATOM   1193 N  N9    . A   C 3 13 ? 2.514   7.446   9.872   1.00 82.21  ? 43  A   C N9    1 
ATOM   1194 C  C8    . A   C 3 13 ? 1.507   6.538   9.673   1.00 79.68  ? 43  A   C C8    1 
ATOM   1195 N  N7    . A   C 3 13 ? 0.409   7.091   9.228   1.00 79.26  ? 43  A   C N7    1 
ATOM   1196 C  C5    . A   C 3 13 ? 0.731   8.438   9.136   1.00 82.01  ? 43  A   C C5    1 
ATOM   1197 C  C6    . A   C 3 13 ? -0.011  9.554   8.731   1.00 84.81  ? 43  A   C C6    1 
ATOM   1198 N  N6    . A   C 3 13 ? -1.289  9.477   8.331   1.00 83.96  ? 43  A   C N6    1 
ATOM   1199 N  N1    . A   C 3 13 ? 0.622   10.752  8.752   1.00 86.73  ? 43  A   C N1    1 
ATOM   1200 C  C2    . A   C 3 13 ? 1.903   10.822  9.150   1.00 86.02  ? 43  A   C C2    1 
ATOM   1201 N  N3    . A   C 3 13 ? 2.708   9.843   9.556   1.00 86.14  ? 43  A   C N3    1 
ATOM   1202 C  C4    . A   C 3 13 ? 2.038   8.673   9.521   1.00 85.25  ? 43  A   C C4    1 
ATOM   1203 P  P     . C   C 3 14 ? 3.640   7.537   15.175  1.00 94.90  ? 44  C   C P     1 
ATOM   1204 O  OP1   . C   C 3 14 ? 4.630   7.711   16.263  1.00 94.19  ? 44  C   C OP1   1 
ATOM   1205 O  OP2   . C   C 3 14 ? 2.654   6.428   15.269  1.00 78.79  ? 44  C   C OP2   1 
ATOM   1206 O  "O5'" . C   C 3 14 ? 2.870   8.904   14.890  1.00 87.11  ? 44  C   C "O5'" 1 
ATOM   1207 C  "C5'" . C   C 3 14 ? 3.573   10.100  14.585  1.00 90.73  ? 44  C   C "C5'" 1 
ATOM   1208 C  "C4'" . C   C 3 14 ? 2.616   11.213  14.237  1.00 93.99  ? 44  C   C "C4'" 1 
ATOM   1209 O  "O4'" . C   C 3 14 ? 2.157   11.042  12.871  1.00 93.22  ? 44  C   C "O4'" 1 
ATOM   1210 C  "C3'" . C   C 3 14 ? 1.335   11.262  15.069  1.00 96.96  ? 44  C   C "C3'" 1 
ATOM   1211 O  "O3'" . C   C 3 14 ? 1.490   11.980  16.278  1.00 101.33 ? 44  C   C "O3'" 1 
ATOM   1212 C  "C2'" . C   C 3 14 ? 0.317   11.881  14.118  1.00 97.10  ? 44  C   C "C2'" 1 
ATOM   1213 O  "O2'" . C   C 3 14 ? 0.442   13.297  14.083  1.00 100.90 ? 44  C   C "O2'" 1 
ATOM   1214 C  "C1'" . C   C 3 14 ? 0.773   11.311  12.779  1.00 92.23  ? 44  C   C "C1'" 1 
ATOM   1215 N  N1    . C   C 3 14 ? 0.085   10.054  12.473  1.00 88.40  ? 44  C   C N1    1 
ATOM   1216 C  C2    . C   C 3 14 ? -1.247  10.124  12.067  1.00 92.23  ? 44  C   C C2    1 
ATOM   1217 O  O2    . C   C 3 14 ? -1.782  11.246  11.981  1.00 95.95  ? 44  C   C O2    1 
ATOM   1218 N  N3    . C   C 3 14 ? -1.910  8.972   11.790  1.00 87.69  ? 44  C   C N3    1 
ATOM   1219 C  C4    . C   C 3 14 ? -1.273  7.801   11.916  1.00 84.31  ? 44  C   C C4    1 
ATOM   1220 N  N4    . C   C 3 14 ? -1.960  6.689   11.634  1.00 79.69  ? 44  C   C N4    1 
ATOM   1221 C  C5    . C   C 3 14 ? 0.095   7.713   12.332  1.00 85.84  ? 44  C   C C5    1 
ATOM   1222 C  C6    . C   C 3 14 ? 0.732   8.857   12.605  1.00 87.46  ? 44  C   C C6    1 
ATOM   1223 P  P     . C   C 3 15 ? 0.570   11.638  17.555  1.00 104.94 ? 45  C   C P     1 
ATOM   1224 O  OP1   . C   C 3 15 ? 1.025   12.528  18.643  1.00 108.74 ? 45  C   C OP1   1 
ATOM   1225 O  OP2   . C   C 3 15 ? 0.627   10.171  17.765  1.00 96.42  ? 45  C   C OP2   1 
ATOM   1226 O  "O5'" . C   C 3 15 ? -0.896  12.059  17.079  1.00 91.55  ? 45  C   C "O5'" 1 
ATOM   1227 C  "C5'" . C   C 3 15 ? -1.295  13.418  17.084  1.00 95.60  ? 45  C   C "C5'" 1 
ATOM   1228 C  "C4'" . C   C 3 15 ? -2.761  13.568  16.778  1.00 101.12 ? 45  C   C "C4'" 1 
ATOM   1229 O  "O4'" . C   C 3 15 ? -3.044  13.040  15.456  1.00 99.15  ? 45  C   C "O4'" 1 
ATOM   1230 C  "C3'" . C   C 3 15 ? -3.719  12.812  17.691  1.00 103.36 ? 45  C   C "C3'" 1 
ATOM   1231 O  "O3'" . C   C 3 15 ? -3.959  13.475  18.922  1.00 108.63 ? 45  C   C "O3'" 1 
ATOM   1232 C  "C2'" . C   C 3 15 ? -4.965  12.670  16.819  1.00 103.24 ? 45  C   C "C2'" 1 
ATOM   1233 O  "O2'" . C   C 3 15 ? -5.733  13.867  16.816  1.00 106.56 ? 45  C   C "O2'" 1 
ATOM   1234 C  "C1'" . C   C 3 15 ? -4.343  12.474  15.433  1.00 99.05  ? 45  C   C "C1'" 1 
ATOM   1235 N  N1    . C   C 3 15 ? -4.227  11.046  15.111  1.00 95.71  ? 45  C   C N1    1 
ATOM   1236 C  C2    . C   C 3 15 ? -5.310  10.411  14.491  1.00 94.42  ? 45  C   C C2    1 
ATOM   1237 O  O2    . C   C 3 15 ? -6.312  11.080  14.185  1.00 96.84  ? 45  C   C O2    1 
ATOM   1238 N  N3    . C   C 3 15 ? -5.232  9.087   14.232  1.00 90.58  ? 45  C   C N3    1 
ATOM   1239 C  C4    . C   C 3 15 ? -4.130  8.413   14.582  1.00 90.78  ? 45  C   C C4    1 
ATOM   1240 N  N4    . C   C 3 15 ? -4.080  7.107   14.307  1.00 88.60  ? 45  C   C N4    1 
ATOM   1241 C  C5    . C   C 3 15 ? -3.019  9.039   15.229  1.00 92.86  ? 45  C   C C5    1 
ATOM   1242 C  C6    . C   C 3 15 ? -3.112  10.349  15.485  1.00 96.96  ? 45  C   C C6    1 
ATOM   1243 P  P     . U   C 3 16 ? -4.603  12.678  20.167  1.00 110.73 ? 46  U   C P     1 
ATOM   1244 O  OP1   . U   C 3 16 ? -4.783  13.663  21.260  1.00 111.41 ? 46  U   C OP1   1 
ATOM   1245 O  OP2   . U   C 3 16 ? -3.749  11.483  20.418  1.00 97.87  ? 46  U   C OP2   1 
ATOM   1246 O  "O5'" . U   C 3 16 ? -6.029  12.233  19.610  1.00 97.88  ? 46  U   C "O5'" 1 
ATOM   1247 C  "C5'" . U   C 3 16 ? -7.130  13.117  19.678  1.00 98.37  ? 46  U   C "C5'" 1 
ATOM   1248 C  "C4'" . U   C 3 16 ? -8.394  12.476  19.172  1.00 102.50 ? 46  U   C "C4'" 1 
ATOM   1249 O  "O4'" . U   C 3 16 ? -8.153  11.863  17.877  1.00 104.12 ? 46  U   C "O4'" 1 
ATOM   1250 C  "C3'" . U   C 3 16 ? -8.955  11.329  20.000  1.00 103.91 ? 46  U   C "C3'" 1 
ATOM   1251 O  "O3'" . U   C 3 16 ? -9.637  11.743  21.171  1.00 106.81 ? 46  U   C "O3'" 1 
ATOM   1252 C  "C2'" . U   C 3 16 ? -9.841  10.626  18.987  1.00 102.34 ? 46  U   C "C2'" 1 
ATOM   1253 O  "O2'" . U   C 3 16 ? -11.008 11.389  18.725  1.00 98.83  ? 46  U   C "O2'" 1 
ATOM   1254 C  "C1'" . U   C 3 16 ? -8.945  10.691  17.756  1.00 103.99 ? 46  U   C "C1'" 1 
ATOM   1255 N  N1    . U   C 3 16 ? -8.045  9.514   17.681  1.00 101.62 ? 46  U   C N1    1 
ATOM   1256 C  C2    . U   C 3 16 ? -8.622  8.288   17.369  1.00 97.84  ? 46  U   C C2    1 
ATOM   1257 O  O2    . U   C 3 16 ? -9.821  8.149   17.145  1.00 96.16  ? 46  U   C O2    1 
ATOM   1258 N  N3    . U   C 3 16 ? -7.739  7.230   17.325  1.00 95.39  ? 46  U   C N3    1 
ATOM   1259 C  C4    . U   C 3 16 ? -6.374  7.265   17.564  1.00 96.20  ? 46  U   C C4    1 
ATOM   1260 O  O4    . U   C 3 16 ? -5.706  6.224   17.487  1.00 91.25  ? 46  U   C O4    1 
ATOM   1261 C  C5    . U   C 3 16 ? -5.862  8.567   17.892  1.00 98.58  ? 46  U   C C5    1 
ATOM   1262 C  C6    . U   C 3 16 ? -6.695  9.620   17.943  1.00 100.57 ? 46  U   C C6    1 
ATOM   1263 P  P     . G   C 3 17 ? -9.357  10.994  22.572  1.00 108.92 ? 47  G   C P     1 
ATOM   1264 O  OP1   . G   C 3 17 ? -9.611  11.974  23.649  1.00 113.34 ? 47  G   C OP1   1 
ATOM   1265 O  OP2   . G   C 3 17 ? -8.011  10.374  22.481  1.00 102.85 ? 47  G   C OP2   1 
ATOM   1266 O  "O5'" . G   C 3 17 ? -10.476 9.869   22.591  1.00 96.44  ? 47  G   C "O5'" 1 
ATOM   1267 C  "C5'" . G   C 3 17 ? -11.840 10.212  22.436  1.00 94.59  ? 47  G   C "C5'" 1 
ATOM   1268 C  "C4'" . G   C 3 17 ? -12.643 9.050   21.921  1.00 96.85  ? 47  G   C "C4'" 1 
ATOM   1269 O  "O4'" . G   C 3 17 ? -12.117 8.619   20.636  1.00 99.20  ? 47  G   C "O4'" 1 
ATOM   1270 C  "C3'" . G   C 3 17 ? -12.624 7.787   22.774  1.00 94.43  ? 47  G   C "C3'" 1 
ATOM   1271 O  "O3'" . G   C 3 17 ? -13.503 7.862   23.887  1.00 89.80  ? 47  G   C "O3'" 1 
ATOM   1272 C  "C2'" . G   C 3 17 ? -12.992 6.711   21.752  1.00 99.34  ? 47  G   C "C2'" 1 
ATOM   1273 O  "O2'" . G   C 3 17 ? -14.384 6.741   21.454  1.00 94.63  ? 47  G   C "O2'" 1 
ATOM   1274 C  "C1'" . G   C 3 17 ? -12.232 7.211   20.518  1.00 100.35 ? 47  G   C "C1'" 1 
ATOM   1275 N  N9    . G   C 3 17 ? -10.869 6.625   20.428  1.00 99.34  ? 47  G   C N9    1 
ATOM   1276 C  C8    . G   C 3 17 ? -9.660  7.243   20.691  1.00 100.73 ? 47  G   C C8    1 
ATOM   1277 N  N7    . G   C 3 17 ? -8.611  6.469   20.544  1.00 97.72  ? 47  G   C N7    1 
ATOM   1278 C  C5    . G   C 3 17 ? -9.158  5.253   20.152  1.00 95.40  ? 47  G   C C5    1 
ATOM   1279 C  C6    . G   C 3 17 ? -8.508  4.025   19.844  1.00 95.22  ? 47  G   C C6    1 
ATOM   1280 O  O6    . G   C 3 17 ? -7.286  3.779   19.868  1.00 94.21  ? 47  G   C O6    1 
ATOM   1281 N  N1    . G   C 3 17 ? -9.444  3.046   19.491  1.00 92.74  ? 47  G   C N1    1 
ATOM   1282 C  C2    . G   C 3 17 ? -10.813 3.229   19.453  1.00 91.59  ? 47  G   C C2    1 
ATOM   1283 N  N2    . G   C 3 17 ? -11.560 2.177   19.100  1.00 88.48  ? 47  G   C N2    1 
ATOM   1284 N  N3    . G   C 3 17 ? -11.422 4.364   19.741  1.00 90.80  ? 47  G   C N3    1 
ATOM   1285 C  C4    . G   C 3 17 ? -10.541 5.330   20.076  1.00 93.58  ? 47  G   C C4    1 
ATOM   1286 P  P     . C   C 3 18 ? -13.246 6.994   25.229  1.00 103.07 ? 48  C   C P     1 
ATOM   1287 O  OP1   . C   C 3 18 ? -14.323 7.357   26.181  1.00 99.40  ? 48  C   C OP1   1 
ATOM   1288 O  OP2   . C   C 3 18 ? -11.816 7.191   25.658  1.00 82.41  ? 48  C   C OP2   1 
ATOM   1289 O  "O5'" . C   C 3 18 ? -13.468 5.509   24.717  1.00 96.96  ? 48  C   C "O5'" 1 
ATOM   1290 C  "C5'" . C   C 3 18 ? -14.754 5.071   24.307  1.00 90.09  ? 48  C   C "C5'" 1 
ATOM   1291 C  "C4'" . C   C 3 18 ? -14.785 3.578   24.131  1.00 91.89  ? 48  C   C "C4'" 1 
ATOM   1292 O  "O4'" . C   C 3 18 ? -14.102 3.228   22.898  1.00 98.57  ? 48  C   C "O4'" 1 
ATOM   1293 C  "C3'" . C   C 3 18 ? -14.053 2.770   25.196  1.00 93.89  ? 48  C   C "C3'" 1 
ATOM   1294 O  "O3'" . C   C 3 18 ? -14.817 2.553   26.363  1.00 89.25  ? 48  C   C "O3'" 1 
ATOM   1295 C  "C2'" . C   C 3 18 ? -13.697 1.496   24.454  1.00 94.73  ? 48  C   C "C2'" 1 
ATOM   1296 O  "O2'" . C   C 3 18 ? -14.846 0.680   24.285  1.00 91.98  ? 48  C   C "O2'" 1 
ATOM   1297 C  "C1'" . C   C 3 18 ? -13.311 2.070   23.095  1.00 99.37  ? 48  C   C "C1'" 1 
ATOM   1298 N  N1    . C   C 3 18 ? -11.864 2.459   23.055  1.00 97.69  ? 48  C   C N1    1 
ATOM   1299 C  C2    . C   C 3 18 ? -10.904 1.465   22.795  1.00 97.23  ? 48  C   C C2    1 
ATOM   1300 O  O2    . C   C 3 18 ? -11.310 0.307   22.588  1.00 97.98  ? 48  C   C O2    1 
ATOM   1301 N  N3    . C   C 3 18 ? -9.573  1.776   22.775  1.00 95.35  ? 48  C   C N3    1 
ATOM   1302 C  C4    . C   C 3 18 ? -9.172  3.031   23.003  1.00 95.95  ? 48  C   C C4    1 
ATOM   1303 N  N4    . C   C 3 18 ? -7.858  3.302   22.970  1.00 91.88  ? 48  C   C N4    1 
ATOM   1304 C  C5    . C   C 3 18 ? -10.127 4.065   23.273  1.00 97.38  ? 48  C   C C5    1 
ATOM   1305 C  C6    . C   C 3 18 ? -11.435 3.743   23.293  1.00 95.99  ? 48  C   C C6    1 
ATOM   1306 P  P     . C   C 3 19 ? -14.094 2.472   27.797  1.00 97.33  ? 49  C   C P     1 
ATOM   1307 O  OP1   . C   C 3 19 ? -15.162 2.525   28.811  1.00 104.82 ? 49  C   C OP1   1 
ATOM   1308 O  OP2   . C   C 3 19 ? -13.022 3.513   27.820  1.00 92.49  ? 49  C   C OP2   1 
ATOM   1309 O  "O5'" . C   C 3 19 ? -13.438 1.022   27.793  1.00 95.39  ? 49  C   C "O5'" 1 
ATOM   1310 C  "C5'" . C   C 3 19 ? -14.191 -0.116  27.393  1.00 94.68  ? 49  C   C "C5'" 1 
ATOM   1311 C  "C4'" . C   C 3 19 ? -13.298 -1.303  27.141  1.00 93.17  ? 49  C   C "C4'" 1 
ATOM   1312 O  "O4'" . C   C 3 19 ? -12.536 -1.094  25.920  1.00 91.58  ? 49  C   C "O4'" 1 
ATOM   1313 C  "C3'" . C   C 3 19 ? -12.236 -1.566  28.200  1.00 91.43  ? 49  C   C "C3'" 1 
ATOM   1314 O  "O3'" . C   C 3 19 ? -12.733 -2.269  29.328  1.00 88.24  ? 49  C   C "O3'" 1 
ATOM   1315 C  "C2'" . C   C 3 19 ? -11.170 -2.327  27.423  1.00 88.77  ? 49  C   C "C2'" 1 
ATOM   1316 O  "O2'" . C   C 3 19 ? -11.563 -3.677  27.217  1.00 86.02  ? 49  C   C "O2'" 1 
ATOM   1317 C  "C1'" . C   C 3 19 ? -11.222 -1.603  26.079  1.00 94.88  ? 49  C   C "C1'" 1 
ATOM   1318 N  N1    . C   C 3 19 ? -10.249 -0.467  26.022  1.00 95.70  ? 49  C   C N1    1 
ATOM   1319 C  C2    . C   C 3 19 ? -8.901  -0.705  25.708  1.00 89.11  ? 49  C   C C2    1 
ATOM   1320 O  O2    . C   C 3 19 ? -8.524  -1.860  25.478  1.00 87.18  ? 49  C   C O2    1 
ATOM   1321 N  N3    . C   C 3 19 ? -8.028  0.325   25.667  1.00 89.66  ? 49  C   C N3    1 
ATOM   1322 C  C4    . C   C 3 19 ? -8.437  1.566   25.910  1.00 91.16  ? 49  C   C C4    1 
ATOM   1323 N  N4    . C   C 3 19 ? -7.544  2.555   25.860  1.00 91.59  ? 49  C   C N4    1 
ATOM   1324 C  C5    . C   C 3 19 ? -9.793  1.848   26.225  1.00 96.45  ? 49  C   C C5    1 
ATOM   1325 C  C6    . C   C 3 19 ? -10.651 0.817   26.272  1.00 97.81  ? 49  C   C C6    1 
HETATM 1326 S  S     . SO4 D 4 .  ? 11.471  -8.446  5.319   0.57 90.01  ? 201 SO4 A S     1 
HETATM 1327 O  O1    . SO4 D 4 .  ? 12.890  -8.809  5.458   0.57 81.30  ? 201 SO4 A O1    1 
HETATM 1328 O  O2    . SO4 D 4 .  ? 11.312  -7.014  5.580   0.57 82.61  ? 201 SO4 A O2    1 
HETATM 1329 O  O3    . SO4 D 4 .  ? 10.652  -9.196  6.278   0.57 74.49  ? 201 SO4 A O3    1 
HETATM 1330 O  O4    . SO4 D 4 .  ? 11.011  -8.736  3.957   0.57 84.12  ? 201 SO4 A O4    1 
HETATM 1331 CO CO    . NCO E 5 .  ? -9.773  3.887   5.841   1.00 114.88 ? 101 NCO B CO    1 
HETATM 1332 N  N1    . NCO E 5 .  ? -10.781 4.551   4.276   1.00 85.35  ? 101 NCO B N1    1 
HETATM 1333 N  N2    . NCO E 5 .  ? -10.452 2.056   5.474   1.00 89.43  ? 101 NCO B N2    1 
HETATM 1334 N  N3    . NCO E 5 .  ? -8.759  3.225   7.412   1.00 96.39  ? 101 NCO B N3    1 
HETATM 1335 N  N4    . NCO E 5 .  ? -9.141  5.747   6.153   1.00 87.65  ? 101 NCO B N4    1 
HETATM 1336 N  N5    . NCO E 5 .  ? -8.157  3.617   4.724   1.00 95.91  ? 101 NCO B N5    1 
HETATM 1337 N  N6    . NCO E 5 .  ? -11.316 4.123   7.047   1.00 94.77  ? 101 NCO B N6    1 
HETATM 1338 CO CO    . NCO F 5 .  ? 12.231  -3.201  4.907   0.63 119.51 ? 102 NCO B CO    1 
HETATM 1339 N  N1    . NCO F 5 .  ? 11.482  -1.435  4.386   0.63 82.55  ? 102 NCO B N1    1 
HETATM 1340 N  N2    . NCO F 5 .  ? 10.484  -4.012  4.440   0.63 78.09  ? 102 NCO B N2    1 
HETATM 1341 N  N3    . NCO F 5 .  ? 12.963  -4.972  5.438   0.63 85.73  ? 102 NCO B N3    1 
HETATM 1342 N  N4    . NCO F 5 .  ? 13.994  -2.392  5.330   0.63 96.00  ? 102 NCO B N4    1 
HETATM 1343 N  N5    . NCO F 5 .  ? 12.818  -3.506  3.033   0.63 89.63  ? 102 NCO B N5    1 
HETATM 1344 N  N6    . NCO F 5 .  ? 11.686  -2.863  6.782   0.63 75.58  ? 102 NCO B N6    1 
HETATM 1345 O  O     . HOH G 6 .  ? 4.004   -6.081  13.465  1.00 68.79  ? 301 HOH A O     1 
HETATM 1346 O  O     . HOH H 6 .  ? -6.197  12.071  10.772  1.00 83.44  ? 201 HOH B O     1 
HETATM 1347 O  O     . HOH I 6 .  ? -4.803  -1.981  -3.489  1.00 74.06  ? 101 HOH C O     1 
# 
